data_7EI8
# 
_entry.id   7EI8 
# 
_audit_conform.dict_name       mmcif_pdbx.dic 
_audit_conform.dict_version    5.403 
_audit_conform.dict_location   http://mmcif.pdb.org/dictionaries/ascii/mmcif_pdbx.dic 
# 
loop_
_database_2.database_id 
_database_2.database_code 
_database_2.pdbx_database_accession 
_database_2.pdbx_DOI 
PDB   7EI8         pdb_00007ei8 10.2210/pdb7ei8/pdb 
WWPDB D_1300021283 ?            ?                   
# 
loop_
_pdbx_audit_revision_history.ordinal 
_pdbx_audit_revision_history.data_content_type 
_pdbx_audit_revision_history.major_revision 
_pdbx_audit_revision_history.minor_revision 
_pdbx_audit_revision_history.revision_date 
_pdbx_audit_revision_history.part_number 
1 'Structure model' 1 0 2022-03-30 ? 
2 'Structure model' 1 1 2023-11-29 ? 
3 'Structure model' 1 2 2025-04-16 ? 
# 
_pdbx_audit_revision_details.ordinal             1 
_pdbx_audit_revision_details.revision_ordinal    1 
_pdbx_audit_revision_details.data_content_type   'Structure model' 
_pdbx_audit_revision_details.provider            repository 
_pdbx_audit_revision_details.type                'Initial release' 
_pdbx_audit_revision_details.description         ? 
_pdbx_audit_revision_details.details             ? 
# 
loop_
_pdbx_audit_revision_group.ordinal 
_pdbx_audit_revision_group.revision_ordinal 
_pdbx_audit_revision_group.data_content_type 
_pdbx_audit_revision_group.group 
1 2 'Structure model' 'Data collection'        
2 2 'Structure model' 'Refinement description' 
3 3 'Structure model' 'Database references'    
4 3 'Structure model' 'Structure summary'      
# 
loop_
_pdbx_audit_revision_category.ordinal 
_pdbx_audit_revision_category.revision_ordinal 
_pdbx_audit_revision_category.data_content_type 
_pdbx_audit_revision_category.category 
1 2 'Structure model' chem_comp_atom                
2 2 'Structure model' chem_comp_bond                
3 2 'Structure model' pdbx_initial_refinement_model 
4 3 'Structure model' citation                      
5 3 'Structure model' citation_author               
6 3 'Structure model' pdbx_entry_details            
# 
loop_
_pdbx_audit_revision_item.ordinal 
_pdbx_audit_revision_item.revision_ordinal 
_pdbx_audit_revision_item.data_content_type 
_pdbx_audit_revision_item.item 
1 3 'Structure model' '_citation.journal_abbrev'                     
2 3 'Structure model' '_citation.journal_id_CSD'                     
3 3 'Structure model' '_citation.journal_volume'                     
4 3 'Structure model' '_citation.pdbx_database_id_DOI'               
5 3 'Structure model' '_citation.title'                              
6 3 'Structure model' '_citation.year'                               
7 3 'Structure model' '_pdbx_entry_details.has_protein_modification' 
# 
_pdbx_database_status.status_code                     REL 
_pdbx_database_status.status_code_sf                  REL 
_pdbx_database_status.status_code_mr                  ? 
_pdbx_database_status.entry_id                        7EI8 
_pdbx_database_status.recvd_initial_deposition_date   2021-03-30 
_pdbx_database_status.SG_entry                        N 
_pdbx_database_status.deposit_site                    PDBJ 
_pdbx_database_status.process_site                    PDBJ 
_pdbx_database_status.status_code_cs                  ? 
_pdbx_database_status.status_code_nmr_data            ? 
_pdbx_database_status.methods_development_category    ? 
_pdbx_database_status.pdb_format_compatible           Y 
# 
loop_
_audit_author.name 
_audit_author.pdbx_ordinal 
_audit_author.identifier_ORCID 
'Kondo, J.' 1 0000-0002-5682-3685 
'Saisu, S.' 2 ?                   
# 
_citation.abstract                  ? 
_citation.abstract_id_CAS           ? 
_citation.book_id_ISBN              ? 
_citation.book_publisher            ? 
_citation.book_publisher_city       ? 
_citation.book_title                ? 
_citation.coordinate_linkage        ? 
_citation.country                   ? 
_citation.database_id_Medline       ? 
_citation.details                   ? 
_citation.id                        primary 
_citation.journal_abbrev            'NAR Mol Med' 
_citation.journal_id_ASTM           ? 
_citation.journal_id_CSD            ? 
_citation.journal_id_ISSN           ? 
_citation.journal_full              ? 
_citation.journal_issue             ? 
_citation.journal_volume            2 
_citation.language                  ? 
_citation.page_first                ? 
_citation.page_last                 ? 
_citation.title                     'Structure-based design of a sequence-specific RNA probe that mimics the kink-turn motif' 
_citation.year                      2025 
_citation.database_id_CSD           ? 
_citation.pdbx_database_id_DOI      10.1093/narmme/ugaf006 
_citation.pdbx_database_id_PubMed   ? 
_citation.pdbx_database_id_patent   ? 
_citation.unpublished_flag          ? 
# 
loop_
_citation_author.citation_id 
_citation_author.name 
_citation_author.ordinal 
_citation_author.identifier_ORCID 
primary 'Miyauchi, T.'  1 ? 
primary 'Yamaguchi, K.' 2 ? 
primary 'Saisu, S.'     3 ? 
primary 'Kondo, J.'     4 ? 
# 
loop_
_entity.id 
_entity.type 
_entity.src_method 
_entity.pdbx_description 
_entity.formula_weight 
_entity.pdbx_number_of_molecules 
_entity.pdbx_ec 
_entity.pdbx_mutation 
_entity.pdbx_fragment 
_entity.details 
1 polymer     syn 
;RNA (5'-R(*GP*GP*C)-D(P*(2PR)P*(2PR)P*(2PR)P*(2PR))-R(P*AP*AP*CP*CP*GP*GP*GP*GP*AP*GP*CP*C)-3')
;
6137.837 4  ? ? ? ? 
2 non-polymer syn 'COBALT (II) ION'                                                                                 58.933   14 ? 
? ? ? 
# 
_entity_poly.entity_id                      1 
_entity_poly.type                           polyribonucleotide 
_entity_poly.nstd_linkage                   no 
_entity_poly.nstd_monomer                   yes 
_entity_poly.pdbx_seq_one_letter_code       'GGC(2PR)(2PR)(2PR)(2PR)AACCGGGGAGCC' 
_entity_poly.pdbx_seq_one_letter_code_can   GGCGGGGAACCGGGGAGCC 
_entity_poly.pdbx_strand_id                 A,B,C,D 
_entity_poly.pdbx_target_identifier         ? 
# 
_pdbx_entity_nonpoly.entity_id   2 
_pdbx_entity_nonpoly.name        'COBALT (II) ION' 
_pdbx_entity_nonpoly.comp_id     CO 
# 
loop_
_entity_poly_seq.entity_id 
_entity_poly_seq.num 
_entity_poly_seq.mon_id 
_entity_poly_seq.hetero 
1 1  G   n 
1 2  G   n 
1 3  C   n 
1 4  2PR n 
1 5  2PR n 
1 6  2PR n 
1 7  2PR n 
1 8  A   n 
1 9  A   n 
1 10 C   n 
1 11 C   n 
1 12 G   n 
1 13 G   n 
1 14 G   n 
1 15 G   n 
1 16 A   n 
1 17 G   n 
1 18 C   n 
1 19 C   n 
# 
_pdbx_entity_src_syn.entity_id              1 
_pdbx_entity_src_syn.pdbx_src_id            1 
_pdbx_entity_src_syn.pdbx_alt_source_flag   sample 
_pdbx_entity_src_syn.pdbx_beg_seq_num       1 
_pdbx_entity_src_syn.pdbx_end_seq_num       19 
_pdbx_entity_src_syn.organism_scientific    'synthetic construct' 
_pdbx_entity_src_syn.organism_common_name   ? 
_pdbx_entity_src_syn.ncbi_taxonomy_id       32630 
_pdbx_entity_src_syn.details                ? 
# 
loop_
_chem_comp.id 
_chem_comp.type 
_chem_comp.mon_nstd_flag 
_chem_comp.name 
_chem_comp.pdbx_synonyms 
_chem_comp.formula 
_chem_comp.formula_weight 
2PR 'DNA linking' n "2-AMINO-9-[2-DEOXYRIBOFURANOSYL]-9H-PURINE-5'-MONOPHOSPHATE" "2-AMINOPURINE-2'-DEOXYRIBO-5'-MONOPHOSPHATE" 
'C10 H14 N5 O6 P' 331.222 
A   'RNA linking' y "ADENOSINE-5'-MONOPHOSPHATE"                                  ?                                             
'C10 H14 N5 O7 P' 347.221 
C   'RNA linking' y "CYTIDINE-5'-MONOPHOSPHATE"                                   ?                                             
'C9 H14 N3 O8 P'  323.197 
CO  non-polymer   . 'COBALT (II) ION'                                             ?                                             
'Co 2'            58.933  
G   'RNA linking' y "GUANOSINE-5'-MONOPHOSPHATE"                                  ?                                             
'C10 H14 N5 O8 P' 363.221 
# 
loop_
_pdbx_poly_seq_scheme.asym_id 
_pdbx_poly_seq_scheme.entity_id 
_pdbx_poly_seq_scheme.seq_id 
_pdbx_poly_seq_scheme.mon_id 
_pdbx_poly_seq_scheme.ndb_seq_num 
_pdbx_poly_seq_scheme.pdb_seq_num 
_pdbx_poly_seq_scheme.auth_seq_num 
_pdbx_poly_seq_scheme.pdb_mon_id 
_pdbx_poly_seq_scheme.auth_mon_id 
_pdbx_poly_seq_scheme.pdb_strand_id 
_pdbx_poly_seq_scheme.pdb_ins_code 
_pdbx_poly_seq_scheme.hetero 
A 1 1  G   1  1  1  G   G   A . n 
A 1 2  G   2  2  2  G   G   A . n 
A 1 3  C   3  3  3  C   C   A . n 
A 1 4  2PR 4  4  4  2PR 2PR A . n 
A 1 5  2PR 5  5  5  2PR 2PR A . n 
A 1 6  2PR 6  6  6  2PR 2PR A . n 
A 1 7  2PR 7  7  7  2PR 2PR A . n 
A 1 8  A   8  8  8  A   A   A . n 
A 1 9  A   9  9  9  A   A   A . n 
A 1 10 C   10 10 10 C   C   A . n 
A 1 11 C   11 11 11 C   C   A . n 
A 1 12 G   12 12 12 G   G   A . n 
A 1 13 G   13 13 13 G   G   A . n 
A 1 14 G   14 14 14 G   G   A . n 
A 1 15 G   15 15 15 G   G   A . n 
A 1 16 A   16 16 16 A   A   A . n 
A 1 17 G   17 17 17 G   G   A . n 
A 1 18 C   18 18 18 C   C   A . n 
A 1 19 C   19 19 19 C   C   A . n 
B 1 1  G   1  1  1  G   G   B . n 
B 1 2  G   2  2  2  G   G   B . n 
B 1 3  C   3  3  3  C   C   B . n 
B 1 4  2PR 4  4  4  2PR 2PR B . n 
B 1 5  2PR 5  5  5  2PR 2PR B . n 
B 1 6  2PR 6  6  6  2PR 2PR B . n 
B 1 7  2PR 7  7  7  2PR 2PR B . n 
B 1 8  A   8  8  8  A   A   B . n 
B 1 9  A   9  9  9  A   A   B . n 
B 1 10 C   10 10 10 C   C   B . n 
B 1 11 C   11 11 11 C   C   B . n 
B 1 12 G   12 12 12 G   G   B . n 
B 1 13 G   13 13 13 G   G   B . n 
B 1 14 G   14 14 14 G   G   B . n 
B 1 15 G   15 15 15 G   G   B . n 
B 1 16 A   16 16 16 A   A   B . n 
B 1 17 G   17 17 17 G   G   B . n 
B 1 18 C   18 18 18 C   C   B . n 
B 1 19 C   19 19 19 C   C   B . n 
C 1 1  G   1  1  1  G   G   C . n 
C 1 2  G   2  2  2  G   G   C . n 
C 1 3  C   3  3  3  C   C   C . n 
C 1 4  2PR 4  4  4  2PR 2PR C . n 
C 1 5  2PR 5  5  5  2PR 2PR C . n 
C 1 6  2PR 6  6  6  2PR 2PR C . n 
C 1 7  2PR 7  7  7  2PR 2PR C . n 
C 1 8  A   8  8  8  A   A   C . n 
C 1 9  A   9  9  9  A   A   C . n 
C 1 10 C   10 10 10 C   C   C . n 
C 1 11 C   11 11 11 C   C   C . n 
C 1 12 G   12 12 12 G   G   C . n 
C 1 13 G   13 13 13 G   G   C . n 
C 1 14 G   14 14 14 G   G   C . n 
C 1 15 G   15 15 15 G   G   C . n 
C 1 16 A   16 16 16 A   A   C . n 
C 1 17 G   17 17 17 G   G   C . n 
C 1 18 C   18 18 18 C   C   C . n 
C 1 19 C   19 19 19 C   C   C . n 
D 1 1  G   1  1  1  G   G   D . n 
D 1 2  G   2  2  2  G   G   D . n 
D 1 3  C   3  3  3  C   C   D . n 
D 1 4  2PR 4  4  4  2PR 2PR D . n 
D 1 5  2PR 5  5  5  2PR 2PR D . n 
D 1 6  2PR 6  6  6  2PR 2PR D . n 
D 1 7  2PR 7  7  7  2PR 2PR D . n 
D 1 8  A   8  8  8  A   A   D . n 
D 1 9  A   9  9  9  A   A   D . n 
D 1 10 C   10 10 10 C   C   D . n 
D 1 11 C   11 11 11 C   C   D . n 
D 1 12 G   12 12 12 G   G   D . n 
D 1 13 G   13 13 13 G   G   D . n 
D 1 14 G   14 14 14 G   G   D . n 
D 1 15 G   15 15 15 G   G   D . n 
D 1 16 A   16 16 16 A   A   D . n 
D 1 17 G   17 17 17 G   G   D . n 
D 1 18 C   18 18 18 C   C   D . n 
D 1 19 C   19 19 19 C   C   D . n 
# 
_pdbx_entity_instance_feature.ordinal        1 
_pdbx_entity_instance_feature.comp_id        2PR 
_pdbx_entity_instance_feature.asym_id        ? 
_pdbx_entity_instance_feature.seq_num        ? 
_pdbx_entity_instance_feature.auth_comp_id   2PR 
_pdbx_entity_instance_feature.auth_asym_id   ? 
_pdbx_entity_instance_feature.auth_seq_num   ? 
_pdbx_entity_instance_feature.feature_type   'SUBJECT OF INVESTIGATION' 
_pdbx_entity_instance_feature.details        ? 
# 
loop_
_pdbx_nonpoly_scheme.asym_id 
_pdbx_nonpoly_scheme.entity_id 
_pdbx_nonpoly_scheme.mon_id 
_pdbx_nonpoly_scheme.ndb_seq_num 
_pdbx_nonpoly_scheme.pdb_seq_num 
_pdbx_nonpoly_scheme.auth_seq_num 
_pdbx_nonpoly_scheme.pdb_mon_id 
_pdbx_nonpoly_scheme.auth_mon_id 
_pdbx_nonpoly_scheme.pdb_strand_id 
_pdbx_nonpoly_scheme.pdb_ins_code 
E 2 CO 1 101 5  CO CO A . 
F 2 CO 1 102 6  CO CO A . 
G 2 CO 1 101 8  CO CO B . 
H 2 CO 1 102 11 CO CO B . 
I 2 CO 1 103 14 CO CO B . 
J 2 CO 1 101 1  CO CO C . 
K 2 CO 1 102 2  CO CO C . 
L 2 CO 1 103 3  CO CO C . 
M 2 CO 1 104 9  CO CO C . 
N 2 CO 1 105 12 CO CO C . 
O 2 CO 1 101 4  CO CO D . 
P 2 CO 1 102 7  CO CO D . 
Q 2 CO 1 103 10 CO CO D . 
R 2 CO 1 104 13 CO CO D . 
# 
loop_
_software.citation_id 
_software.classification 
_software.compiler_name 
_software.compiler_version 
_software.contact_author 
_software.contact_author_email 
_software.date 
_software.description 
_software.dependencies 
_software.hardware 
_software.language 
_software.location 
_software.mods 
_software.name 
_software.os 
_software.os_version 
_software.type 
_software.version 
_software.pdbx_ordinal 
? refinement       ? ? ? ? ? ? ? ? ? ? ? PHENIX ? ? ? 1.17.1 1 
? 'data scaling'   ? ? ? ? ? ? ? ? ? ? ? XSCALE ? ? ? .      2 
? 'data reduction' ? ? ? ? ? ? ? ? ? ? ? XDS    ? ? ? .      3 
? phasing          ? ? ? ? ? ? ? ? ? ? ? PHASER ? ? ? .      4 
# 
_cell.angle_alpha                  90.000 
_cell.angle_alpha_esd              ? 
_cell.angle_beta                   116.040 
_cell.angle_beta_esd               ? 
_cell.angle_gamma                  90.000 
_cell.angle_gamma_esd              ? 
_cell.entry_id                     7EI8 
_cell.details                      ? 
_cell.formula_units_Z              ? 
_cell.length_a                     115.124 
_cell.length_a_esd                 ? 
_cell.length_b                     42.895 
_cell.length_b_esd                 ? 
_cell.length_c                     56.269 
_cell.length_c_esd                 ? 
_cell.volume                       ? 
_cell.volume_esd                   ? 
_cell.Z_PDB                        16 
_cell.reciprocal_angle_alpha       ? 
_cell.reciprocal_angle_beta        ? 
_cell.reciprocal_angle_gamma       ? 
_cell.reciprocal_angle_alpha_esd   ? 
_cell.reciprocal_angle_beta_esd    ? 
_cell.reciprocal_angle_gamma_esd   ? 
_cell.reciprocal_length_a          ? 
_cell.reciprocal_length_b          ? 
_cell.reciprocal_length_c          ? 
_cell.reciprocal_length_a_esd      ? 
_cell.reciprocal_length_b_esd      ? 
_cell.reciprocal_length_c_esd      ? 
_cell.pdbx_unique_axis             ? 
# 
_symmetry.entry_id                         7EI8 
_symmetry.cell_setting                     ? 
_symmetry.Int_Tables_number                5 
_symmetry.space_group_name_Hall            ? 
_symmetry.space_group_name_H-M             'C 1 2 1' 
_symmetry.pdbx_full_space_group_name_H-M   ? 
# 
_exptl.absorpt_coefficient_mu     ? 
_exptl.absorpt_correction_T_max   ? 
_exptl.absorpt_correction_T_min   ? 
_exptl.absorpt_correction_type    ? 
_exptl.absorpt_process_details    ? 
_exptl.entry_id                   7EI8 
_exptl.crystals_number            1 
_exptl.details                    ? 
_exptl.method                     'X-RAY DIFFRACTION' 
_exptl.method_details             ? 
# 
_exptl_crystal.colour                      ? 
_exptl_crystal.density_diffrn              ? 
_exptl_crystal.density_Matthews            2.54 
_exptl_crystal.density_method              ? 
_exptl_crystal.density_percent_sol         51.62 
_exptl_crystal.description                 ? 
_exptl_crystal.F_000                       ? 
_exptl_crystal.id                          1 
_exptl_crystal.preparation                 ? 
_exptl_crystal.size_max                    ? 
_exptl_crystal.size_mid                    ? 
_exptl_crystal.size_min                    ? 
_exptl_crystal.size_rad                    ? 
_exptl_crystal.colour_lustre               ? 
_exptl_crystal.colour_modifier             ? 
_exptl_crystal.colour_primary              ? 
_exptl_crystal.density_meas                ? 
_exptl_crystal.density_meas_esd            ? 
_exptl_crystal.density_meas_gt             ? 
_exptl_crystal.density_meas_lt             ? 
_exptl_crystal.density_meas_temp           ? 
_exptl_crystal.density_meas_temp_esd       ? 
_exptl_crystal.density_meas_temp_gt        ? 
_exptl_crystal.density_meas_temp_lt        ? 
_exptl_crystal.pdbx_crystal_image_url      ? 
_exptl_crystal.pdbx_crystal_image_format   ? 
_exptl_crystal.pdbx_mosaicity              ? 
_exptl_crystal.pdbx_mosaicity_esd          ? 
# 
_exptl_crystal_grow.apparatus       ? 
_exptl_crystal_grow.atmosphere      ? 
_exptl_crystal_grow.crystal_id      1 
_exptl_crystal_grow.details         ? 
_exptl_crystal_grow.method          'VAPOR DIFFUSION, HANGING DROP' 
_exptl_crystal_grow.method_ref      ? 
_exptl_crystal_grow.pH              ? 
_exptl_crystal_grow.pressure        ? 
_exptl_crystal_grow.pressure_esd    ? 
_exptl_crystal_grow.seeding         ? 
_exptl_crystal_grow.seeding_ref     ? 
_exptl_crystal_grow.temp            293 
_exptl_crystal_grow.temp_details    ? 
_exptl_crystal_grow.temp_esd        ? 
_exptl_crystal_grow.time            ? 
_exptl_crystal_grow.pdbx_details    'sodium cacodylate, hexammine cobalt, MPD, potassium chloride' 
_exptl_crystal_grow.pdbx_pH_range   ? 
# 
_diffrn.ambient_environment              ? 
_diffrn.ambient_temp                     100 
_diffrn.ambient_temp_details             ? 
_diffrn.ambient_temp_esd                 ? 
_diffrn.crystal_id                       1 
_diffrn.crystal_support                  ? 
_diffrn.crystal_treatment                ? 
_diffrn.details                          ? 
_diffrn.id                               1 
_diffrn.ambient_pressure                 ? 
_diffrn.ambient_pressure_esd             ? 
_diffrn.ambient_pressure_gt              ? 
_diffrn.ambient_pressure_lt              ? 
_diffrn.ambient_temp_gt                  ? 
_diffrn.ambient_temp_lt                  ? 
_diffrn.pdbx_serial_crystal_experiment   N 
# 
_diffrn_detector.details                      ? 
_diffrn_detector.detector                     PIXEL 
_diffrn_detector.diffrn_id                    1 
_diffrn_detector.type                         'DECTRIS PILATUS3 S 6M' 
_diffrn_detector.area_resol_mean              ? 
_diffrn_detector.dtime                        ? 
_diffrn_detector.pdbx_frames_total            ? 
_diffrn_detector.pdbx_collection_time_total   ? 
_diffrn_detector.pdbx_collection_date         2019-06-29 
_diffrn_detector.pdbx_frequency               ? 
# 
_diffrn_radiation.collimation                      ? 
_diffrn_radiation.diffrn_id                        1 
_diffrn_radiation.filter_edge                      ? 
_diffrn_radiation.inhomogeneity                    ? 
_diffrn_radiation.monochromator                    ? 
_diffrn_radiation.polarisn_norm                    ? 
_diffrn_radiation.polarisn_ratio                   ? 
_diffrn_radiation.probe                            ? 
_diffrn_radiation.type                             ? 
_diffrn_radiation.xray_symbol                      ? 
_diffrn_radiation.wavelength_id                    1 
_diffrn_radiation.pdbx_monochromatic_or_laue_m_l   M 
_diffrn_radiation.pdbx_wavelength_list             ? 
_diffrn_radiation.pdbx_wavelength                  ? 
_diffrn_radiation.pdbx_diffrn_protocol             'SINGLE WAVELENGTH' 
_diffrn_radiation.pdbx_analyzer                    ? 
_diffrn_radiation.pdbx_scattering_type             x-ray 
# 
_diffrn_radiation_wavelength.id           1 
_diffrn_radiation_wavelength.wavelength   1.60499 
_diffrn_radiation_wavelength.wt           1.0 
# 
_diffrn_source.current                     ? 
_diffrn_source.details                     ? 
_diffrn_source.diffrn_id                   1 
_diffrn_source.power                       ? 
_diffrn_source.size                        ? 
_diffrn_source.source                      SYNCHROTRON 
_diffrn_source.target                      ? 
_diffrn_source.type                        'PHOTON FACTORY BEAMLINE BL-5A' 
_diffrn_source.voltage                     ? 
_diffrn_source.take-off_angle              ? 
_diffrn_source.pdbx_wavelength_list        1.60499 
_diffrn_source.pdbx_wavelength             ? 
_diffrn_source.pdbx_synchrotron_beamline   BL-5A 
_diffrn_source.pdbx_synchrotron_site       'Photon Factory' 
# 
_reflns.B_iso_Wilson_estimate                          73.411 
_reflns.entry_id                                       7EI8 
_reflns.data_reduction_details                         ? 
_reflns.data_reduction_method                          ? 
_reflns.d_resolution_high                              3.100 
_reflns.d_resolution_low                               48.260 
_reflns.details                                        ? 
_reflns.limit_h_max                                    ? 
_reflns.limit_h_min                                    ? 
_reflns.limit_k_max                                    ? 
_reflns.limit_k_min                                    ? 
_reflns.limit_l_max                                    ? 
_reflns.limit_l_min                                    ? 
_reflns.number_all                                     ? 
_reflns.number_obs                                     4510 
_reflns.observed_criterion                             ? 
_reflns.observed_criterion_F_max                       ? 
_reflns.observed_criterion_F_min                       ? 
_reflns.observed_criterion_I_max                       ? 
_reflns.observed_criterion_I_min                       ? 
_reflns.observed_criterion_sigma_F                     ? 
_reflns.observed_criterion_sigma_I                     ? 
_reflns.percent_possible_obs                           97.100 
_reflns.R_free_details                                 ? 
_reflns.Rmerge_F_all                                   ? 
_reflns.Rmerge_F_obs                                   ? 
_reflns.Friedel_coverage                               ? 
_reflns.number_gt                                      ? 
_reflns.threshold_expression                           ? 
_reflns.pdbx_redundancy                                6.499 
_reflns.pdbx_Rmerge_I_obs                              0.066 
_reflns.pdbx_Rmerge_I_all                              ? 
_reflns.pdbx_Rsym_value                                ? 
_reflns.pdbx_netI_over_av_sigmaI                       ? 
_reflns.pdbx_netI_over_sigmaI                          17.000 
_reflns.pdbx_res_netI_over_av_sigmaI_2                 ? 
_reflns.pdbx_res_netI_over_sigmaI_2                    ? 
_reflns.pdbx_chi_squared                               0.942 
_reflns.pdbx_scaling_rejects                           ? 
_reflns.pdbx_d_res_high_opt                            ? 
_reflns.pdbx_d_res_low_opt                             ? 
_reflns.pdbx_d_res_opt_method                          ? 
_reflns.phase_calculation_details                      ? 
_reflns.pdbx_Rrim_I_all                                0.072 
_reflns.pdbx_Rpim_I_all                                ? 
_reflns.pdbx_d_opt                                     ? 
_reflns.pdbx_number_measured_all                       29309 
_reflns.pdbx_diffrn_id                                 1 
_reflns.pdbx_ordinal                                   1 
_reflns.pdbx_CC_half                                   0.999 
_reflns.pdbx_CC_star                                   ? 
_reflns.pdbx_R_split                                   ? 
_reflns.pdbx_aniso_diffraction_limit_axis_1_ortho[1]   ? 
_reflns.pdbx_aniso_diffraction_limit_axis_1_ortho[2]   ? 
_reflns.pdbx_aniso_diffraction_limit_axis_1_ortho[3]   ? 
_reflns.pdbx_aniso_diffraction_limit_axis_2_ortho[1]   ? 
_reflns.pdbx_aniso_diffraction_limit_axis_2_ortho[2]   ? 
_reflns.pdbx_aniso_diffraction_limit_axis_2_ortho[3]   ? 
_reflns.pdbx_aniso_diffraction_limit_axis_3_ortho[1]   ? 
_reflns.pdbx_aniso_diffraction_limit_axis_3_ortho[2]   ? 
_reflns.pdbx_aniso_diffraction_limit_axis_3_ortho[3]   ? 
_reflns.pdbx_aniso_diffraction_limit_1                 ? 
_reflns.pdbx_aniso_diffraction_limit_2                 ? 
_reflns.pdbx_aniso_diffraction_limit_3                 ? 
_reflns.pdbx_aniso_B_tensor_eigenvector_1_ortho[1]     ? 
_reflns.pdbx_aniso_B_tensor_eigenvector_1_ortho[2]     ? 
_reflns.pdbx_aniso_B_tensor_eigenvector_1_ortho[3]     ? 
_reflns.pdbx_aniso_B_tensor_eigenvector_2_ortho[1]     ? 
_reflns.pdbx_aniso_B_tensor_eigenvector_2_ortho[2]     ? 
_reflns.pdbx_aniso_B_tensor_eigenvector_2_ortho[3]     ? 
_reflns.pdbx_aniso_B_tensor_eigenvector_3_ortho[1]     ? 
_reflns.pdbx_aniso_B_tensor_eigenvector_3_ortho[2]     ? 
_reflns.pdbx_aniso_B_tensor_eigenvector_3_ortho[3]     ? 
_reflns.pdbx_aniso_B_tensor_eigenvalue_1               ? 
_reflns.pdbx_aniso_B_tensor_eigenvalue_2               ? 
_reflns.pdbx_aniso_B_tensor_eigenvalue_3               ? 
_reflns.pdbx_orthogonalization_convention              ? 
_reflns.pdbx_percent_possible_ellipsoidal              ? 
_reflns.pdbx_percent_possible_spherical                ? 
_reflns.pdbx_percent_possible_ellipsoidal_anomalous    ? 
_reflns.pdbx_percent_possible_spherical_anomalous      ? 
_reflns.pdbx_redundancy_anomalous                      ? 
_reflns.pdbx_CC_half_anomalous                         ? 
_reflns.pdbx_absDiff_over_sigma_anomalous              ? 
_reflns.pdbx_percent_possible_anomalous                ? 
_reflns.pdbx_observed_signal_threshold                 ? 
_reflns.pdbx_signal_type                               ? 
_reflns.pdbx_signal_details                            ? 
_reflns.pdbx_signal_software_id                        ? 
# 
loop_
_reflns_shell.d_res_high 
_reflns_shell.d_res_low 
_reflns_shell.meanI_over_sigI_all 
_reflns_shell.meanI_over_sigI_obs 
_reflns_shell.number_measured_all 
_reflns_shell.number_measured_obs 
_reflns_shell.number_possible 
_reflns_shell.number_unique_all 
_reflns_shell.number_unique_obs 
_reflns_shell.percent_possible_all 
_reflns_shell.percent_possible_obs 
_reflns_shell.Rmerge_F_all 
_reflns_shell.Rmerge_F_obs 
_reflns_shell.Rmerge_I_all 
_reflns_shell.Rmerge_I_obs 
_reflns_shell.meanI_over_sigI_gt 
_reflns_shell.meanI_over_uI_all 
_reflns_shell.meanI_over_uI_gt 
_reflns_shell.number_measured_gt 
_reflns_shell.number_unique_gt 
_reflns_shell.percent_possible_gt 
_reflns_shell.Rmerge_F_gt 
_reflns_shell.Rmerge_I_gt 
_reflns_shell.pdbx_redundancy 
_reflns_shell.pdbx_Rsym_value 
_reflns_shell.pdbx_chi_squared 
_reflns_shell.pdbx_netI_over_sigmaI_all 
_reflns_shell.pdbx_netI_over_sigmaI_obs 
_reflns_shell.pdbx_Rrim_I_all 
_reflns_shell.pdbx_Rpim_I_all 
_reflns_shell.pdbx_rejects 
_reflns_shell.pdbx_ordinal 
_reflns_shell.pdbx_diffrn_id 
_reflns_shell.pdbx_CC_half 
_reflns_shell.pdbx_CC_star 
_reflns_shell.pdbx_R_split 
_reflns_shell.pdbx_percent_possible_ellipsoidal 
_reflns_shell.pdbx_percent_possible_spherical 
_reflns_shell.pdbx_percent_possible_ellipsoidal_anomalous 
_reflns_shell.pdbx_percent_possible_spherical_anomalous 
_reflns_shell.pdbx_redundancy_anomalous 
_reflns_shell.pdbx_CC_half_anomalous 
_reflns_shell.pdbx_absDiff_over_sigma_anomalous 
_reflns_shell.pdbx_percent_possible_anomalous 
3.100  3.180  ? 4.480  ? 2155 336 ? 326 97.000 ? ? ? ? 0.334 ? ? ? ? ? ? ? ? 6.610 ? ? ? ? 0.362 ? ? 1  1 0.968 ? ? ? ? ? ? ? ? ? 
? 
3.180  3.270  ? 5.440  ? 2051 334 ? 321 96.100 ? ? ? ? 0.255 ? ? ? ? ? ? ? ? 6.389 ? ? ? ? 0.277 ? ? 2  1 0.990 ? ? ? ? ? ? ? ? ? 
? 
3.270  3.370  ? 8.170  ? 2095 331 ? 319 96.400 ? ? ? ? 0.175 ? ? ? ? ? ? ? ? 6.567 ? ? ? ? 0.190 ? ? 3  1 0.990 ? ? ? ? ? ? ? ? ? 
? 
3.370  3.470  ? 8.930  ? 1826 289 ? 278 96.200 ? ? ? ? 0.155 ? ? ? ? ? ? ? ? 6.568 ? ? ? ? 0.169 ? ? 4  1 0.995 ? ? ? ? ? ? ? ? ? 
? 
3.470  3.580  ? 11.660 ? 2177 319 ? 310 97.200 ? ? ? ? 0.129 ? ? ? ? ? ? ? ? 7.023 ? ? ? ? 0.139 ? ? 5  1 0.995 ? ? ? ? ? ? ? ? ? 
? 
3.580  3.710  ? 11.230 ? 1869 283 ? 273 96.500 ? ? ? ? 0.123 ? ? ? ? ? ? ? ? 6.846 ? ? ? ? 0.134 ? ? 6  1 0.997 ? ? ? ? ? ? ? ? ? 
? 
3.710  3.850  ? 13.720 ? 1996 296 ? 287 97.000 ? ? ? ? 0.098 ? ? ? ? ? ? ? ? 6.955 ? ? ? ? 0.106 ? ? 7  1 0.998 ? ? ? ? ? ? ? ? ? 
? 
3.850  4.010  ? 17.170 ? 1773 269 ? 264 98.100 ? ? ? ? 0.085 ? ? ? ? ? ? ? ? 6.716 ? ? ? ? 0.092 ? ? 8  1 0.998 ? ? ? ? ? ? ? ? ? 
? 
4.010  4.180  ? 17.460 ? 1545 251 ? 242 96.400 ? ? ? ? 0.081 ? ? ? ? ? ? ? ? 6.384 ? ? ? ? 0.089 ? ? 9  1 0.997 ? ? ? ? ? ? ? ? ? 
? 
4.180  4.390  ? 21.270 ? 1657 261 ? 254 97.300 ? ? ? ? 0.071 ? ? ? ? ? ? ? ? 6.524 ? ? ? ? 0.078 ? ? 10 1 0.997 ? ? ? ? ? ? ? ? ? 
? 
4.390  4.630  ? 20.480 ? 1536 233 ? 229 98.300 ? ? ? ? 0.072 ? ? ? ? ? ? ? ? 6.707 ? ? ? ? 0.078 ? ? 11 1 0.998 ? ? ? ? ? ? ? ? ? 
? 
4.630  4.910  ? 22.480 ? 1488 227 ? 222 97.800 ? ? ? ? 0.072 ? ? ? ? ? ? ? ? 6.703 ? ? ? ? 0.078 ? ? 12 1 0.997 ? ? ? ? ? ? ? ? ? 
? 
4.910  5.250  ? 27.380 ? 1376 212 ? 206 97.200 ? ? ? ? 0.053 ? ? ? ? ? ? ? ? 6.680 ? ? ? ? 0.058 ? ? 13 1 0.998 ? ? ? ? ? ? ? ? ? 
? 
5.250  5.670  ? 28.720 ? 1244 199 ? 196 98.500 ? ? ? ? 0.054 ? ? ? ? ? ? ? ? 6.347 ? ? ? ? 0.059 ? ? 14 1 0.997 ? ? ? ? ? ? ? ? ? 
? 
5.670  6.210  ? 27.040 ? 1109 194 ? 188 96.900 ? ? ? ? 0.052 ? ? ? ? ? ? ? ? 5.899 ? ? ? ? 0.058 ? ? 15 1 0.998 ? ? ? ? ? ? ? ? ? 
? 
6.210  6.940  ? 28.330 ? 980  165 ? 162 98.200 ? ? ? ? 0.049 ? ? ? ? ? ? ? ? 6.049 ? ? ? ? 0.054 ? ? 16 1 0.997 ? ? ? ? ? ? ? ? ? 
? 
6.940  8.010  ? 28.650 ? 909  152 ? 151 99.300 ? ? ? ? 0.050 ? ? ? ? ? ? ? ? 6.020 ? ? ? ? 0.054 ? ? 17 1 0.998 ? ? ? ? ? ? ? ? ? 
? 
8.010  9.810  ? 29.710 ? 647  125 ? 121 96.800 ? ? ? ? 0.044 ? ? ? ? ? ? ? ? 5.347 ? ? ? ? 0.049 ? ? 18 1 1.000 ? ? ? ? ? ? ? ? ? 
? 
9.810  13.880 ? 30.790 ? 542  102 ? 101 99.000 ? ? ? ? 0.044 ? ? ? ? ? ? ? ? 5.366 ? ? ? ? 0.049 ? ? 19 1 0.999 ? ? ? ? ? ? ? ? ? 
? 
13.880 48.260 ? 32.660 ? 334  65  ? 60  92.300 ? ? ? ? 0.038 ? ? ? ? ? ? ? ? 5.567 ? ? ? ? 0.041 ? ? 20 1 1.000 ? ? ? ? ? ? ? ? ? 
? 
# 
_refine.aniso_B[1][1]                            ? 
_refine.aniso_B[1][2]                            ? 
_refine.aniso_B[1][3]                            ? 
_refine.aniso_B[2][2]                            ? 
_refine.aniso_B[2][3]                            ? 
_refine.aniso_B[3][3]                            ? 
_refine.B_iso_max                                123.460 
_refine.B_iso_mean                               68.1413 
_refine.B_iso_min                                42.540 
_refine.correlation_coeff_Fo_to_Fc               ? 
_refine.correlation_coeff_Fo_to_Fc_free          ? 
_refine.details                                  ? 
_refine.diff_density_max                         ? 
_refine.diff_density_max_esd                     ? 
_refine.diff_density_min                         ? 
_refine.diff_density_min_esd                     ? 
_refine.diff_density_rms                         ? 
_refine.diff_density_rms_esd                     ? 
_refine.entry_id                                 7EI8 
_refine.pdbx_refine_id                           'X-RAY DIFFRACTION' 
_refine.ls_abs_structure_details                 ? 
_refine.ls_abs_structure_Flack                   ? 
_refine.ls_abs_structure_Flack_esd               ? 
_refine.ls_abs_structure_Rogers                  ? 
_refine.ls_abs_structure_Rogers_esd              ? 
_refine.ls_d_res_high                            3.1000 
_refine.ls_d_res_low                             48.2600 
_refine.ls_extinction_coef                       ? 
_refine.ls_extinction_coef_esd                   ? 
_refine.ls_extinction_expression                 ? 
_refine.ls_extinction_method                     ? 
_refine.ls_goodness_of_fit_all                   ? 
_refine.ls_goodness_of_fit_all_esd               ? 
_refine.ls_goodness_of_fit_obs                   ? 
_refine.ls_goodness_of_fit_obs_esd               ? 
_refine.ls_hydrogen_treatment                    ? 
_refine.ls_matrix_type                           ? 
_refine.ls_number_constraints                    ? 
_refine.ls_number_parameters                     ? 
_refine.ls_number_reflns_all                     ? 
_refine.ls_number_reflns_obs                     4486 
_refine.ls_number_reflns_R_free                  455 
_refine.ls_number_reflns_R_work                  4031 
_refine.ls_number_restraints                     ? 
_refine.ls_percent_reflns_obs                    96.9900 
_refine.ls_percent_reflns_R_free                 10.1400 
_refine.ls_R_factor_all                          ? 
_refine.ls_R_factor_obs                          0.2026 
_refine.ls_R_factor_R_free                       0.2571 
_refine.ls_R_factor_R_free_error                 ? 
_refine.ls_R_factor_R_free_error_details         ? 
_refine.ls_R_factor_R_work                       0.1963 
_refine.ls_R_Fsqd_factor_obs                     ? 
_refine.ls_R_I_factor_obs                        ? 
_refine.ls_redundancy_reflns_all                 ? 
_refine.ls_redundancy_reflns_obs                 ? 
_refine.ls_restrained_S_all                      ? 
_refine.ls_restrained_S_obs                      ? 
_refine.ls_shift_over_esd_max                    ? 
_refine.ls_shift_over_esd_mean                   ? 
_refine.ls_structure_factor_coef                 ? 
_refine.ls_weighting_details                     ? 
_refine.ls_weighting_scheme                      ? 
_refine.ls_wR_factor_all                         ? 
_refine.ls_wR_factor_obs                         ? 
_refine.ls_wR_factor_R_free                      ? 
_refine.ls_wR_factor_R_work                      ? 
_refine.occupancy_max                            ? 
_refine.occupancy_min                            ? 
_refine.solvent_model_details                    'FLAT BULK SOLVENT MODEL' 
_refine.solvent_model_param_bsol                 ? 
_refine.solvent_model_param_ksol                 ? 
_refine.pdbx_R_complete                          ? 
_refine.ls_R_factor_gt                           ? 
_refine.ls_goodness_of_fit_gt                    ? 
_refine.ls_goodness_of_fit_ref                   ? 
_refine.ls_shift_over_su_max                     ? 
_refine.ls_shift_over_su_max_lt                  ? 
_refine.ls_shift_over_su_mean                    ? 
_refine.ls_shift_over_su_mean_lt                 ? 
_refine.pdbx_ls_sigma_I                          ? 
_refine.pdbx_ls_sigma_F                          1.400 
_refine.pdbx_ls_sigma_Fsqd                       ? 
_refine.pdbx_data_cutoff_high_absF               ? 
_refine.pdbx_data_cutoff_high_rms_absF           ? 
_refine.pdbx_data_cutoff_low_absF                ? 
_refine.pdbx_isotropic_thermal_model             ? 
_refine.pdbx_ls_cross_valid_method               THROUGHOUT 
_refine.pdbx_method_to_determine_struct          'MOLECULAR REPLACEMENT' 
_refine.pdbx_starting_model                      4C40 
_refine.pdbx_stereochemistry_target_values       ML 
_refine.pdbx_R_Free_selection_details            ? 
_refine.pdbx_stereochem_target_val_spec_case     ? 
_refine.pdbx_overall_ESU_R                       ? 
_refine.pdbx_overall_ESU_R_Free                  ? 
_refine.pdbx_solvent_vdw_probe_radii             1.1100 
_refine.pdbx_solvent_ion_probe_radii             ? 
_refine.pdbx_solvent_shrinkage_radii             0.9000 
_refine.pdbx_real_space_R                        ? 
_refine.pdbx_density_correlation                 ? 
_refine.pdbx_pd_number_of_powder_patterns        ? 
_refine.pdbx_pd_number_of_points                 ? 
_refine.pdbx_pd_meas_number_of_points            ? 
_refine.pdbx_pd_proc_ls_prof_R_factor            ? 
_refine.pdbx_pd_proc_ls_prof_wR_factor           ? 
_refine.pdbx_pd_Marquardt_correlation_coeff      ? 
_refine.pdbx_pd_Fsqrd_R_factor                   ? 
_refine.pdbx_pd_ls_matrix_band_width             ? 
_refine.pdbx_overall_phase_error                 31.7600 
_refine.pdbx_overall_SU_R_free_Cruickshank_DPI   ? 
_refine.pdbx_overall_SU_R_free_Blow_DPI          ? 
_refine.pdbx_overall_SU_R_Blow_DPI               ? 
_refine.pdbx_TLS_residual_ADP_flag               ? 
_refine.pdbx_diffrn_id                           1 
_refine.overall_SU_B                             ? 
_refine.overall_SU_ML                            0.4700 
_refine.overall_SU_R_Cruickshank_DPI             ? 
_refine.overall_SU_R_free                        ? 
_refine.overall_FOM_free_R_set                   ? 
_refine.overall_FOM_work_R_set                   ? 
_refine.pdbx_average_fsc_overall                 ? 
_refine.pdbx_average_fsc_work                    ? 
_refine.pdbx_average_fsc_free                    ? 
# 
_refine_hist.pdbx_refine_id                   'X-RAY DIFFRACTION' 
_refine_hist.cycle_id                         final 
_refine_hist.details                          ? 
_refine_hist.d_res_high                       3.1000 
_refine_hist.d_res_low                        48.2600 
_refine_hist.number_atoms_solvent             0 
_refine_hist.number_atoms_total               1646 
_refine_hist.number_reflns_all                ? 
_refine_hist.number_reflns_obs                ? 
_refine_hist.number_reflns_R_free             ? 
_refine_hist.number_reflns_R_work             ? 
_refine_hist.R_factor_all                     ? 
_refine_hist.R_factor_obs                     ? 
_refine_hist.R_factor_R_free                  ? 
_refine_hist.R_factor_R_work                  ? 
_refine_hist.pdbx_number_residues_total       76 
_refine_hist.pdbx_B_iso_mean_ligand           92.55 
_refine_hist.pdbx_B_iso_mean_solvent          ? 
_refine_hist.pdbx_number_atoms_protein        0 
_refine_hist.pdbx_number_atoms_nucleic_acid   1632 
_refine_hist.pdbx_number_atoms_ligand         14 
_refine_hist.pdbx_number_atoms_lipid          ? 
_refine_hist.pdbx_number_atoms_carb           ? 
_refine_hist.pdbx_pseudo_atom_details         ? 
# 
loop_
_refine_ls_shell.pdbx_refine_id 
_refine_ls_shell.d_res_high 
_refine_ls_shell.d_res_low 
_refine_ls_shell.number_reflns_all 
_refine_ls_shell.number_reflns_obs 
_refine_ls_shell.number_reflns_R_free 
_refine_ls_shell.number_reflns_R_work 
_refine_ls_shell.percent_reflns_obs 
_refine_ls_shell.percent_reflns_R_free 
_refine_ls_shell.R_factor_all 
_refine_ls_shell.R_factor_obs 
_refine_ls_shell.R_factor_R_free 
_refine_ls_shell.R_factor_R_free_error 
_refine_ls_shell.R_factor_R_work 
_refine_ls_shell.redundancy_reflns_all 
_refine_ls_shell.redundancy_reflns_obs 
_refine_ls_shell.wR_factor_all 
_refine_ls_shell.wR_factor_obs 
_refine_ls_shell.wR_factor_R_free 
_refine_ls_shell.wR_factor_R_work 
_refine_ls_shell.pdbx_R_complete 
_refine_ls_shell.pdbx_total_number_of_bins_used 
_refine_ls_shell.pdbx_phase_error 
_refine_ls_shell.pdbx_fsc_work 
_refine_ls_shell.pdbx_fsc_free 
'X-RAY DIFFRACTION' 3.1000 3.5500  1472 . 142 1330 96.0000 . . . 0.3429 0.0000 0.2458 . . . . . . . 3 . . . 
'X-RAY DIFFRACTION' 3.5500 4.4700  1476 . 156 1320 97.0000 . . . 0.2917 0.0000 0.2152 . . . . . . . 3 . . . 
'X-RAY DIFFRACTION' 4.4700 48.2600 1538 . 157 1381 98.0000 . . . 0.2191 0.0000 0.1706 . . . . . . . 3 . . . 
# 
_struct.entry_id                     7EI8 
_struct.title                        'RNA kink-turn motif with 2-aminopurine' 
_struct.pdbx_model_details           ? 
_struct.pdbx_formula_weight          ? 
_struct.pdbx_formula_weight_method   ? 
_struct.pdbx_model_type_details      ? 
_struct.pdbx_CASP_flag               N 
# 
_struct_keywords.entry_id        7EI8 
_struct_keywords.text            'Kink-turn motif, 2-aminopurine, RNA' 
_struct_keywords.pdbx_keywords   RNA 
# 
loop_
_struct_asym.id 
_struct_asym.pdbx_blank_PDB_chainid_flag 
_struct_asym.pdbx_modified 
_struct_asym.entity_id 
_struct_asym.details 
A N N 1 ? 
B N N 1 ? 
C N N 1 ? 
D N N 1 ? 
E N N 2 ? 
F N N 2 ? 
G N N 2 ? 
H N N 2 ? 
I N N 2 ? 
J N N 2 ? 
K N N 2 ? 
L N N 2 ? 
M N N 2 ? 
N N N 2 ? 
O N N 2 ? 
P N N 2 ? 
Q N N 2 ? 
R N N 2 ? 
# 
_struct_ref.id                         1 
_struct_ref.db_name                    PDB 
_struct_ref.db_code                    7EI8 
_struct_ref.pdbx_db_accession          7EI8 
_struct_ref.pdbx_db_isoform            ? 
_struct_ref.entity_id                  1 
_struct_ref.pdbx_seq_one_letter_code   ? 
_struct_ref.pdbx_align_begin           1 
# 
loop_
_struct_ref_seq.align_id 
_struct_ref_seq.ref_id 
_struct_ref_seq.pdbx_PDB_id_code 
_struct_ref_seq.pdbx_strand_id 
_struct_ref_seq.seq_align_beg 
_struct_ref_seq.pdbx_seq_align_beg_ins_code 
_struct_ref_seq.seq_align_end 
_struct_ref_seq.pdbx_seq_align_end_ins_code 
_struct_ref_seq.pdbx_db_accession 
_struct_ref_seq.db_align_beg 
_struct_ref_seq.pdbx_db_align_beg_ins_code 
_struct_ref_seq.db_align_end 
_struct_ref_seq.pdbx_db_align_end_ins_code 
_struct_ref_seq.pdbx_auth_seq_align_beg 
_struct_ref_seq.pdbx_auth_seq_align_end 
1 1 7EI8 A 1 ? 19 ? 7EI8 1 ? 19 ? 1 19 
2 1 7EI8 B 1 ? 19 ? 7EI8 1 ? 19 ? 1 19 
3 1 7EI8 C 1 ? 19 ? 7EI8 1 ? 19 ? 1 19 
4 1 7EI8 D 1 ? 19 ? 7EI8 1 ? 19 ? 1 19 
# 
loop_
_pdbx_struct_assembly.id 
_pdbx_struct_assembly.details 
_pdbx_struct_assembly.method_details 
_pdbx_struct_assembly.oligomeric_details 
_pdbx_struct_assembly.oligomeric_count 
1 author_and_software_defined_assembly PISA dimeric 2 
2 author_and_software_defined_assembly PISA dimeric 2 
# 
loop_
_pdbx_struct_assembly_prop.biol_id 
_pdbx_struct_assembly_prop.type 
_pdbx_struct_assembly_prop.value 
_pdbx_struct_assembly_prop.details 
1 'ABSA (A^2)' 6180 ? 
1 MORE         -2   ? 
1 'SSA (A^2)'  5530 ? 
2 'ABSA (A^2)' 6270 ? 
2 MORE         -4   ? 
2 'SSA (A^2)'  5600 ? 
# 
loop_
_pdbx_struct_assembly_gen.assembly_id 
_pdbx_struct_assembly_gen.oper_expression 
_pdbx_struct_assembly_gen.asym_id_list 
1 1 A,B,E,F,G,H,I         
2 1 C,D,J,K,L,M,N,O,P,Q,R 
# 
_pdbx_struct_assembly_auth_evidence.id                     1 
_pdbx_struct_assembly_auth_evidence.assembly_id            1 
_pdbx_struct_assembly_auth_evidence.experimental_support   none 
_pdbx_struct_assembly_auth_evidence.details                ? 
# 
_pdbx_struct_oper_list.id                   1 
_pdbx_struct_oper_list.type                 'identity operation' 
_pdbx_struct_oper_list.name                 1_555 
_pdbx_struct_oper_list.symmetry_operation   x,y,z 
_pdbx_struct_oper_list.matrix[1][1]         1.0000000000 
_pdbx_struct_oper_list.matrix[1][2]         0.0000000000 
_pdbx_struct_oper_list.matrix[1][3]         0.0000000000 
_pdbx_struct_oper_list.vector[1]            0.0000000000 
_pdbx_struct_oper_list.matrix[2][1]         0.0000000000 
_pdbx_struct_oper_list.matrix[2][2]         1.0000000000 
_pdbx_struct_oper_list.matrix[2][3]         0.0000000000 
_pdbx_struct_oper_list.vector[2]            0.0000000000 
_pdbx_struct_oper_list.matrix[3][1]         0.0000000000 
_pdbx_struct_oper_list.matrix[3][2]         0.0000000000 
_pdbx_struct_oper_list.matrix[3][3]         1.0000000000 
_pdbx_struct_oper_list.vector[3]            0.0000000000 
# 
loop_
_struct_conn.id 
_struct_conn.conn_type_id 
_struct_conn.pdbx_leaving_atom_flag 
_struct_conn.pdbx_PDB_id 
_struct_conn.ptnr1_label_asym_id 
_struct_conn.ptnr1_label_comp_id 
_struct_conn.ptnr1_label_seq_id 
_struct_conn.ptnr1_label_atom_id 
_struct_conn.pdbx_ptnr1_label_alt_id 
_struct_conn.pdbx_ptnr1_PDB_ins_code 
_struct_conn.pdbx_ptnr1_standard_comp_id 
_struct_conn.ptnr1_symmetry 
_struct_conn.ptnr2_label_asym_id 
_struct_conn.ptnr2_label_comp_id 
_struct_conn.ptnr2_label_seq_id 
_struct_conn.ptnr2_label_atom_id 
_struct_conn.pdbx_ptnr2_label_alt_id 
_struct_conn.pdbx_ptnr2_PDB_ins_code 
_struct_conn.ptnr1_auth_asym_id 
_struct_conn.ptnr1_auth_comp_id 
_struct_conn.ptnr1_auth_seq_id 
_struct_conn.ptnr2_auth_asym_id 
_struct_conn.ptnr2_auth_comp_id 
_struct_conn.ptnr2_auth_seq_id 
_struct_conn.ptnr2_symmetry 
_struct_conn.pdbx_ptnr3_label_atom_id 
_struct_conn.pdbx_ptnr3_label_seq_id 
_struct_conn.pdbx_ptnr3_label_comp_id 
_struct_conn.pdbx_ptnr3_label_asym_id 
_struct_conn.pdbx_ptnr3_label_alt_id 
_struct_conn.pdbx_ptnr3_PDB_ins_code 
_struct_conn.details 
_struct_conn.pdbx_dist_value 
_struct_conn.pdbx_value_order 
_struct_conn.pdbx_role 
covale1  covale both ? A C   3  "O3'" ? ? ? 1_555 A 2PR 4  P  ? ? A C   3  A 2PR 4  1_555 ? ? ? ? ? ? ?            1.603 ? ? 
covale2  covale both ? A 2PR 4  "O3'" ? ? ? 1_555 A 2PR 5  P  ? ? A 2PR 4  A 2PR 5  1_555 ? ? ? ? ? ? ?            1.601 ? ? 
covale3  covale both ? A 2PR 5  "O3'" ? ? ? 1_555 A 2PR 6  P  ? ? A 2PR 5  A 2PR 6  1_555 ? ? ? ? ? ? ?            1.608 ? ? 
covale4  covale both ? A 2PR 6  "O3'" ? ? ? 1_555 A 2PR 7  P  ? ? A 2PR 6  A 2PR 7  1_555 ? ? ? ? ? ? ?            1.609 ? ? 
covale5  covale both ? A 2PR 7  "O3'" ? ? ? 1_555 A A   8  P  ? ? A 2PR 7  A A   8  1_555 ? ? ? ? ? ? ?            1.607 ? ? 
covale6  covale both ? B C   3  "O3'" ? ? ? 1_555 B 2PR 4  P  ? ? B C   3  B 2PR 4  1_555 ? ? ? ? ? ? ?            1.602 ? ? 
covale7  covale both ? B 2PR 4  "O3'" ? ? ? 1_555 B 2PR 5  P  ? ? B 2PR 4  B 2PR 5  1_555 ? ? ? ? ? ? ?            1.607 ? ? 
covale8  covale both ? B 2PR 5  "O3'" ? ? ? 1_555 B 2PR 6  P  ? ? B 2PR 5  B 2PR 6  1_555 ? ? ? ? ? ? ?            1.601 ? ? 
covale9  covale both ? B 2PR 6  "O3'" ? ? ? 1_555 B 2PR 7  P  ? ? B 2PR 6  B 2PR 7  1_555 ? ? ? ? ? ? ?            1.611 ? ? 
covale10 covale both ? B 2PR 7  "O3'" ? ? ? 1_555 B A   8  P  ? ? B 2PR 7  B A   8  1_555 ? ? ? ? ? ? ?            1.596 ? ? 
covale11 covale both ? C C   3  "O3'" ? ? ? 1_555 C 2PR 4  P  ? ? C C   3  C 2PR 4  1_555 ? ? ? ? ? ? ?            1.599 ? ? 
covale12 covale both ? C 2PR 4  "O3'" ? ? ? 1_555 C 2PR 5  P  ? ? C 2PR 4  C 2PR 5  1_555 ? ? ? ? ? ? ?            1.601 ? ? 
covale13 covale both ? C 2PR 5  "O3'" ? ? ? 1_555 C 2PR 6  P  ? ? C 2PR 5  C 2PR 6  1_555 ? ? ? ? ? ? ?            1.612 ? ? 
covale14 covale both ? C 2PR 6  "O3'" ? ? ? 1_555 C 2PR 7  P  ? ? C 2PR 6  C 2PR 7  1_555 ? ? ? ? ? ? ?            1.608 ? ? 
covale15 covale both ? C 2PR 7  "O3'" ? ? ? 1_555 C A   8  P  ? ? C 2PR 7  C A   8  1_555 ? ? ? ? ? ? ?            1.609 ? ? 
covale16 covale both ? D C   3  "O3'" ? ? ? 1_555 D 2PR 4  P  ? ? D C   3  D 2PR 4  1_555 ? ? ? ? ? ? ?            1.607 ? ? 
covale17 covale both ? D 2PR 4  "O3'" ? ? ? 1_555 D 2PR 5  P  ? ? D 2PR 4  D 2PR 5  1_555 ? ? ? ? ? ? ?            1.605 ? ? 
covale18 covale both ? D 2PR 5  "O3'" ? ? ? 1_555 D 2PR 6  P  ? ? D 2PR 5  D 2PR 6  1_555 ? ? ? ? ? ? ?            1.606 ? ? 
covale19 covale both ? D 2PR 6  "O3'" ? ? ? 1_555 D 2PR 7  P  ? ? D 2PR 6  D 2PR 7  1_555 ? ? ? ? ? ? ?            1.609 ? ? 
covale20 covale both ? D 2PR 7  "O3'" ? ? ? 1_555 D A   8  P  ? ? D 2PR 7  D A   8  1_555 ? ? ? ? ? ? ?            1.594 ? ? 
hydrog1  hydrog ?    ? A G   1  N1    ? ? ? 1_555 B C   19 N3 ? ? A G   1  B C   19 1_555 ? ? ? ? ? ? WATSON-CRICK ?     ? ? 
hydrog2  hydrog ?    ? A G   1  N2    ? ? ? 1_555 B C   19 O2 ? ? A G   1  B C   19 1_555 ? ? ? ? ? ? WATSON-CRICK ?     ? ? 
hydrog3  hydrog ?    ? A G   1  O6    ? ? ? 1_555 B C   19 N4 ? ? A G   1  B C   19 1_555 ? ? ? ? ? ? WATSON-CRICK ?     ? ? 
hydrog4  hydrog ?    ? A G   2  N1    ? ? ? 1_555 B C   18 N3 ? ? A G   2  B C   18 1_555 ? ? ? ? ? ? WATSON-CRICK ?     ? ? 
hydrog5  hydrog ?    ? A G   2  N2    ? ? ? 1_555 B C   18 O2 ? ? A G   2  B C   18 1_555 ? ? ? ? ? ? WATSON-CRICK ?     ? ? 
hydrog6  hydrog ?    ? A G   2  O6    ? ? ? 1_555 B C   18 N4 ? ? A G   2  B C   18 1_555 ? ? ? ? ? ? WATSON-CRICK ?     ? ? 
hydrog7  hydrog ?    ? A C   3  N3    ? ? ? 1_555 B G   17 N1 ? ? A C   3  B G   17 1_555 ? ? ? ? ? ? WATSON-CRICK ?     ? ? 
hydrog8  hydrog ?    ? A C   3  N4    ? ? ? 1_555 B G   17 O6 ? ? A C   3  B G   17 1_555 ? ? ? ? ? ? WATSON-CRICK ?     ? ? 
hydrog9  hydrog ?    ? A C   3  O2    ? ? ? 1_555 B G   17 N2 ? ? A C   3  B G   17 1_555 ? ? ? ? ? ? WATSON-CRICK ?     ? ? 
hydrog10 hydrog ?    ? A 2PR 7  N2    ? ? ? 1_555 B A   16 N7 ? ? A 2PR 7  B A   16 1_555 ? ? ? ? ? ? TYPE_11_PAIR ?     ? ? 
hydrog11 hydrog ?    ? A 2PR 7  N3    ? ? ? 1_555 B A   16 N6 ? ? A 2PR 7  B A   16 1_555 ? ? ? ? ? ? TYPE_11_PAIR ?     ? ? 
hydrog12 hydrog ?    ? A A   8  N6    ? ? ? 1_555 B G   15 N3 ? ? A A   8  B G   15 1_555 ? ? ? ? ? ? TYPE_11_PAIR ?     ? ? 
hydrog13 hydrog ?    ? A A   8  N7    ? ? ? 1_555 B G   15 N2 ? ? A A   8  B G   15 1_555 ? ? ? ? ? ? TYPE_11_PAIR ?     ? ? 
hydrog14 hydrog ?    ? A A   9  N6    ? ? ? 1_555 B G   14 N3 ? ? A A   9  B G   14 1_555 ? ? ? ? ? ? TYPE_11_PAIR ?     ? ? 
hydrog15 hydrog ?    ? A A   9  N7    ? ? ? 1_555 B G   14 N2 ? ? A A   9  B G   14 1_555 ? ? ? ? ? ? TYPE_11_PAIR ?     ? ? 
hydrog16 hydrog ?    ? A C   10 N3    ? ? ? 1_555 B G   13 N1 ? ? A C   10 B G   13 1_555 ? ? ? ? ? ? WATSON-CRICK ?     ? ? 
hydrog17 hydrog ?    ? A C   10 N4    ? ? ? 1_555 B G   13 O6 ? ? A C   10 B G   13 1_555 ? ? ? ? ? ? WATSON-CRICK ?     ? ? 
hydrog18 hydrog ?    ? A C   10 O2    ? ? ? 1_555 B G   13 N2 ? ? A C   10 B G   13 1_555 ? ? ? ? ? ? WATSON-CRICK ?     ? ? 
hydrog19 hydrog ?    ? A C   11 N3    ? ? ? 1_555 B G   12 N1 ? ? A C   11 B G   12 1_555 ? ? ? ? ? ? WATSON-CRICK ?     ? ? 
hydrog20 hydrog ?    ? A C   11 N4    ? ? ? 1_555 B G   12 O6 ? ? A C   11 B G   12 1_555 ? ? ? ? ? ? WATSON-CRICK ?     ? ? 
hydrog21 hydrog ?    ? A C   11 O2    ? ? ? 1_555 B G   12 N2 ? ? A C   11 B G   12 1_555 ? ? ? ? ? ? WATSON-CRICK ?     ? ? 
hydrog22 hydrog ?    ? A G   12 N1    ? ? ? 1_555 B C   11 N3 ? ? A G   12 B C   11 1_555 ? ? ? ? ? ? WATSON-CRICK ?     ? ? 
hydrog23 hydrog ?    ? A G   12 N2    ? ? ? 1_555 B C   11 O2 ? ? A G   12 B C   11 1_555 ? ? ? ? ? ? WATSON-CRICK ?     ? ? 
hydrog24 hydrog ?    ? A G   12 O6    ? ? ? 1_555 B C   11 N4 ? ? A G   12 B C   11 1_555 ? ? ? ? ? ? WATSON-CRICK ?     ? ? 
hydrog25 hydrog ?    ? A G   13 N1    ? ? ? 1_555 B C   10 N3 ? ? A G   13 B C   10 1_555 ? ? ? ? ? ? WATSON-CRICK ?     ? ? 
hydrog26 hydrog ?    ? A G   13 N2    ? ? ? 1_555 B C   10 O2 ? ? A G   13 B C   10 1_555 ? ? ? ? ? ? WATSON-CRICK ?     ? ? 
hydrog27 hydrog ?    ? A G   13 O6    ? ? ? 1_555 B C   10 N4 ? ? A G   13 B C   10 1_555 ? ? ? ? ? ? WATSON-CRICK ?     ? ? 
hydrog28 hydrog ?    ? A G   14 N2    ? ? ? 1_555 B A   9  N7 ? ? A G   14 B A   9  1_555 ? ? ? ? ? ? TYPE_11_PAIR ?     ? ? 
hydrog29 hydrog ?    ? A G   14 N3    ? ? ? 1_555 B A   9  N6 ? ? A G   14 B A   9  1_555 ? ? ? ? ? ? TYPE_11_PAIR ?     ? ? 
hydrog30 hydrog ?    ? A G   15 N2    ? ? ? 1_555 B A   8  N7 ? ? A G   15 B A   8  1_555 ? ? ? ? ? ? TYPE_11_PAIR ?     ? ? 
hydrog31 hydrog ?    ? A G   15 N3    ? ? ? 1_555 B A   8  N6 ? ? A G   15 B A   8  1_555 ? ? ? ? ? ? TYPE_11_PAIR ?     ? ? 
hydrog32 hydrog ?    ? A A   16 N6    ? ? ? 1_555 B 2PR 7  N3 ? ? A A   16 B 2PR 7  1_555 ? ? ? ? ? ? TYPE_11_PAIR ?     ? ? 
hydrog33 hydrog ?    ? A A   16 N7    ? ? ? 1_555 B 2PR 7  N2 ? ? A A   16 B 2PR 7  1_555 ? ? ? ? ? ? TYPE_11_PAIR ?     ? ? 
hydrog34 hydrog ?    ? A G   17 N1    ? ? ? 1_555 B C   3  N3 ? ? A G   17 B C   3  1_555 ? ? ? ? ? ? WATSON-CRICK ?     ? ? 
hydrog35 hydrog ?    ? A G   17 N2    ? ? ? 1_555 B C   3  O2 ? ? A G   17 B C   3  1_555 ? ? ? ? ? ? WATSON-CRICK ?     ? ? 
hydrog36 hydrog ?    ? A G   17 O6    ? ? ? 1_555 B C   3  N4 ? ? A G   17 B C   3  1_555 ? ? ? ? ? ? WATSON-CRICK ?     ? ? 
hydrog37 hydrog ?    ? A C   18 N3    ? ? ? 1_555 B G   2  N1 ? ? A C   18 B G   2  1_555 ? ? ? ? ? ? WATSON-CRICK ?     ? ? 
hydrog38 hydrog ?    ? A C   18 N4    ? ? ? 1_555 B G   2  O6 ? ? A C   18 B G   2  1_555 ? ? ? ? ? ? WATSON-CRICK ?     ? ? 
hydrog39 hydrog ?    ? A C   18 O2    ? ? ? 1_555 B G   2  N2 ? ? A C   18 B G   2  1_555 ? ? ? ? ? ? WATSON-CRICK ?     ? ? 
hydrog40 hydrog ?    ? A C   19 N3    ? ? ? 1_555 B G   1  N1 ? ? A C   19 B G   1  1_555 ? ? ? ? ? ? WATSON-CRICK ?     ? ? 
hydrog41 hydrog ?    ? A C   19 N4    ? ? ? 1_555 B G   1  O6 ? ? A C   19 B G   1  1_555 ? ? ? ? ? ? WATSON-CRICK ?     ? ? 
hydrog42 hydrog ?    ? A C   19 O2    ? ? ? 1_555 B G   1  N2 ? ? A C   19 B G   1  1_555 ? ? ? ? ? ? WATSON-CRICK ?     ? ? 
hydrog43 hydrog ?    ? C G   1  N1    ? ? ? 1_555 D C   19 N3 ? ? C G   1  D C   19 1_555 ? ? ? ? ? ? WATSON-CRICK ?     ? ? 
hydrog44 hydrog ?    ? C G   1  N2    ? ? ? 1_555 D C   19 O2 ? ? C G   1  D C   19 1_555 ? ? ? ? ? ? WATSON-CRICK ?     ? ? 
hydrog45 hydrog ?    ? C G   1  O6    ? ? ? 1_555 D C   19 N4 ? ? C G   1  D C   19 1_555 ? ? ? ? ? ? WATSON-CRICK ?     ? ? 
hydrog46 hydrog ?    ? C G   2  N1    ? ? ? 1_555 D C   18 N3 ? ? C G   2  D C   18 1_555 ? ? ? ? ? ? WATSON-CRICK ?     ? ? 
hydrog47 hydrog ?    ? C G   2  N2    ? ? ? 1_555 D C   18 O2 ? ? C G   2  D C   18 1_555 ? ? ? ? ? ? WATSON-CRICK ?     ? ? 
hydrog48 hydrog ?    ? C G   2  O6    ? ? ? 1_555 D C   18 N4 ? ? C G   2  D C   18 1_555 ? ? ? ? ? ? WATSON-CRICK ?     ? ? 
hydrog49 hydrog ?    ? C C   3  N3    ? ? ? 1_555 D G   17 N1 ? ? C C   3  D G   17 1_555 ? ? ? ? ? ? WATSON-CRICK ?     ? ? 
hydrog50 hydrog ?    ? C C   3  N4    ? ? ? 1_555 D G   17 O6 ? ? C C   3  D G   17 1_555 ? ? ? ? ? ? WATSON-CRICK ?     ? ? 
hydrog51 hydrog ?    ? C C   3  O2    ? ? ? 1_555 D G   17 N2 ? ? C C   3  D G   17 1_555 ? ? ? ? ? ? WATSON-CRICK ?     ? ? 
hydrog52 hydrog ?    ? C 2PR 7  N2    ? ? ? 1_555 D A   16 N7 ? ? C 2PR 7  D A   16 1_555 ? ? ? ? ? ? TYPE_11_PAIR ?     ? ? 
hydrog53 hydrog ?    ? C 2PR 7  N3    ? ? ? 1_555 D A   16 N6 ? ? C 2PR 7  D A   16 1_555 ? ? ? ? ? ? TYPE_11_PAIR ?     ? ? 
hydrog54 hydrog ?    ? C A   8  N6    ? ? ? 1_555 D G   15 N3 ? ? C A   8  D G   15 1_555 ? ? ? ? ? ? TYPE_11_PAIR ?     ? ? 
hydrog55 hydrog ?    ? C A   8  N7    ? ? ? 1_555 D G   15 N2 ? ? C A   8  D G   15 1_555 ? ? ? ? ? ? TYPE_11_PAIR ?     ? ? 
hydrog56 hydrog ?    ? C A   9  N6    ? ? ? 1_555 D G   14 N3 ? ? C A   9  D G   14 1_555 ? ? ? ? ? ? TYPE_11_PAIR ?     ? ? 
hydrog57 hydrog ?    ? C A   9  N7    ? ? ? 1_555 D G   14 N2 ? ? C A   9  D G   14 1_555 ? ? ? ? ? ? TYPE_11_PAIR ?     ? ? 
hydrog58 hydrog ?    ? C C   10 N3    ? ? ? 1_555 D G   13 N1 ? ? C C   10 D G   13 1_555 ? ? ? ? ? ? WATSON-CRICK ?     ? ? 
hydrog59 hydrog ?    ? C C   10 N4    ? ? ? 1_555 D G   13 O6 ? ? C C   10 D G   13 1_555 ? ? ? ? ? ? WATSON-CRICK ?     ? ? 
hydrog60 hydrog ?    ? C C   10 O2    ? ? ? 1_555 D G   13 N2 ? ? C C   10 D G   13 1_555 ? ? ? ? ? ? WATSON-CRICK ?     ? ? 
hydrog61 hydrog ?    ? C C   11 N3    ? ? ? 1_555 D G   12 N1 ? ? C C   11 D G   12 1_555 ? ? ? ? ? ? WATSON-CRICK ?     ? ? 
hydrog62 hydrog ?    ? C C   11 N4    ? ? ? 1_555 D G   12 O6 ? ? C C   11 D G   12 1_555 ? ? ? ? ? ? WATSON-CRICK ?     ? ? 
hydrog63 hydrog ?    ? C C   11 O2    ? ? ? 1_555 D G   12 N2 ? ? C C   11 D G   12 1_555 ? ? ? ? ? ? WATSON-CRICK ?     ? ? 
hydrog64 hydrog ?    ? C G   12 N1    ? ? ? 1_555 D C   11 N3 ? ? C G   12 D C   11 1_555 ? ? ? ? ? ? WATSON-CRICK ?     ? ? 
hydrog65 hydrog ?    ? C G   12 N2    ? ? ? 1_555 D C   11 O2 ? ? C G   12 D C   11 1_555 ? ? ? ? ? ? WATSON-CRICK ?     ? ? 
hydrog66 hydrog ?    ? C G   12 O6    ? ? ? 1_555 D C   11 N4 ? ? C G   12 D C   11 1_555 ? ? ? ? ? ? WATSON-CRICK ?     ? ? 
hydrog67 hydrog ?    ? C G   13 N1    ? ? ? 1_555 D C   10 N3 ? ? C G   13 D C   10 1_555 ? ? ? ? ? ? WATSON-CRICK ?     ? ? 
hydrog68 hydrog ?    ? C G   13 N2    ? ? ? 1_555 D C   10 O2 ? ? C G   13 D C   10 1_555 ? ? ? ? ? ? WATSON-CRICK ?     ? ? 
hydrog69 hydrog ?    ? C G   13 O6    ? ? ? 1_555 D C   10 N4 ? ? C G   13 D C   10 1_555 ? ? ? ? ? ? WATSON-CRICK ?     ? ? 
hydrog70 hydrog ?    ? C G   14 N2    ? ? ? 1_555 D A   9  N7 ? ? C G   14 D A   9  1_555 ? ? ? ? ? ? TYPE_11_PAIR ?     ? ? 
hydrog71 hydrog ?    ? C G   14 N3    ? ? ? 1_555 D A   9  N6 ? ? C G   14 D A   9  1_555 ? ? ? ? ? ? TYPE_11_PAIR ?     ? ? 
hydrog72 hydrog ?    ? C G   15 N2    ? ? ? 1_555 D A   8  N7 ? ? C G   15 D A   8  1_555 ? ? ? ? ? ? TYPE_11_PAIR ?     ? ? 
hydrog73 hydrog ?    ? C G   15 N3    ? ? ? 1_555 D A   8  N6 ? ? C G   15 D A   8  1_555 ? ? ? ? ? ? TYPE_11_PAIR ?     ? ? 
hydrog74 hydrog ?    ? C A   16 N6    ? ? ? 1_555 D 2PR 7  N3 ? ? C A   16 D 2PR 7  1_555 ? ? ? ? ? ? TYPE_11_PAIR ?     ? ? 
hydrog75 hydrog ?    ? C A   16 N7    ? ? ? 1_555 D 2PR 7  N2 ? ? C A   16 D 2PR 7  1_555 ? ? ? ? ? ? TYPE_11_PAIR ?     ? ? 
hydrog76 hydrog ?    ? C G   17 N1    ? ? ? 1_555 D C   3  N3 ? ? C G   17 D C   3  1_555 ? ? ? ? ? ? WATSON-CRICK ?     ? ? 
hydrog77 hydrog ?    ? C G   17 N2    ? ? ? 1_555 D C   3  O2 ? ? C G   17 D C   3  1_555 ? ? ? ? ? ? WATSON-CRICK ?     ? ? 
hydrog78 hydrog ?    ? C G   17 O6    ? ? ? 1_555 D C   3  N4 ? ? C G   17 D C   3  1_555 ? ? ? ? ? ? WATSON-CRICK ?     ? ? 
hydrog79 hydrog ?    ? C C   18 N3    ? ? ? 1_555 D G   2  N1 ? ? C C   18 D G   2  1_555 ? ? ? ? ? ? WATSON-CRICK ?     ? ? 
hydrog80 hydrog ?    ? C C   18 N4    ? ? ? 1_555 D G   2  O6 ? ? C C   18 D G   2  1_555 ? ? ? ? ? ? WATSON-CRICK ?     ? ? 
hydrog81 hydrog ?    ? C C   18 O2    ? ? ? 1_555 D G   2  N2 ? ? C C   18 D G   2  1_555 ? ? ? ? ? ? WATSON-CRICK ?     ? ? 
hydrog82 hydrog ?    ? C C   19 N3    ? ? ? 1_555 D G   1  N1 ? ? C C   19 D G   1  1_555 ? ? ? ? ? ? WATSON-CRICK ?     ? ? 
hydrog83 hydrog ?    ? C C   19 N4    ? ? ? 1_555 D G   1  O6 ? ? C C   19 D G   1  1_555 ? ? ? ? ? ? WATSON-CRICK ?     ? ? 
hydrog84 hydrog ?    ? C C   19 O2    ? ? ? 1_555 D G   1  N2 ? ? C C   19 D G   1  1_555 ? ? ? ? ? ? WATSON-CRICK ?     ? ? 
# 
loop_
_struct_conn_type.id 
_struct_conn_type.criteria 
_struct_conn_type.reference 
covale ? ? 
hydrog ? ? 
# 
_pdbx_entry_details.entry_id                   7EI8 
_pdbx_entry_details.has_ligand_of_interest     Y 
_pdbx_entry_details.compound_details           ? 
_pdbx_entry_details.source_details             ? 
_pdbx_entry_details.nonpolymer_details         ? 
_pdbx_entry_details.sequence_details           ? 
_pdbx_entry_details.has_protein_modification   N 
# 
loop_
_pdbx_struct_special_symmetry.id 
_pdbx_struct_special_symmetry.PDB_model_num 
_pdbx_struct_special_symmetry.auth_asym_id 
_pdbx_struct_special_symmetry.auth_comp_id 
_pdbx_struct_special_symmetry.auth_seq_id 
_pdbx_struct_special_symmetry.PDB_ins_code 
_pdbx_struct_special_symmetry.label_asym_id 
_pdbx_struct_special_symmetry.label_comp_id 
_pdbx_struct_special_symmetry.label_seq_id 
1 1 C CO 101 ? J CO . 
2 1 D CO 101 ? O CO . 
3 1 D CO 103 ? Q CO . 
# 
loop_
_chem_comp_atom.comp_id 
_chem_comp_atom.atom_id 
_chem_comp_atom.type_symbol 
_chem_comp_atom.pdbx_aromatic_flag 
_chem_comp_atom.pdbx_stereo_config 
_chem_comp_atom.pdbx_ordinal 
2PR OP3    O  N N 1   
2PR P      P  N N 2   
2PR OP1    O  N N 3   
2PR OP2    O  N N 4   
2PR "O5'"  O  N N 5   
2PR "C5'"  C  N N 6   
2PR "C4'"  C  N R 7   
2PR "O4'"  O  N N 8   
2PR "C3'"  C  N S 9   
2PR "O3'"  O  N N 10  
2PR "C2'"  C  N N 11  
2PR "C1'"  C  N R 12  
2PR N9     N  Y N 13  
2PR C8     C  Y N 14  
2PR N7     N  Y N 15  
2PR C5     C  Y N 16  
2PR C6     C  Y N 17  
2PR N1     N  Y N 18  
2PR C2     C  Y N 19  
2PR N2     N  N N 20  
2PR N3     N  Y N 21  
2PR C4     C  Y N 22  
2PR HOP3   H  N N 23  
2PR HOP2   H  N N 24  
2PR "H5'"  H  N N 25  
2PR "H5''" H  N N 26  
2PR "H4'"  H  N N 27  
2PR "H3'"  H  N N 28  
2PR "HO3'" H  N N 29  
2PR "H2'"  H  N N 30  
2PR "H2''" H  N N 31  
2PR "H1'"  H  N N 32  
2PR H8     H  N N 33  
2PR H6     H  N N 34  
2PR HN21   H  N N 35  
2PR HN22   H  N N 36  
A   OP3    O  N N 37  
A   P      P  N N 38  
A   OP1    O  N N 39  
A   OP2    O  N N 40  
A   "O5'"  O  N N 41  
A   "C5'"  C  N N 42  
A   "C4'"  C  N R 43  
A   "O4'"  O  N N 44  
A   "C3'"  C  N S 45  
A   "O3'"  O  N N 46  
A   "C2'"  C  N R 47  
A   "O2'"  O  N N 48  
A   "C1'"  C  N R 49  
A   N9     N  Y N 50  
A   C8     C  Y N 51  
A   N7     N  Y N 52  
A   C5     C  Y N 53  
A   C6     C  Y N 54  
A   N6     N  N N 55  
A   N1     N  Y N 56  
A   C2     C  Y N 57  
A   N3     N  Y N 58  
A   C4     C  Y N 59  
A   HOP3   H  N N 60  
A   HOP2   H  N N 61  
A   "H5'"  H  N N 62  
A   "H5''" H  N N 63  
A   "H4'"  H  N N 64  
A   "H3'"  H  N N 65  
A   "HO3'" H  N N 66  
A   "H2'"  H  N N 67  
A   "HO2'" H  N N 68  
A   "H1'"  H  N N 69  
A   H8     H  N N 70  
A   H61    H  N N 71  
A   H62    H  N N 72  
A   H2     H  N N 73  
C   OP3    O  N N 74  
C   P      P  N N 75  
C   OP1    O  N N 76  
C   OP2    O  N N 77  
C   "O5'"  O  N N 78  
C   "C5'"  C  N N 79  
C   "C4'"  C  N R 80  
C   "O4'"  O  N N 81  
C   "C3'"  C  N S 82  
C   "O3'"  O  N N 83  
C   "C2'"  C  N R 84  
C   "O2'"  O  N N 85  
C   "C1'"  C  N R 86  
C   N1     N  N N 87  
C   C2     C  N N 88  
C   O2     O  N N 89  
C   N3     N  N N 90  
C   C4     C  N N 91  
C   N4     N  N N 92  
C   C5     C  N N 93  
C   C6     C  N N 94  
C   HOP3   H  N N 95  
C   HOP2   H  N N 96  
C   "H5'"  H  N N 97  
C   "H5''" H  N N 98  
C   "H4'"  H  N N 99  
C   "H3'"  H  N N 100 
C   "HO3'" H  N N 101 
C   "H2'"  H  N N 102 
C   "HO2'" H  N N 103 
C   "H1'"  H  N N 104 
C   H41    H  N N 105 
C   H42    H  N N 106 
C   H5     H  N N 107 
C   H6     H  N N 108 
CO  CO     CO N N 109 
G   OP3    O  N N 110 
G   P      P  N N 111 
G   OP1    O  N N 112 
G   OP2    O  N N 113 
G   "O5'"  O  N N 114 
G   "C5'"  C  N N 115 
G   "C4'"  C  N R 116 
G   "O4'"  O  N N 117 
G   "C3'"  C  N S 118 
G   "O3'"  O  N N 119 
G   "C2'"  C  N R 120 
G   "O2'"  O  N N 121 
G   "C1'"  C  N R 122 
G   N9     N  Y N 123 
G   C8     C  Y N 124 
G   N7     N  Y N 125 
G   C5     C  Y N 126 
G   C6     C  N N 127 
G   O6     O  N N 128 
G   N1     N  N N 129 
G   C2     C  N N 130 
G   N2     N  N N 131 
G   N3     N  N N 132 
G   C4     C  Y N 133 
G   HOP3   H  N N 134 
G   HOP2   H  N N 135 
G   "H5'"  H  N N 136 
G   "H5''" H  N N 137 
G   "H4'"  H  N N 138 
G   "H3'"  H  N N 139 
G   "HO3'" H  N N 140 
G   "H2'"  H  N N 141 
G   "HO2'" H  N N 142 
G   "H1'"  H  N N 143 
G   H8     H  N N 144 
G   H1     H  N N 145 
G   H21    H  N N 146 
G   H22    H  N N 147 
# 
loop_
_chem_comp_bond.comp_id 
_chem_comp_bond.atom_id_1 
_chem_comp_bond.atom_id_2 
_chem_comp_bond.value_order 
_chem_comp_bond.pdbx_aromatic_flag 
_chem_comp_bond.pdbx_stereo_config 
_chem_comp_bond.pdbx_ordinal 
2PR OP3   P      sing N N 1   
2PR OP3   HOP3   sing N N 2   
2PR P     OP1    doub N N 3   
2PR P     OP2    sing N N 4   
2PR P     "O5'"  sing N N 5   
2PR OP2   HOP2   sing N N 6   
2PR "O5'" "C5'"  sing N N 7   
2PR "C5'" "C4'"  sing N N 8   
2PR "C5'" "H5'"  sing N N 9   
2PR "C5'" "H5''" sing N N 10  
2PR "C4'" "O4'"  sing N N 11  
2PR "C4'" "C3'"  sing N N 12  
2PR "C4'" "H4'"  sing N N 13  
2PR "O4'" "C1'"  sing N N 14  
2PR "C3'" "O3'"  sing N N 15  
2PR "C3'" "C2'"  sing N N 16  
2PR "C3'" "H3'"  sing N N 17  
2PR "O3'" "HO3'" sing N N 18  
2PR "C2'" "C1'"  sing N N 19  
2PR "C2'" "H2'"  sing N N 20  
2PR "C2'" "H2''" sing N N 21  
2PR "C1'" N9     sing N N 22  
2PR "C1'" "H1'"  sing N N 23  
2PR N9    C8     sing Y N 24  
2PR N9    C4     sing Y N 25  
2PR C8    N7     doub Y N 26  
2PR C8    H8     sing N N 27  
2PR N7    C5     sing Y N 28  
2PR C5    C6     sing Y N 29  
2PR C5    C4     doub Y N 30  
2PR C6    N1     doub Y N 31  
2PR C6    H6     sing N N 32  
2PR N1    C2     sing Y N 33  
2PR C2    N2     sing N N 34  
2PR C2    N3     doub Y N 35  
2PR N2    HN21   sing N N 36  
2PR N2    HN22   sing N N 37  
2PR N3    C4     sing Y N 38  
A   OP3   P      sing N N 39  
A   OP3   HOP3   sing N N 40  
A   P     OP1    doub N N 41  
A   P     OP2    sing N N 42  
A   P     "O5'"  sing N N 43  
A   OP2   HOP2   sing N N 44  
A   "O5'" "C5'"  sing N N 45  
A   "C5'" "C4'"  sing N N 46  
A   "C5'" "H5'"  sing N N 47  
A   "C5'" "H5''" sing N N 48  
A   "C4'" "O4'"  sing N N 49  
A   "C4'" "C3'"  sing N N 50  
A   "C4'" "H4'"  sing N N 51  
A   "O4'" "C1'"  sing N N 52  
A   "C3'" "O3'"  sing N N 53  
A   "C3'" "C2'"  sing N N 54  
A   "C3'" "H3'"  sing N N 55  
A   "O3'" "HO3'" sing N N 56  
A   "C2'" "O2'"  sing N N 57  
A   "C2'" "C1'"  sing N N 58  
A   "C2'" "H2'"  sing N N 59  
A   "O2'" "HO2'" sing N N 60  
A   "C1'" N9     sing N N 61  
A   "C1'" "H1'"  sing N N 62  
A   N9    C8     sing Y N 63  
A   N9    C4     sing Y N 64  
A   C8    N7     doub Y N 65  
A   C8    H8     sing N N 66  
A   N7    C5     sing Y N 67  
A   C5    C6     sing Y N 68  
A   C5    C4     doub Y N 69  
A   C6    N6     sing N N 70  
A   C6    N1     doub Y N 71  
A   N6    H61    sing N N 72  
A   N6    H62    sing N N 73  
A   N1    C2     sing Y N 74  
A   C2    N3     doub Y N 75  
A   C2    H2     sing N N 76  
A   N3    C4     sing Y N 77  
C   OP3   P      sing N N 78  
C   OP3   HOP3   sing N N 79  
C   P     OP1    doub N N 80  
C   P     OP2    sing N N 81  
C   P     "O5'"  sing N N 82  
C   OP2   HOP2   sing N N 83  
C   "O5'" "C5'"  sing N N 84  
C   "C5'" "C4'"  sing N N 85  
C   "C5'" "H5'"  sing N N 86  
C   "C5'" "H5''" sing N N 87  
C   "C4'" "O4'"  sing N N 88  
C   "C4'" "C3'"  sing N N 89  
C   "C4'" "H4'"  sing N N 90  
C   "O4'" "C1'"  sing N N 91  
C   "C3'" "O3'"  sing N N 92  
C   "C3'" "C2'"  sing N N 93  
C   "C3'" "H3'"  sing N N 94  
C   "O3'" "HO3'" sing N N 95  
C   "C2'" "O2'"  sing N N 96  
C   "C2'" "C1'"  sing N N 97  
C   "C2'" "H2'"  sing N N 98  
C   "O2'" "HO2'" sing N N 99  
C   "C1'" N1     sing N N 100 
C   "C1'" "H1'"  sing N N 101 
C   N1    C2     sing N N 102 
C   N1    C6     sing N N 103 
C   C2    O2     doub N N 104 
C   C2    N3     sing N N 105 
C   N3    C4     doub N N 106 
C   C4    N4     sing N N 107 
C   C4    C5     sing N N 108 
C   N4    H41    sing N N 109 
C   N4    H42    sing N N 110 
C   C5    C6     doub N N 111 
C   C5    H5     sing N N 112 
C   C6    H6     sing N N 113 
G   OP3   P      sing N N 114 
G   OP3   HOP3   sing N N 115 
G   P     OP1    doub N N 116 
G   P     OP2    sing N N 117 
G   P     "O5'"  sing N N 118 
G   OP2   HOP2   sing N N 119 
G   "O5'" "C5'"  sing N N 120 
G   "C5'" "C4'"  sing N N 121 
G   "C5'" "H5'"  sing N N 122 
G   "C5'" "H5''" sing N N 123 
G   "C4'" "O4'"  sing N N 124 
G   "C4'" "C3'"  sing N N 125 
G   "C4'" "H4'"  sing N N 126 
G   "O4'" "C1'"  sing N N 127 
G   "C3'" "O3'"  sing N N 128 
G   "C3'" "C2'"  sing N N 129 
G   "C3'" "H3'"  sing N N 130 
G   "O3'" "HO3'" sing N N 131 
G   "C2'" "O2'"  sing N N 132 
G   "C2'" "C1'"  sing N N 133 
G   "C2'" "H2'"  sing N N 134 
G   "O2'" "HO2'" sing N N 135 
G   "C1'" N9     sing N N 136 
G   "C1'" "H1'"  sing N N 137 
G   N9    C8     sing Y N 138 
G   N9    C4     sing Y N 139 
G   C8    N7     doub Y N 140 
G   C8    H8     sing N N 141 
G   N7    C5     sing Y N 142 
G   C5    C6     sing N N 143 
G   C5    C4     doub Y N 144 
G   C6    O6     doub N N 145 
G   C6    N1     sing N N 146 
G   N1    C2     sing N N 147 
G   N1    H1     sing N N 148 
G   C2    N2     sing N N 149 
G   C2    N3     doub N N 150 
G   N2    H21    sing N N 151 
G   N2    H22    sing N N 152 
G   N3    C4     sing N N 153 
# 
loop_
_ndb_struct_conf_na.entry_id 
_ndb_struct_conf_na.feature 
7EI8 'double helix'        
7EI8 'a-form double helix' 
# 
loop_
_ndb_struct_na_base_pair.model_number 
_ndb_struct_na_base_pair.i_label_asym_id 
_ndb_struct_na_base_pair.i_label_comp_id 
_ndb_struct_na_base_pair.i_label_seq_id 
_ndb_struct_na_base_pair.i_symmetry 
_ndb_struct_na_base_pair.j_label_asym_id 
_ndb_struct_na_base_pair.j_label_comp_id 
_ndb_struct_na_base_pair.j_label_seq_id 
_ndb_struct_na_base_pair.j_symmetry 
_ndb_struct_na_base_pair.shear 
_ndb_struct_na_base_pair.stretch 
_ndb_struct_na_base_pair.stagger 
_ndb_struct_na_base_pair.buckle 
_ndb_struct_na_base_pair.propeller 
_ndb_struct_na_base_pair.opening 
_ndb_struct_na_base_pair.pair_number 
_ndb_struct_na_base_pair.pair_name 
_ndb_struct_na_base_pair.i_auth_asym_id 
_ndb_struct_na_base_pair.i_auth_seq_id 
_ndb_struct_na_base_pair.i_PDB_ins_code 
_ndb_struct_na_base_pair.j_auth_asym_id 
_ndb_struct_na_base_pair.j_auth_seq_id 
_ndb_struct_na_base_pair.j_PDB_ins_code 
_ndb_struct_na_base_pair.hbond_type_28 
_ndb_struct_na_base_pair.hbond_type_12 
1 B G   17 1_555 A C   3  1_555 -0.552 -0.335 -0.050 -13.215 1.097   0.261   1  B_G17:C3_A   B 17 ? A 3  ? 19 1  
1 B C   18 1_555 A G   2  1_555 0.262  -0.052 -0.287 2.780   -6.609  9.431   2  B_C18:G2_A   B 18 ? A 2  ? 19 1  
1 B C   19 1_555 A G   1  1_555 0.702  -0.273 -0.194 3.842   -1.515  -0.585  3  B_C19:G1_A   B 19 ? A 1  ? 19 1  
1 C G   1  1_555 D C   19 1_555 -0.308 -0.149 -0.060 -6.359  -2.451  1.003   4  C_G1:C19_D   C 1  ? D 19 ? 19 1  
1 C G   2  1_555 D C   18 1_555 0.386  -0.420 -0.452 -6.218  -3.417  -4.956  5  C_G2:C18_D   C 2  ? D 18 ? 19 1  
1 C C   3  1_555 D G   17 1_555 0.119  -0.340 -0.168 1.747   -4.243  3.895   6  C_C3:G17_D   C 3  ? D 17 ? 19 1  
1 A 2PR 7  1_555 B A   16 1_555 6.314  -4.280 1.032  17.674  21.056  7.559   7  A_2PR7:A16_B A 7  ? B 16 ? 11 9  
1 A A   8  1_555 B G   15 1_555 -6.597 -5.104 0.300  -13.384 15.905  0.806   8  A_A8:G15_B   A 8  ? B 15 ? 11 10 
1 A A   9  1_555 B G   14 1_555 -6.768 -3.717 -0.063 9.011   -3.289  -4.464  9  A_A9:G14_B   A 9  ? B 14 ? 11 9  
1 A C   10 1_555 B G   13 1_555 -0.769 -0.044 -0.156 15.897  -11.571 -1.468  10 A_C10:G13_B  A 10 ? B 13 ? 19 1  
1 A C   11 1_555 B G   12 1_555 0.088  -0.397 0.088  3.667   -1.872  -2.128  11 A_C11:G12_B  A 11 ? B 12 ? 19 1  
1 A G   12 1_555 B C   11 1_555 0.583  -0.552 -0.255 -4.350  6.116   -6.670  12 A_G12:C11_B  A 12 ? B 11 ? 19 1  
1 A G   13 1_555 B C   10 1_555 1.231  0.216  -0.209 -20.364 -11.010 3.688   13 A_G13:C10_B  A 13 ? B 10 ? 19 1  
1 A G   14 1_555 B A   9  1_555 6.636  -3.634 0.586  -10.285 -14.866 -6.886  14 A_G14:A9_B   A 14 ? B 9  ? 11 6  
1 A G   15 1_555 B A   8  1_555 6.450  -4.732 0.261  14.779  7.672   -8.731  15 A_G15:A8_B   A 15 ? B 8  ? 11 10 
1 A A   16 1_555 B 2PR 7  1_555 -6.704 -4.283 0.542  -9.963  11.219  9.149   16 A_A16:2PR7_B A 16 ? B 7  ? 11 9  
1 A G   17 1_555 B C   3  1_555 0.294  -0.301 -0.232 7.994   -7.898  -2.886  17 A_G17:C3_B   A 17 ? B 3  ? 19 1  
1 A C   18 1_555 B G   2  1_555 0.202  -0.314 -0.673 16.466  -11.641 1.469   18 A_C18:G2_B   A 18 ? B 2  ? 19 1  
1 A C   19 1_555 B G   1  1_555 0.676  -0.308 -0.525 14.132  0.496   -10.609 19 A_C19:G1_B   A 19 ? B 1  ? 19 1  
1 D G   1  1_555 C C   19 1_555 0.035  -0.325 -0.657 -3.396  5.317   -0.954  20 D_G1:C19_C   D 1  ? C 19 ? 19 1  
1 D G   2  1_555 C C   18 1_555 -0.228 -0.283 -0.718 -16.177 -8.320  5.683   21 D_G2:C18_C   D 2  ? C 18 ? 19 1  
1 D C   3  1_555 C G   17 1_555 0.703  0.189  0.247  -0.644  -6.226  6.754   22 D_C3:G17_C   D 3  ? C 17 ? 19 1  
1 C 2PR 7  1_555 D A   16 1_555 6.211  -4.619 0.859  19.942  28.485  9.643   23 C_2PR7:A16_D C 7  ? D 16 ? 11 9  
1 C A   8  1_555 D G   15 1_555 -6.398 -4.802 0.261  -19.088 22.232  -1.241  24 C_A8:G15_D   C 8  ? D 15 ? 11 10 
1 C A   9  1_555 D G   14 1_555 -7.026 -4.289 -0.251 9.027   -0.972  -6.772  25 C_A9:G14_D   C 9  ? D 14 ? 11 10 
1 C C   10 1_555 D G   13 1_555 -0.279 -0.113 -0.300 16.596  -10.106 1.210   26 C_C10:G13_D  C 10 ? D 13 ? 19 1  
1 C C   11 1_555 D G   12 1_555 -0.923 0.480  0.056  8.567   5.081   5.142   27 C_C11:G12_D  C 11 ? D 12 ? 19 1  
1 C G   12 1_555 D C   11 1_555 0.680  -0.330 -0.434 -3.134  -1.983  -2.439  28 C_G12:C11_D  C 12 ? D 11 ? 19 1  
1 C G   13 1_555 D C   10 1_555 0.765  -0.251 -0.031 -13.348 -7.098  -1.593  29 C_G13:C10_D  C 13 ? D 10 ? 19 1  
1 C G   14 1_555 D A   9  1_555 6.799  -3.742 0.277  -11.423 -14.713 0.282   30 C_G14:A9_D   C 14 ? D 9  ? 11 5  
1 C G   15 1_555 D A   8  1_555 6.877  -4.257 0.333  25.812  5.222   5.051   31 C_G15:A8_D   C 15 ? D 8  ? 11 10 
1 C A   16 1_555 D 2PR 7  1_555 -6.663 -4.364 0.466  -12.665 13.218  12.127  32 C_A16:2PR7_D C 16 ? D 7  ? 11 9  
# 
loop_
_ndb_struct_na_base_pair_step.model_number 
_ndb_struct_na_base_pair_step.i_label_asym_id_1 
_ndb_struct_na_base_pair_step.i_label_comp_id_1 
_ndb_struct_na_base_pair_step.i_label_seq_id_1 
_ndb_struct_na_base_pair_step.i_symmetry_1 
_ndb_struct_na_base_pair_step.j_label_asym_id_1 
_ndb_struct_na_base_pair_step.j_label_comp_id_1 
_ndb_struct_na_base_pair_step.j_label_seq_id_1 
_ndb_struct_na_base_pair_step.j_symmetry_1 
_ndb_struct_na_base_pair_step.i_label_asym_id_2 
_ndb_struct_na_base_pair_step.i_label_comp_id_2 
_ndb_struct_na_base_pair_step.i_label_seq_id_2 
_ndb_struct_na_base_pair_step.i_symmetry_2 
_ndb_struct_na_base_pair_step.j_label_asym_id_2 
_ndb_struct_na_base_pair_step.j_label_comp_id_2 
_ndb_struct_na_base_pair_step.j_label_seq_id_2 
_ndb_struct_na_base_pair_step.j_symmetry_2 
_ndb_struct_na_base_pair_step.shift 
_ndb_struct_na_base_pair_step.slide 
_ndb_struct_na_base_pair_step.rise 
_ndb_struct_na_base_pair_step.tilt 
_ndb_struct_na_base_pair_step.roll 
_ndb_struct_na_base_pair_step.twist 
_ndb_struct_na_base_pair_step.x_displacement 
_ndb_struct_na_base_pair_step.y_displacement 
_ndb_struct_na_base_pair_step.helical_rise 
_ndb_struct_na_base_pair_step.inclination 
_ndb_struct_na_base_pair_step.tip 
_ndb_struct_na_base_pair_step.helical_twist 
_ndb_struct_na_base_pair_step.step_number 
_ndb_struct_na_base_pair_step.step_name 
_ndb_struct_na_base_pair_step.i_auth_asym_id_1 
_ndb_struct_na_base_pair_step.i_auth_seq_id_1 
_ndb_struct_na_base_pair_step.i_PDB_ins_code_1 
_ndb_struct_na_base_pair_step.j_auth_asym_id_1 
_ndb_struct_na_base_pair_step.j_auth_seq_id_1 
_ndb_struct_na_base_pair_step.j_PDB_ins_code_1 
_ndb_struct_na_base_pair_step.i_auth_asym_id_2 
_ndb_struct_na_base_pair_step.i_auth_seq_id_2 
_ndb_struct_na_base_pair_step.i_PDB_ins_code_2 
_ndb_struct_na_base_pair_step.j_auth_asym_id_2 
_ndb_struct_na_base_pair_step.j_auth_seq_id_2 
_ndb_struct_na_base_pair_step.j_PDB_ins_code_2 
1 B G   17 1_555 A C 3  1_555 B C 18 1_555 A G   2  1_555 0.139  -1.762 2.992 4.615  -1.056  34.923  -2.765 0.404  3.035  -1.749 
-7.646  35.233  1  BB_G17C18:G2C3_AA   B 17 ? A 3  ? B 18 ? A 2  ? 
1 B C   18 1_555 A G 2  1_555 B C 19 1_555 A G   1  1_555 -0.030 -1.771 3.417 0.531  3.207   32.172  -3.758 0.150  3.229  5.768  
-0.955  32.331  2  BB_C18C19:G1G2_AA   B 18 ? A 2  ? B 19 ? A 1  ? 
1 B C   19 1_555 A G 1  1_555 C G 1  1_555 D C   19 1_555 0.210  -4.152 3.602 -1.005 0.519   -20.840 11.215 0.099  3.709  -1.432 
-2.777  -20.870 3  BC_C19G1:C19G1_DA   B 19 ? A 1  ? C 1  ? D 19 ? 
1 C G   1  1_555 D C 19 1_555 C G 2  1_555 D C   18 1_555 -0.660 -2.351 3.424 1.383  1.615   32.362  -4.500 1.431  3.275  2.894  
-2.478  32.430  4  CC_G1G2:C18C19_DD   C 1  ? D 19 ? C 2  ? D 18 ? 
1 C G   2  1_555 D C 18 1_555 C C 3  1_555 D G   17 1_555 0.231  -1.809 3.095 -3.815 3.479   29.756  -4.117 -1.149 2.819  6.712  
7.358   30.190  5  CC_G2C3:G17C18_DD   C 2  ? D 18 ? C 3  ? D 17 ? 
1 A 2PR 7  1_555 B A 16 1_555 A A 8  1_555 B G   15 1_555 -1.238 -2.072 4.532 -9.605 -16.147 -7.993  12.405 -7.396 -0.435 57.716 
-34.333 -20.404 6  AA_2PR7A8:G15A16_BB A 7  ? B 16 ? A 8  ? B 15 ? 
1 A A   8  1_555 B G 15 1_555 A A 9  1_555 B G   14 1_555 -0.978 -0.437 2.935 -9.850 3.588   35.127  -1.156 0.295  3.033  5.788  
15.888  36.610  7  AA_A8A9:G14G15_BB   A 8  ? B 15 ? A 9  ? B 14 ? 
1 A A   9  1_555 B G 14 1_555 A C 10 1_555 B G   13 1_555 0.075  -1.170 3.283 -2.590 1.941   57.925  -1.310 -0.214 3.240  2.002  
2.672   58.008  8  AA_A9C10:G13G14_BB  A 9  ? B 14 ? A 10 ? B 13 ? 
1 A C   10 1_555 B G 13 1_555 A C 11 1_555 B G   12 1_555 -0.294 -1.884 3.490 -2.158 7.186   35.145  -4.098 0.164  3.070  11.736 
3.524   35.912  9  AA_C10C11:G12G13_BB A 10 ? B 13 ? A 11 ? B 12 ? 
1 A C   11 1_555 B G 12 1_555 A G 12 1_555 B C   11 1_555 -0.032 -2.156 3.498 1.529  8.583   31.902  -5.222 0.312  2.833  15.262 
-2.718  33.042  10 AA_C11G12:C11G12_BB A 11 ? B 12 ? A 12 ? B 11 ? 
1 A G   12 1_555 B C 11 1_555 A G 13 1_555 B C   10 1_555 0.825  -2.552 3.454 5.615  14.845  32.065  -6.132 -0.601 2.206  25.049 
-9.474  35.686  11 AA_G12G13:C10C11_BB A 12 ? B 11 ? A 13 ? B 10 ? 
1 A G   13 1_555 B C 10 1_555 A G 14 1_555 B A   9  1_555 -0.805 -0.768 3.058 -0.604 9.223   56.126  -1.277 0.815  2.917  9.729  
0.637   56.820  12 AA_G13G14:A9C10_BB  A 13 ? B 10 ? A 14 ? B 9  ? 
1 A G   14 1_555 B A 9  1_555 A G 15 1_555 B A   8  1_555 -0.050 -0.055 3.148 6.420  -0.403  34.861  -0.033 0.989  3.091  -0.666 
-10.605 35.432  13 AA_G14G15:A8A9_BB   A 14 ? B 9  ? A 15 ? B 8  ? 
1 A G   15 1_555 B A 8  1_555 A A 16 1_555 B 2PR 7  1_555 1.745  -1.711 4.104 10.017 -6.945  -8.220  11.903 14.343 0.306  31.980 
46.124  -14.693 14 AA_G15A16:2PR7A8_BB A 15 ? B 8  ? A 16 ? B 7  ? 
1 A G   17 1_555 B C 3  1_555 A C 18 1_555 B G   2  1_555 0.455  -1.872 2.852 1.463  1.871   29.148  -4.056 -0.629 2.748  3.709  
-2.902  29.242  15 AA_G17C18:G2C3_BB   A 17 ? B 3  ? A 18 ? B 2  ? 
1 A C   18 1_555 B G 2  1_555 A C 19 1_555 B G   1  1_555 -1.058 -1.563 3.601 -1.124 6.206   34.070  -3.642 1.594  3.306  10.480 
1.898   34.632  16 AA_C18C19:G1G2_BB   A 18 ? B 2  ? A 19 ? B 1  ? 
1 A C   19 1_555 B G 1  1_555 D G 1  1_555 C C   19 1_555 -0.041 -4.117 4.114 -0.362 -3.448  -26.643 9.906  -0.198 3.562  7.441  
-0.781  -26.863 17 AD_C19G1:C19G1_CB   A 19 ? B 1  ? D 1  ? C 19 ? 
1 D G   1  1_555 C C 19 1_555 D G 2  1_555 C C   18 1_555 0.531  -1.926 3.913 2.185  6.067   24.775  -6.302 -0.495 3.386  13.844 
-4.986  25.588  18 DD_G1G2:C18C19_CC   D 1  ? C 19 ? D 2  ? C 18 ? 
1 D G   2  1_555 C C 18 1_555 D C 3  1_555 C G   17 1_555 -0.194 -1.828 2.779 -7.848 0.902   33.693  -3.193 -0.703 2.706  1.530  
13.313  34.581  19 DD_G2C3:G17C18_CC   D 2  ? C 18 ? D 3  ? C 17 ? 
1 C 2PR 7  1_555 D A 16 1_555 C A 8  1_555 D G   15 1_555 -1.307 -1.796 4.607 -8.782 -15.728 -7.031  12.862 -8.088 -0.370 60.116 
-33.565 -19.327 20 CC_2PR7A8:G15A16_DD C 7  ? D 16 ? C 8  ? D 15 ? 
1 C A   8  1_555 D G 15 1_555 C A 9  1_555 D G   14 1_555 -0.930 -0.506 2.801 -8.720 6.852   34.457  -1.665 0.419  2.798  11.214 
14.270  36.146  21 CC_A8A9:G14G15_DD   C 8  ? D 15 ? C 9  ? D 14 ? 
1 C A   9  1_555 D G 14 1_555 C C 10 1_555 D G   13 1_555 0.603  -0.830 3.362 -1.071 1.210   59.575  -0.898 -0.661 3.336  1.218  
1.078   59.595  22 CC_A9C10:G13G14_DD  C 9  ? D 14 ? C 10 ? D 13 ? 
1 C C   10 1_555 D G 13 1_555 C C 11 1_555 D G   12 1_555 -0.088 -2.366 3.495 -6.836 10.029  28.199  -6.362 -1.118 2.482  19.482 
13.279  30.651  23 CC_C10C11:G12G13_DD C 10 ? D 13 ? C 11 ? D 12 ? 
1 C C   11 1_555 D G 12 1_555 C G 12 1_555 D C   11 1_555 -0.182 -1.675 3.361 3.323  11.510  37.247  -3.828 0.654  2.720  17.475 
-5.044  39.061  24 CC_C11G12:C11G12_DD C 11 ? D 12 ? C 12 ? D 11 ? 
1 C G   12 1_555 D C 11 1_555 C G 13 1_555 D C   10 1_555 0.415  -2.789 3.270 0.494  7.565   30.945  -6.329 -0.675 2.541  13.918 
-0.910  31.838  25 CC_G12G13:C10C11_DD C 12 ? D 11 ? C 13 ? D 10 ? 
1 C G   13 1_555 D C 10 1_555 C G 14 1_555 D A   9  1_555 -0.148 -0.914 3.327 4.822  8.475   59.274  -1.333 0.386  3.163  8.506  
-4.840  59.999  26 CC_G13G14:A9C10_DD  C 13 ? D 10 ? C 14 ? D 9  ? 
1 C G   14 1_555 D A 9  1_555 C G 15 1_555 D A   8  1_555 0.306  0.399  3.044 10.415 2.197   33.340  0.349  0.985  3.021  3.713  
-17.603 34.952  27 CC_G14G15:A8A9_DD   C 14 ? D 9  ? C 15 ? D 8  ? 
1 C G   15 1_555 D A 8  1_555 C A 16 1_555 D 2PR 7  1_555 1.237  -1.758 4.285 5.426  -5.581  -11.167 13.668 11.298 2.309  25.069 
24.371  -13.605 28 CC_G15A16:2PR7A8_DD C 15 ? D 8  ? C 16 ? D 7  ? 
# 
_pdbx_initial_refinement_model.id               1 
_pdbx_initial_refinement_model.entity_id_list   ? 
_pdbx_initial_refinement_model.type             'experimental model' 
_pdbx_initial_refinement_model.source_name      PDB 
_pdbx_initial_refinement_model.accession_code   4C40 
_pdbx_initial_refinement_model.details          ? 
# 
_atom_sites.entry_id                    7EI8 
_atom_sites.Cartn_transf_matrix[1][1]   ? 
_atom_sites.Cartn_transf_matrix[1][2]   ? 
_atom_sites.Cartn_transf_matrix[1][3]   ? 
_atom_sites.Cartn_transf_matrix[2][1]   ? 
_atom_sites.Cartn_transf_matrix[2][2]   ? 
_atom_sites.Cartn_transf_matrix[2][3]   ? 
_atom_sites.Cartn_transf_matrix[3][1]   ? 
_atom_sites.Cartn_transf_matrix[3][2]   ? 
_atom_sites.Cartn_transf_matrix[3][3]   ? 
_atom_sites.Cartn_transf_vector[1]      ? 
_atom_sites.Cartn_transf_vector[2]      ? 
_atom_sites.Cartn_transf_vector[3]      ? 
_atom_sites.fract_transf_matrix[1][1]   0.00321990 
_atom_sites.fract_transf_matrix[1][2]   -0.00731126 
_atom_sites.fract_transf_matrix[1][3]   0.00544467 
_atom_sites.fract_transf_matrix[2][1]   -0.00959273 
_atom_sites.fract_transf_matrix[2][2]   -0.01524603 
_atom_sites.fract_transf_matrix[2][3]   -0.01479980 
_atom_sites.fract_transf_matrix[3][1]   0.01796953 
_atom_sites.fract_transf_matrix[3][2]   -0.00692885 
_atom_sites.fract_transf_matrix[3][3]   -0.00450948 
_atom_sites.fract_transf_vector[1]      -0.000978 
_atom_sites.fract_transf_vector[2]      -0.105108 
_atom_sites.fract_transf_vector[3]      0.253371 
_atom_sites.solution_primary            ? 
_atom_sites.solution_secondary          ? 
_atom_sites.solution_hydrogens          ? 
_atom_sites.special_details             ? 
# 
loop_
_atom_type.symbol 
C  
CO 
N  
O  
P  
# 
loop_
_atom_site.group_PDB 
_atom_site.id 
_atom_site.type_symbol 
_atom_site.label_atom_id 
_atom_site.label_alt_id 
_atom_site.label_comp_id 
_atom_site.label_asym_id 
_atom_site.label_entity_id 
_atom_site.label_seq_id 
_atom_site.pdbx_PDB_ins_code 
_atom_site.Cartn_x 
_atom_site.Cartn_y 
_atom_site.Cartn_z 
_atom_site.occupancy 
_atom_site.B_iso_or_equiv 
_atom_site.pdbx_formal_charge 
_atom_site.auth_seq_id 
_atom_site.auth_comp_id 
_atom_site.auth_asym_id 
_atom_site.auth_atom_id 
_atom_site.pdbx_PDB_model_num 
ATOM   1    O  "O5'" . G   A 1 1  ? 11.031  3.463   -0.938  1.00 63.76  ? 1   G   A "O5'" 1 
ATOM   2    C  "C5'" . G   A 1 1  ? 10.235  4.325   -0.139  1.00 58.67  ? 1   G   A "C5'" 1 
ATOM   3    C  "C4'" . G   A 1 1  ? 8.829   3.801   -0.019  1.00 57.03  ? 1   G   A "C4'" 1 
ATOM   4    O  "O4'" . G   A 1 1  ? 8.303   3.549   -1.346  1.00 59.26  ? 1   G   A "O4'" 1 
ATOM   5    C  "C3'" . G   A 1 1  ? 8.667   2.460   0.674   1.00 59.97  ? 1   G   A "C3'" 1 
ATOM   6    O  "O3'" . G   A 1 1  ? 8.755   2.508   2.092   1.00 69.57  ? 1   G   A "O3'" 1 
ATOM   7    C  "C2'" . G   A 1 1  ? 7.325   1.990   0.132   1.00 59.74  ? 1   G   A "C2'" 1 
ATOM   8    O  "O2'" . G   A 1 1  ? 6.264   2.746   0.699   1.00 57.74  ? 1   G   A "O2'" 1 
ATOM   9    C  "C1'" . G   A 1 1  ? 7.444   2.425   -1.318  1.00 57.17  ? 1   G   A "C1'" 1 
ATOM   10   N  N9    . G   A 1 1  ? 7.994   1.371   -2.193  1.00 51.30  ? 1   G   A N9    1 
ATOM   11   C  C8    . G   A 1 1  ? 9.184   1.408   -2.862  1.00 50.06  ? 1   G   A C8    1 
ATOM   12   N  N7    . G   A 1 1  ? 9.384   0.346   -3.586  1.00 51.81  ? 1   G   A N7    1 
ATOM   13   C  C5    . G   A 1 1  ? 8.261   -0.442  -3.403  1.00 55.06  ? 1   G   A C5    1 
ATOM   14   C  C6    . G   A 1 1  ? 7.924   -1.723  -3.936  1.00 58.41  ? 1   G   A C6    1 
ATOM   15   O  O6    . G   A 1 1  ? 8.557   -2.455  -4.710  1.00 59.61  ? 1   G   A O6    1 
ATOM   16   N  N1    . G   A 1 1  ? 6.694   -2.165  -3.483  1.00 55.57  ? 1   G   A N1    1 
ATOM   17   C  C2    . G   A 1 1  ? 5.896   -1.458  -2.625  1.00 56.32  ? 1   G   A C2    1 
ATOM   18   N  N2    . G   A 1 1  ? 4.743   -2.064  -2.303  1.00 59.28  ? 1   G   A N2    1 
ATOM   19   N  N3    . G   A 1 1  ? 6.198   -0.268  -2.114  1.00 53.96  ? 1   G   A N3    1 
ATOM   20   C  C4    . G   A 1 1  ? 7.393   0.183   -2.542  1.00 52.98  ? 1   G   A C4    1 
ATOM   21   P  P     . G   A 1 2  ? 9.375   1.254   2.896   1.00 73.26  ? 2   G   A P     1 
ATOM   22   O  OP1   . G   A 1 2  ? 9.498   1.680   4.314   1.00 60.46  ? 2   G   A OP1   1 
ATOM   23   O  OP2   . G   A 1 2  ? 10.600  0.788   2.195   1.00 61.10  ? 2   G   A OP2   1 
ATOM   24   O  "O5'" . G   A 1 2  ? 8.249   0.129   2.761   1.00 56.71  ? 2   G   A "O5'" 1 
ATOM   25   C  "C5'" . G   A 1 2  ? 6.951   0.390   3.267   1.00 56.93  ? 2   G   A "C5'" 1 
ATOM   26   C  "C4'" . G   A 1 2  ? 5.988   -0.745  3.035   1.00 57.19  ? 2   G   A "C4'" 1 
ATOM   27   O  "O4'" . G   A 1 2  ? 5.767   -0.945  1.622   1.00 58.55  ? 2   G   A "O4'" 1 
ATOM   28   C  "C3'" . G   A 1 2  ? 6.435   -2.098  3.525   1.00 59.15  ? 2   G   A "C3'" 1 
ATOM   29   O  "O3'" . G   A 1 2  ? 6.262   -2.255  4.913   1.00 61.88  ? 2   G   A "O3'" 1 
ATOM   30   C  "C2'" . G   A 1 2  ? 5.600   -3.048  2.682   1.00 56.23  ? 2   G   A "C2'" 1 
ATOM   31   O  "O2'" . G   A 1 2  ? 4.258   -3.105  3.144   1.00 53.25  ? 2   G   A "O2'" 1 
ATOM   32   C  "C1'" . G   A 1 2  ? 5.610   -2.321  1.353   1.00 56.07  ? 2   G   A "C1'" 1 
ATOM   33   N  N9    . G   A 1 2  ? 6.746   -2.719  0.516   1.00 59.07  ? 2   G   A N9    1 
ATOM   34   C  C8    . G   A 1 2  ? 7.868   -1.946  0.343   1.00 57.28  ? 2   G   A C8    1 
ATOM   35   N  N7    . G   A 1 2  ? 8.722   -2.504  -0.468  1.00 58.89  ? 2   G   A N7    1 
ATOM   36   C  C5    . G   A 1 2  ? 8.117   -3.694  -0.850  1.00 56.00  ? 2   G   A C5    1 
ATOM   37   C  C6    . G   A 1 2  ? 8.587   -4.689  -1.723  1.00 55.99  ? 2   G   A C6    1 
ATOM   38   O  O6    . G   A 1 2  ? 9.661   -4.713  -2.347  1.00 60.45  ? 2   G   A O6    1 
ATOM   39   N  N1    . G   A 1 2  ? 7.677   -5.731  -1.822  1.00 57.63  ? 2   G   A N1    1 
ATOM   40   C  C2    . G   A 1 2  ? 6.470   -5.813  -1.181  1.00 54.75  ? 2   G   A C2    1 
ATOM   41   N  N2    . G   A 1 2  ? 5.753   -6.923  -1.434  1.00 49.79  ? 2   G   A N2    1 
ATOM   42   N  N3    . G   A 1 2  ? 6.018   -4.877  -0.364  1.00 55.02  ? 2   G   A N3    1 
ATOM   43   C  C4    . G   A 1 2  ? 6.892   -3.855  -0.249  1.00 55.61  ? 2   G   A C4    1 
ATOM   44   P  P     . C   A 1 3  ? 7.255   -3.217  5.706   1.00 75.29  ? 3   C   A P     1 
ATOM   45   O  OP1   . C   A 1 3  ? 6.794   -3.076  7.113   1.00 71.61  ? 3   C   A OP1   1 
ATOM   46   O  OP2   . C   A 1 3  ? 8.671   -2.915  5.351   1.00 58.61  ? 3   C   A OP2   1 
ATOM   47   O  "O5'" . C   A 1 3  ? 6.926   -4.666  5.106   1.00 55.04  ? 3   C   A "O5'" 1 
ATOM   48   C  "C5'" . C   A 1 3  ? 5.658   -5.258  5.319   1.00 53.16  ? 3   C   A "C5'" 1 
ATOM   49   C  "C4'" . C   A 1 3  ? 5.534   -6.596  4.647   1.00 52.57  ? 3   C   A "C4'" 1 
ATOM   50   O  "O4'" . C   A 1 3  ? 5.659   -6.453  3.214   1.00 52.10  ? 3   C   A "O4'" 1 
ATOM   51   C  "C3'" . C   A 1 3  ? 6.593   -7.620  4.991   1.00 58.33  ? 3   C   A "C3'" 1 
ATOM   52   O  "O3'" . C   A 1 3  ? 6.396   -8.237  6.244   1.00 62.67  ? 3   C   A "O3'" 1 
ATOM   53   C  "C2'" . C   A 1 3  ? 6.496   -8.585  3.826   1.00 57.39  ? 3   C   A "C2'" 1 
ATOM   54   O  "O2'" . C   A 1 3  ? 5.385   -9.454  4.000   1.00 59.52  ? 3   C   A "O2'" 1 
ATOM   55   C  "C1'" . C   A 1 3  ? 6.228   -7.624  2.668   1.00 52.82  ? 3   C   A "C1'" 1 
ATOM   56   N  N1    . C   A 1 3  ? 7.484   -7.251  1.985   1.00 54.55  ? 3   C   A N1    1 
ATOM   57   C  C2    . C   A 1 3  ? 8.057   -8.096  1.013   1.00 51.87  ? 3   C   A C2    1 
ATOM   58   O  O2    . C   A 1 3  ? 7.519   -9.161  0.710   1.00 47.97  ? 3   C   A O2    1 
ATOM   59   N  N3    . C   A 1 3  ? 9.207   -7.729  0.409   1.00 53.48  ? 3   C   A N3    1 
ATOM   60   C  C4    . C   A 1 3  ? 9.791   -6.579  0.755   1.00 53.35  ? 3   C   A C4    1 
ATOM   61   N  N4    . C   A 1 3  ? 10.925  -6.254  0.141   1.00 50.26  ? 3   C   A N4    1 
ATOM   62   C  C5    . C   A 1 3  ? 9.240   -5.704  1.741   1.00 55.12  ? 3   C   A C5    1 
ATOM   63   C  C6    . C   A 1 3  ? 8.092   -6.074  2.323   1.00 54.60  ? 3   C   A C6    1 
HETATM 64   P  P     . 2PR A 1 4  ? 7.673   -8.710  7.090   1.00 73.67  ? 4   2PR A P     1 
HETATM 65   O  OP1   . 2PR A 1 4  ? 7.133   -9.594  8.222   1.00 75.02  ? 4   2PR A OP1   1 
HETATM 66   O  OP2   . 2PR A 1 4  ? 8.457   -7.505  7.436   1.00 55.13  ? 4   2PR A OP2   1 
HETATM 67   O  "O5'" . 2PR A 1 4  ? 8.445   -9.685  6.092   1.00 54.73  ? 4   2PR A "O5'" 1 
HETATM 68   C  "C5'" . 2PR A 1 4  ? 7.892   -10.957 5.826   1.00 52.16  ? 4   2PR A "C5'" 1 
HETATM 69   C  "C4'" . 2PR A 1 4  ? 8.734   -11.750 4.878   1.00 55.52  ? 4   2PR A "C4'" 1 
HETATM 70   O  "O4'" . 2PR A 1 4  ? 8.772   -11.106 3.582   1.00 56.71  ? 4   2PR A "O4'" 1 
HETATM 71   C  "C3'" . 2PR A 1 4  ? 10.198  -11.895 5.230   1.00 58.41  ? 4   2PR A "C3'" 1 
HETATM 72   O  "O3'" . 2PR A 1 4  ? 10.461  -12.791 6.291   1.00 61.38  ? 4   2PR A "O3'" 1 
HETATM 73   C  "C2'" . 2PR A 1 4  ? 10.791  -12.293 3.894   1.00 55.21  ? 4   2PR A "C2'" 1 
HETATM 74   C  "C1'" . 2PR A 1 4  ? 10.024  -11.346 2.977   1.00 54.25  ? 4   2PR A "C1'" 1 
HETATM 75   N  N9    . 2PR A 1 4  ? 10.741  -10.075 2.926   1.00 52.53  ? 4   2PR A N9    1 
HETATM 76   C  C8    . 2PR A 1 4  ? 10.522  -8.918  3.661   1.00 52.64  ? 4   2PR A C8    1 
HETATM 77   N  N7    . 2PR A 1 4  ? 11.442  -7.998  3.357   1.00 52.34  ? 4   2PR A N7    1 
HETATM 78   C  C5    . 2PR A 1 4  ? 12.275  -8.634  2.421   1.00 46.61  ? 4   2PR A C5    1 
HETATM 79   C  C6    . 2PR A 1 4  ? 13.398  -8.299  1.697   1.00 48.89  ? 4   2PR A C6    1 
HETATM 80   N  N1    . 2PR A 1 4  ? 14.011  -9.121  0.842   1.00 50.50  ? 4   2PR A N1    1 
HETATM 81   C  C2    . 2PR A 1 4  ? 13.485  -10.395 0.682   1.00 48.69  ? 4   2PR A C2    1 
HETATM 82   N  N2    . 2PR A 1 4  ? 14.124  -11.272 -0.195  1.00 48.07  ? 4   2PR A N2    1 
HETATM 83   N  N3    . 2PR A 1 4  ? 12.382  -10.832 1.337   1.00 50.12  ? 4   2PR A N3    1 
HETATM 84   C  C4    . 2PR A 1 4  ? 11.842  -9.935  2.161   1.00 47.45  ? 4   2PR A C4    1 
HETATM 85   P  P     . 2PR A 1 5  ? 11.318  -12.258 7.534   1.00 75.01  ? 5   2PR A P     1 
HETATM 86   O  OP1   . 2PR A 1 5  ? 10.443  -12.009 8.772   1.00 71.71  ? 5   2PR A OP1   1 
HETATM 87   O  OP2   . 2PR A 1 5  ? 12.144  -11.152 7.009   1.00 67.48  ? 5   2PR A OP2   1 
HETATM 88   O  "O5'" . 2PR A 1 5  ? 12.288  -13.574 7.951   1.00 66.95  ? 5   2PR A "O5'" 1 
HETATM 89   C  "C5'" . 2PR A 1 5  ? 13.104  -14.183 7.080   1.00 64.63  ? 5   2PR A "C5'" 1 
HETATM 90   C  "C4'" . 2PR A 1 5  ? 13.916  -15.155 7.943   1.00 66.21  ? 5   2PR A "C4'" 1 
HETATM 91   O  "O4'" . 2PR A 1 5  ? 14.572  -16.160 7.173   1.00 67.49  ? 5   2PR A "O4'" 1 
HETATM 92   C  "C3'" . 2PR A 1 5  ? 14.992  -14.427 8.756   1.00 66.94  ? 5   2PR A "C3'" 1 
HETATM 93   O  "O3'" . 2PR A 1 5  ? 15.332  -15.247 9.866   1.00 72.79  ? 5   2PR A "O3'" 1 
HETATM 94   C  "C2'" . 2PR A 1 5  ? 16.245  -14.652 7.865   1.00 65.32  ? 5   2PR A "C2'" 1 
HETATM 95   C  "C1'" . 2PR A 1 5  ? 15.983  -16.074 7.361   1.00 60.22  ? 5   2PR A "C1'" 1 
HETATM 96   N  N9    . 2PR A 1 5  ? 16.419  -16.266 5.970   1.00 55.48  ? 5   2PR A N9    1 
HETATM 97   C  C8    . 2PR A 1 5  ? 17.147  -17.368 5.483   1.00 59.12  ? 5   2PR A C8    1 
HETATM 98   N  N7    . 2PR A 1 5  ? 17.373  -17.278 4.169   1.00 60.57  ? 5   2PR A N7    1 
HETATM 99   C  C5    . 2PR A 1 5  ? 16.739  -16.058 3.757   1.00 57.72  ? 5   2PR A C5    1 
HETATM 100  C  C6    . 2PR A 1 5  ? 16.581  -15.373 2.535   1.00 50.41  ? 5   2PR A C6    1 
HETATM 101  N  N1    . 2PR A 1 5  ? 15.932  -14.212 2.402   1.00 53.26  ? 5   2PR A N1    1 
HETATM 102  C  C2    . 2PR A 1 5  ? 15.355  -13.630 3.572   1.00 57.73  ? 5   2PR A C2    1 
HETATM 103  N  N2    . 2PR A 1 5  ? 14.641  -12.379 3.441   1.00 53.46  ? 5   2PR A N2    1 
HETATM 104  N  N3    . 2PR A 1 5  ? 15.448  -14.220 4.832   1.00 59.29  ? 5   2PR A N3    1 
HETATM 105  C  C4    . 2PR A 1 5  ? 16.127  -15.402 4.877   1.00 56.73  ? 5   2PR A C4    1 
HETATM 106  P  P     . 2PR A 1 6  ? 14.482  -15.164 11.228  1.00 81.09  ? 6   2PR A P     1 
HETATM 107  O  OP1   . 2PR A 1 6  ? 14.489  -13.725 11.764  1.00 77.06  ? 6   2PR A OP1   1 
HETATM 108  O  OP2   . 2PR A 1 6  ? 14.944  -16.234 12.128  1.00 84.50  ? 6   2PR A OP2   1 
HETATM 109  O  "O5'" . 2PR A 1 6  ? 12.818  -15.491 10.728  1.00 79.75  ? 6   2PR A "O5'" 1 
HETATM 110  C  "C5'" . 2PR A 1 6  ? 11.886  -16.214 11.443  1.00 79.93  ? 6   2PR A "C5'" 1 
HETATM 111  C  "C4'" . 2PR A 1 6  ? 10.662  -15.280 11.906  1.00 77.34  ? 6   2PR A "C4'" 1 
HETATM 112  O  "O4'" . 2PR A 1 6  ? 11.035  -14.276 12.826  1.00 75.23  ? 6   2PR A "O4'" 1 
HETATM 113  C  "C3'" . 2PR A 1 6  ? 9.888   -14.549 10.751  1.00 73.17  ? 6   2PR A "C3'" 1 
HETATM 114  O  "O3'" . 2PR A 1 6  ? 8.608   -15.140 10.625  1.00 71.38  ? 6   2PR A "O3'" 1 
HETATM 115  C  "C2'" . 2PR A 1 6  ? 9.503   -13.170 11.379  1.00 75.60  ? 6   2PR A "C2'" 1 
HETATM 116  C  "C1'" . 2PR A 1 6  ? 9.959   -13.349 12.862  1.00 79.50  ? 6   2PR A "C1'" 1 
HETATM 117  N  N9    . 2PR A 1 6  ? 10.610  -12.122 13.406  1.00 84.06  ? 6   2PR A N9    1 
HETATM 118  C  C8    . 2PR A 1 6  ? 11.858  -11.534 13.022  1.00 86.92  ? 6   2PR A C8    1 
HETATM 119  N  N7    . 2PR A 1 6  ? 12.146  -10.435 13.743  1.00 82.59  ? 6   2PR A N7    1 
HETATM 120  C  C5    . 2PR A 1 6  ? 11.053  -10.283 14.652  1.00 89.22  ? 6   2PR A C5    1 
HETATM 121  C  C6    . 2PR A 1 6  ? 10.701  -9.364  15.675  1.00 91.25  ? 6   2PR A C6    1 
HETATM 122  N  N1    . 2PR A 1 6  ? 9.567   -9.445  16.421  1.00 89.76  ? 6   2PR A N1    1 
HETATM 123  C  C2    . 2PR A 1 6  ? 8.668   -10.527 16.151  1.00 90.99  ? 6   2PR A C2    1 
HETATM 124  N  N2    . 2PR A 1 6  ? 7.481   -10.622 16.921  1.00 81.89  ? 6   2PR A N2    1 
HETATM 125  N  N3    . 2PR A 1 6  ? 8.897   -11.496 15.169  1.00 91.21  ? 6   2PR A N3    1 
HETATM 126  C  C4    . 2PR A 1 6  ? 10.074  -11.339 14.462  1.00 89.66  ? 6   2PR A C4    1 
HETATM 127  P  P     . 2PR A 1 7  ? 8.467   -16.636 10.051  1.00 79.87  ? 7   2PR A P     1 
HETATM 128  O  OP1   . 2PR A 1 7  ? 6.997   -16.970 9.754   1.00 67.14  ? 7   2PR A OP1   1 
HETATM 129  O  OP2   . 2PR A 1 7  ? 9.275   -17.557 10.875  1.00 80.08  ? 7   2PR A OP2   1 
HETATM 130  O  "O5'" . 2PR A 1 7  ? 9.082   -16.532 8.477   1.00 65.82  ? 7   2PR A "O5'" 1 
HETATM 131  C  "C5'" . 2PR A 1 7  ? 8.531   -15.656 7.619   1.00 66.82  ? 7   2PR A "C5'" 1 
HETATM 132  C  "C4'" . 2PR A 1 7  ? 9.179   -15.981 6.331   1.00 65.11  ? 7   2PR A "C4'" 1 
HETATM 133  O  "O4'" . 2PR A 1 7  ? 10.535  -16.232 6.589   1.00 69.75  ? 7   2PR A "O4'" 1 
HETATM 134  C  "C3'" . 2PR A 1 7  ? 8.563   -17.275 5.764   1.00 63.35  ? 7   2PR A "C3'" 1 
HETATM 135  O  "O3'" . 2PR A 1 7  ? 8.612   -17.166 4.370   1.00 62.22  ? 7   2PR A "O3'" 1 
HETATM 136  C  "C2'" . 2PR A 1 7  ? 9.676   -18.327 5.928   1.00 62.38  ? 7   2PR A "C2'" 1 
HETATM 137  C  "C1'" . 2PR A 1 7  ? 10.889  -17.398 5.858   1.00 69.28  ? 7   2PR A "C1'" 1 
HETATM 138  N  N9    . 2PR A 1 7  ? 11.992  -18.042 6.602   1.00 67.67  ? 7   2PR A N9    1 
HETATM 139  C  C8    . 2PR A 1 7  ? 12.174  -18.168 8.006   1.00 69.59  ? 7   2PR A C8    1 
HETATM 140  N  N7    . 2PR A 1 7  ? 13.309  -18.827 8.288   1.00 68.87  ? 7   2PR A N7    1 
HETATM 141  C  C5    . 2PR A 1 7  ? 13.877  -19.134 7.017   1.00 60.47  ? 7   2PR A C5    1 
HETATM 142  C  C6    . 2PR A 1 7  ? 15.019  -19.784 6.560   1.00 60.85  ? 7   2PR A C6    1 
HETATM 143  N  N1    . 2PR A 1 7  ? 15.343  -19.945 5.272   1.00 58.79  ? 7   2PR A N1    1 
HETATM 144  C  C2    . 2PR A 1 7  ? 14.476  -19.418 4.303   1.00 59.56  ? 7   2PR A C2    1 
HETATM 145  N  N2    . 2PR A 1 7  ? 14.804  -19.578 2.921   1.00 56.82  ? 7   2PR A N2    1 
HETATM 146  N  N3    . 2PR A 1 7  ? 13.323  -18.754 4.631   1.00 62.28  ? 7   2PR A N3    1 
HETATM 147  C  C4    . 2PR A 1 7  ? 13.074  -18.647 5.958   1.00 61.46  ? 7   2PR A C4    1 
ATOM   148  P  P     . A   A 1 8  ? 7.269   -16.914 3.525   1.00 72.81  ? 8   A   A P     1 
ATOM   149  O  OP1   . A   A 1 8  ? 6.317   -16.125 4.367   1.00 59.25  ? 8   A   A OP1   1 
ATOM   150  O  OP2   . A   A 1 8  ? 6.888   -18.213 2.894   1.00 55.72  ? 8   A   A OP2   1 
ATOM   151  O  "O5'" . A   A 1 8  ? 7.772   -15.988 2.332   1.00 68.24  ? 8   A   A "O5'" 1 
ATOM   152  C  "C5'" . A   A 1 8  ? 7.063   -14.823 1.936   1.00 63.99  ? 8   A   A "C5'" 1 
ATOM   153  C  "C4'" . A   A 1 8  ? 7.232   -14.588 0.459   1.00 60.08  ? 8   A   A "C4'" 1 
ATOM   154  O  "O4'" . A   A 1 8  ? 8.647   -14.554 0.127   1.00 59.01  ? 8   A   A "O4'" 1 
ATOM   155  C  "C3'" . A   A 1 8  ? 6.682   -15.691 -0.418  1.00 61.56  ? 8   A   A "C3'" 1 
ATOM   156  O  "O3'" . A   A 1 8  ? 5.296   -15.591 -0.631  1.00 59.40  ? 8   A   A "O3'" 1 
ATOM   157  C  "C2'" . A   A 1 8  ? 7.506   -15.552 -1.682  1.00 62.00  ? 8   A   A "C2'" 1 
ATOM   158  O  "O2'" . A   A 1 8  ? 7.049   -14.453 -2.450  1.00 61.59  ? 8   A   A "O2'" 1 
ATOM   159  C  "C1'" . A   A 1 8  ? 8.870   -15.217 -1.096  1.00 57.63  ? 8   A   A "C1'" 1 
ATOM   160  N  N9    . A   A 1 8  ? 9.590   -16.453 -0.795  1.00 51.47  ? 8   A   A N9    1 
ATOM   161  C  C8    . A   A 1 8  ? 9.829   -16.985 0.439   1.00 53.39  ? 8   A   A C8    1 
ATOM   162  N  N7    . A   A 1 8  ? 10.482  -18.115 0.400   1.00 54.94  ? 8   A   A N7    1 
ATOM   163  C  C5    . A   A 1 8  ? 10.668  -18.342 -0.955  1.00 54.28  ? 8   A   A C5    1 
ATOM   164  C  C6    . A   A 1 8  ? 11.293  -19.389 -1.658  1.00 54.60  ? 8   A   A C6    1 
ATOM   165  N  N6    . A   A 1 8  ? 11.857  -20.427 -1.046  1.00 51.58  ? 8   A   A N6    1 
ATOM   166  N  N1    . A   A 1 8  ? 11.312  -19.322 -3.014  1.00 51.78  ? 8   A   A N1    1 
ATOM   167  C  C2    . A   A 1 8  ? 10.728  -18.256 -3.593  1.00 55.79  ? 8   A   A C2    1 
ATOM   168  N  N3    . A   A 1 8  ? 10.104  -17.214 -3.036  1.00 55.00  ? 8   A   A N3    1 
ATOM   169  C  C4    . A   A 1 8  ? 10.108  -17.324 -1.702  1.00 52.50  ? 8   A   A C4    1 
ATOM   170  P  P     . A   A 1 9  ? 4.503   -16.863 -1.187  1.00 76.34  ? 9   A   A P     1 
ATOM   171  O  OP1   . A   A 1 9  ? 3.071   -16.471 -1.151  1.00 78.71  ? 9   A   A OP1   1 
ATOM   172  O  OP2   . A   A 1 9  ? 4.943   -18.125 -0.541  1.00 62.81  ? 9   A   A OP2   1 
ATOM   173  O  "O5'" . A   A 1 9  ? 5.019   -17.006 -2.681  1.00 58.56  ? 9   A   A "O5'" 1 
ATOM   174  C  "C5'" . A   A 1 9  ? 4.617   -16.104 -3.689  1.00 57.09  ? 9   A   A "C5'" 1 
ATOM   175  C  "C4'" . A   A 1 9  ? 5.320   -16.457 -4.956  1.00 55.38  ? 9   A   A "C4'" 1 
ATOM   176  O  "O4'" . A   A 1 9  ? 6.717   -16.643 -4.648  1.00 53.36  ? 9   A   A "O4'" 1 
ATOM   177  C  "C3'" . A   A 1 9  ? 4.886   -17.776 -5.561  1.00 57.40  ? 9   A   A "C3'" 1 
ATOM   178  O  "O3'" . A   A 1 9  ? 3.764   -17.637 -6.399  1.00 58.84  ? 9   A   A "O3'" 1 
ATOM   179  C  "C2'" . A   A 1 9  ? 6.136   -18.263 -6.274  1.00 59.31  ? 9   A   A "C2'" 1 
ATOM   180  O  "O2'" . A   A 1 9  ? 6.294   -17.622 -7.526  1.00 60.45  ? 9   A   A "O2'" 1 
ATOM   181  C  "C1'" . A   A 1 9  ? 7.223   -17.766 -5.332  1.00 57.80  ? 9   A   A "C1'" 1 
ATOM   182  N  N9    . A   A 1 9  ? 7.573   -18.781 -4.326  1.00 57.58  ? 9   A   A N9    1 
ATOM   183  C  C8    . A   A 1 9  ? 7.346   -18.705 -2.975  1.00 55.78  ? 9   A   A C8    1 
ATOM   184  N  N7    . A   A 1 9  ? 7.772   -19.759 -2.339  1.00 57.18  ? 9   A   A N7    1 
ATOM   185  C  C5    . A   A 1 9  ? 8.312   -20.579 -3.327  1.00 56.03  ? 9   A   A C5    1 
ATOM   186  C  C6    . A   A 1 9  ? 8.927   -21.849 -3.281  1.00 57.65  ? 9   A   A C6    1 
ATOM   187  N  N6    . A   A 1 9  ? 9.108   -22.555 -2.155  1.00 56.23  ? 9   A   A N6    1 
ATOM   188  N  N1    . A   A 1 9  ? 9.349   -22.371 -4.456  1.00 59.92  ? 9   A   A N1    1 
ATOM   189  C  C2    . A   A 1 9  ? 9.162   -21.661 -5.584  1.00 56.15  ? 9   A   A C2    1 
ATOM   190  N  N3    . A   A 1 9  ? 8.597   -20.468 -5.747  1.00 54.07  ? 9   A   A N3    1 
ATOM   191  C  C4    . A   A 1 9  ? 8.190   -19.982 -4.564  1.00 54.97  ? 9   A   A C4    1 
ATOM   192  P  P     . C   A 1 10 ? 2.449   -18.490 -6.093  1.00 64.32  ? 10  C   A P     1 
ATOM   193  O  OP1   . C   A 1 10 ? 1.484   -18.201 -7.185  1.00 53.66  ? 10  C   A OP1   1 
ATOM   194  O  OP2   . C   A 1 10 ? 2.056   -18.284 -4.674  1.00 49.20  ? 10  C   A OP2   1 
ATOM   195  O  "O5'" . C   A 1 10 ? 2.938   -19.980 -6.331  1.00 60.23  ? 10  C   A "O5'" 1 
ATOM   196  C  "C5'" . C   A 1 10 ? 3.397   -20.379 -7.615  1.00 60.38  ? 10  C   A "C5'" 1 
ATOM   197  C  "C4'" . C   A 1 10 ? 4.168   -21.672 -7.552  1.00 65.84  ? 10  C   A "C4'" 1 
ATOM   198  O  "O4'" . C   A 1 10 ? 5.319   -21.503 -6.684  1.00 63.51  ? 10  C   A "O4'" 1 
ATOM   199  C  "C3'" . C   A 1 10 ? 3.439   -22.860 -6.942  1.00 69.74  ? 10  C   A "C3'" 1 
ATOM   200  O  "O3'" . C   A 1 10 ? 2.518   -23.500 -7.808  1.00 71.24  ? 10  C   A "O3'" 1 
ATOM   201  C  "C2'" . C   A 1 10 ? 4.589   -23.745 -6.503  1.00 62.82  ? 10  C   A "C2'" 1 
ATOM   202  O  "O2'" . C   A 1 10 ? 5.187   -24.360 -7.634  1.00 68.95  ? 10  C   A "O2'" 1 
ATOM   203  C  "C1'" . C   A 1 10 ? 5.562   -22.701 -5.975  1.00 58.34  ? 10  C   A "C1'" 1 
ATOM   204  N  N1    . C   A 1 10 ? 5.359   -22.443 -4.542  1.00 51.03  ? 10  C   A N1    1 
ATOM   205  C  C2    . C   A 1 10 ? 5.845   -23.389 -3.651  1.00 55.01  ? 10  C   A C2    1 
ATOM   206  O  O2    . C   A 1 10 ? 6.416   -24.395 -4.110  1.00 52.13  ? 10  C   A O2    1 
ATOM   207  N  N3    . C   A 1 10 ? 5.678   -23.166 -2.322  1.00 56.97  ? 10  C   A N3    1 
ATOM   208  C  C4    . C   A 1 10 ? 5.057   -22.051 -1.907  1.00 55.09  ? 10  C   A C4    1 
ATOM   209  N  N4    . C   A 1 10 ? 4.910   -21.858 -0.599  1.00 54.20  ? 10  C   A N4    1 
ATOM   210  C  C5    . C   A 1 10 ? 4.565   -21.072 -2.807  1.00 52.03  ? 10  C   A C5    1 
ATOM   211  C  C6    . C   A 1 10 ? 4.740   -21.314 -4.107  1.00 53.68  ? 10  C   A C6    1 
ATOM   212  P  P     . C   A 1 11 ? 1.091   -23.950 -7.220  1.00 79.17  ? 11  C   A P     1 
ATOM   213  O  OP1   . C   A 1 11 ? 0.149   -24.081 -8.359  1.00 80.94  ? 11  C   A OP1   1 
ATOM   214  O  OP2   . C   A 1 11 ? 0.809   -23.118 -6.014  1.00 65.90  ? 11  C   A OP2   1 
ATOM   215  O  "O5'" . C   A 1 11 ? 1.325   -25.402 -6.625  1.00 74.87  ? 11  C   A "O5'" 1 
ATOM   216  C  "C5'" . C   A 1 11 ? 2.137   -26.359 -7.288  1.00 75.11  ? 11  C   A "C5'" 1 
ATOM   217  C  "C4'" . C   A 1 11 ? 2.473   -27.484 -6.349  1.00 72.14  ? 11  C   A "C4'" 1 
ATOM   218  O  "O4'" . C   A 1 11 ? 3.478   -27.042 -5.395  1.00 65.86  ? 11  C   A "O4'" 1 
ATOM   219  C  "C3'" . C   A 1 11 ? 1.315   -27.945 -5.478  1.00 76.32  ? 11  C   A "C3'" 1 
ATOM   220  O  "O3'" . C   A 1 11 ? 0.435   -28.830 -6.151  1.00 75.71  ? 11  C   A "O3'" 1 
ATOM   221  C  "C2'" . C   A 1 11 ? 2.019   -28.555 -4.272  1.00 70.19  ? 11  C   A "C2'" 1 
ATOM   222  O  "O2'" . C   A 1 11 ? 2.445   -29.880 -4.556  1.00 77.75  ? 11  C   A "O2'" 1 
ATOM   223  C  "C1'" . C   A 1 11 ? 3.253   -27.649 -4.141  1.00 63.29  ? 11  C   A "C1'" 1 
ATOM   224  N  N1    . C   A 1 11 ? 3.033   -26.590 -3.147  1.00 52.70  ? 11  C   A N1    1 
ATOM   225  C  C2    . C   A 1 11 ? 3.078   -26.948 -1.813  1.00 59.73  ? 11  C   A C2    1 
ATOM   226  O  O2    . C   A 1 11 ? 3.329   -28.120 -1.530  1.00 65.60  ? 11  C   A O2    1 
ATOM   227  N  N3    . C   A 1 11 ? 2.855   -26.021 -0.857  1.00 57.85  ? 11  C   A N3    1 
ATOM   228  C  C4    . C   A 1 11 ? 2.587   -24.779 -1.216  1.00 52.65  ? 11  C   A C4    1 
ATOM   229  N  N4    . C   A 1 11 ? 2.374   -23.909 -0.241  1.00 51.62  ? 11  C   A N4    1 
ATOM   230  C  C5    . C   A 1 11 ? 2.533   -24.386 -2.579  1.00 54.51  ? 11  C   A C5    1 
ATOM   231  C  C6    . C   A 1 11 ? 2.758   -25.313 -3.514  1.00 56.65  ? 11  C   A C6    1 
ATOM   232  P  P     . G   A 1 12 ? -1.148  -28.728 -5.905  1.00 86.08  ? 12  G   A P     1 
ATOM   233  O  OP1   . G   A 1 12 ? -1.792  -29.519 -6.984  1.00 83.03  ? 12  G   A OP1   1 
ATOM   234  O  OP2   . G   A 1 12 ? -1.515  -27.297 -5.774  1.00 92.14  ? 12  G   A OP2   1 
ATOM   235  O  "O5'" . G   A 1 12 ? -1.365  -29.361 -4.455  1.00 68.22  ? 12  G   A "O5'" 1 
ATOM   236  C  "C5'" . G   A 1 12 ? -0.886  -30.661 -4.159  1.00 70.13  ? 12  G   A "C5'" 1 
ATOM   237  C  "C4'" . G   A 1 12 ? -0.868  -30.948 -2.676  1.00 72.74  ? 12  G   A "C4'" 1 
ATOM   238  O  "O4'" . G   A 1 12 ? 0.148   -30.163 -2.006  1.00 78.84  ? 12  G   A "O4'" 1 
ATOM   239  C  "C3'" . G   A 1 12 ? -2.132  -30.637 -1.896  1.00 72.14  ? 12  G   A "C3'" 1 
ATOM   240  O  "O3'" . G   A 1 12 ? -3.145  -31.607 -2.084  1.00 76.58  ? 12  G   A "O3'" 1 
ATOM   241  C  "C2'" . G   A 1 12 ? -1.623  -30.563 -0.459  1.00 65.46  ? 12  G   A "C2'" 1 
ATOM   242  O  "O2'" . G   A 1 12 ? -1.520  -31.852 0.114   1.00 68.05  ? 12  G   A "O2'" 1 
ATOM   243  C  "C1'" . G   A 1 12 ? -0.217  -29.979 -0.650  1.00 70.94  ? 12  G   A "C1'" 1 
ATOM   244  N  N9    . G   A 1 12 ? -0.220  -28.548 -0.334  1.00 63.81  ? 12  G   A N9    1 
ATOM   245  C  C8    . G   A 1 12 ? -0.155  -27.495 -1.204  1.00 63.74  ? 12  G   A C8    1 
ATOM   246  N  N7    . G   A 1 12 ? -0.237  -26.349 -0.587  1.00 62.15  ? 12  G   A N7    1 
ATOM   247  C  C5    . G   A 1 12 ? -0.372  -26.687 0.749   1.00 59.77  ? 12  G   A C5    1 
ATOM   248  C  C6    . G   A 1 12 ? -0.500  -25.875 1.891   1.00 61.64  ? 12  G   A C6    1 
ATOM   249  O  O6    . G   A 1 12 ? -0.523  -24.654 1.961   1.00 67.48  ? 12  G   A O6    1 
ATOM   250  N  N1    . G   A 1 12 ? -0.616  -26.600 3.060   1.00 58.81  ? 12  G   A N1    1 
ATOM   251  C  C2    . G   A 1 12 ? -0.614  -27.953 3.125   1.00 59.63  ? 12  G   A C2    1 
ATOM   252  N  N2    . G   A 1 12 ? -0.748  -28.448 4.362   1.00 58.08  ? 12  G   A N2    1 
ATOM   253  N  N3    . G   A 1 12 ? -0.495  -28.736 2.063   1.00 59.42  ? 12  G   A N3    1 
ATOM   254  C  C4    . G   A 1 12 ? -0.372  -28.038 0.922   1.00 58.22  ? 12  G   A C4    1 
ATOM   255  P  P     . G   A 1 13 ? -4.678  -31.291 -1.700  1.00 84.90  ? 13  G   A P     1 
ATOM   256  O  OP1   . G   A 1 13 ? -5.363  -32.602 -1.708  1.00 86.36  ? 13  G   A OP1   1 
ATOM   257  O  OP2   . G   A 1 13 ? -5.229  -30.199 -2.551  1.00 77.41  ? 13  G   A OP2   1 
ATOM   258  O  "O5'" . G   A 1 13 ? -4.607  -30.779 -0.197  1.00 56.38  ? 13  G   A "O5'" 1 
ATOM   259  C  "C5'" . G   A 1 13 ? -5.679  -31.001 0.698   1.00 58.68  ? 13  G   A "C5'" 1 
ATOM   260  C  "C4'" . G   A 1 13 ? -5.199  -30.832 2.108   1.00 61.04  ? 13  G   A "C4'" 1 
ATOM   261  O  "O4'" . G   A 1 13 ? -3.935  -30.132 2.071   1.00 62.66  ? 13  G   A "O4'" 1 
ATOM   262  C  "C3'" . G   A 1 13 ? -6.081  -29.985 3.013   1.00 62.29  ? 13  G   A "C3'" 1 
ATOM   263  O  "O3'" . G   A 1 13 ? -7.097  -30.736 3.636   1.00 66.49  ? 13  G   A "O3'" 1 
ATOM   264  C  "C2'" . G   A 1 13 ? -5.096  -29.403 4.009   1.00 65.42  ? 13  G   A "C2'" 1 
ATOM   265  O  "O2'" . G   A 1 13 ? -4.793  -30.342 5.029   1.00 63.39  ? 13  G   A "O2'" 1 
ATOM   266  C  "C1'" . G   A 1 13 ? -3.859  -29.213 3.138   1.00 64.83  ? 13  G   A "C1'" 1 
ATOM   267  N  N9    . G   A 1 13 ? -3.772  -27.856 2.573   1.00 58.39  ? 13  G   A N9    1 
ATOM   268  C  C8    . G   A 1 13 ? -3.544  -27.544 1.255   1.00 60.26  ? 13  G   A C8    1 
ATOM   269  N  N7    . G   A 1 13 ? -3.495  -26.266 1.040   1.00 60.43  ? 13  G   A N7    1 
ATOM   270  C  C5    . G   A 1 13 ? -3.693  -25.708 2.293   1.00 59.63  ? 13  G   A C5    1 
ATOM   271  C  C6    . G   A 1 13 ? -3.733  -24.344 2.671   1.00 63.23  ? 13  G   A C6    1 
ATOM   272  O  O6    . G   A 1 13 ? -3.599  -23.350 1.932   1.00 66.63  ? 13  G   A O6    1 
ATOM   273  N  N1    . G   A 1 13 ? -3.960  -24.214 4.047   1.00 59.08  ? 13  G   A N1    1 
ATOM   274  C  C2    . G   A 1 13 ? -4.114  -25.264 4.923   1.00 60.52  ? 13  G   A C2    1 
ATOM   275  N  N2    . G   A 1 13 ? -4.318  -24.944 6.201   1.00 61.58  ? 13  G   A N2    1 
ATOM   276  N  N3    . G   A 1 13 ? -4.072  -26.535 4.582   1.00 55.43  ? 13  G   A N3    1 
ATOM   277  C  C4    . G   A 1 13 ? -3.865  -26.677 3.259   1.00 55.20  ? 13  G   A C4    1 
ATOM   278  P  P     . G   A 1 14 ? -8.625  -30.515 3.222   1.00 76.02  ? 14  G   A P     1 
ATOM   279  O  OP1   . G   A 1 14 ? -9.440  -31.602 3.830   1.00 75.80  ? 14  G   A OP1   1 
ATOM   280  O  OP2   . G   A 1 14 ? -8.653  -30.254 1.755   1.00 60.73  ? 14  G   A OP2   1 
ATOM   281  O  "O5'" . G   A 1 14 ? -9.037  -29.207 4.016   1.00 69.58  ? 14  G   A "O5'" 1 
ATOM   282  C  "C5'" . G   A 1 14 ? -8.963  -29.165 5.429   1.00 66.64  ? 14  G   A "C5'" 1 
ATOM   283  C  "C4'" . G   A 1 14 ? -8.559  -27.794 5.886   1.00 66.32  ? 14  G   A "C4'" 1 
ATOM   284  O  "O4'" . G   A 1 14 ? -7.458  -27.353 5.069   1.00 65.08  ? 14  G   A "O4'" 1 
ATOM   285  C  "C3'" . G   A 1 14 ? -9.609  -26.710 5.709   1.00 73.92  ? 14  G   A "C3'" 1 
ATOM   286  O  "O3'" . G   A 1 14 ? -10.516 -26.669 6.794   1.00 76.80  ? 14  G   A "O3'" 1 
ATOM   287  C  "C2'" . G   A 1 14 ? -8.782  -25.433 5.560   1.00 63.57  ? 14  G   A "C2'" 1 
ATOM   288  O  "O2'" . G   A 1 14 ? -8.448  -24.904 6.837   1.00 64.12  ? 14  G   A "O2'" 1 
ATOM   289  C  "C1'" . G   A 1 14 ? -7.504  -25.955 4.912   1.00 60.85  ? 14  G   A "C1'" 1 
ATOM   290  N  N9    . G   A 1 14 ? -7.305  -25.612 3.489   1.00 60.82  ? 14  G   A N9    1 
ATOM   291  C  C8    . G   A 1 14 ? -7.259  -26.448 2.396   1.00 62.99  ? 14  G   A C8    1 
ATOM   292  N  N7    . G   A 1 14 ? -6.977  -25.839 1.273   1.00 58.07  ? 14  G   A N7    1 
ATOM   293  C  C5    . G   A 1 14 ? -6.796  -24.527 1.669   1.00 55.71  ? 14  G   A C5    1 
ATOM   294  C  C6    . G   A 1 14 ? -6.466  -23.400 0.911   1.00 55.19  ? 14  G   A C6    1 
ATOM   295  O  O6    . G   A 1 14 ? -6.275  -23.360 -0.303  1.00 60.28  ? 14  G   A O6    1 
ATOM   296  N  N1    . G   A 1 14 ? -6.372  -22.272 1.715   1.00 55.14  ? 14  G   A N1    1 
ATOM   297  C  C2    . G   A 1 14 ? -6.569  -22.242 3.073   1.00 57.25  ? 14  G   A C2    1 
ATOM   298  N  N2    . G   A 1 14 ? -6.445  -21.078 3.710   1.00 59.83  ? 14  G   A N2    1 
ATOM   299  N  N3    . G   A 1 14 ? -6.873  -23.286 3.790   1.00 57.52  ? 14  G   A N3    1 
ATOM   300  C  C4    . G   A 1 14 ? -6.974  -24.377 3.022   1.00 58.59  ? 14  G   A C4    1 
ATOM   301  P  P     . G   A 1 15 ? -11.936 -27.398 6.684   1.00 74.51  ? 15  G   A P     1 
ATOM   302  O  OP1   . G   A 1 15 ? -12.071 -28.192 7.928   1.00 70.21  ? 15  G   A OP1   1 
ATOM   303  O  OP2   . G   A 1 15 ? -12.093 -27.956 5.307   1.00 69.36  ? 15  G   A OP2   1 
ATOM   304  O  "O5'" . G   A 1 15 ? -12.993 -26.226 6.811   1.00 72.86  ? 15  G   A "O5'" 1 
ATOM   305  C  "C5'" . G   A 1 15 ? -12.830 -25.210 7.781   1.00 68.31  ? 15  G   A "C5'" 1 
ATOM   306  C  "C4'" . G   A 1 15 ? -12.738 -23.876 7.111   1.00 62.12  ? 15  G   A "C4'" 1 
ATOM   307  O  "O4'" . G   A 1 15 ? -11.787 -23.977 6.018   1.00 60.63  ? 15  G   A "O4'" 1 
ATOM   308  C  "C3'" . G   A 1 15 ? -14.046 -23.382 6.495   1.00 64.62  ? 15  G   A "C3'" 1 
ATOM   309  O  "O3'" . G   A 1 15 ? -14.179 -21.982 6.686   1.00 74.06  ? 15  G   A "O3'" 1 
ATOM   310  C  "C2'" . G   A 1 15 ? -13.855 -23.650 5.012   1.00 65.83  ? 15  G   A "C2'" 1 
ATOM   311  O  "O2'" . G   A 1 15 ? -14.579 -22.784 4.175   1.00 66.18  ? 15  G   A "O2'" 1 
ATOM   312  C  "C1'" . G   A 1 15 ? -12.364 -23.424 4.860   1.00 68.93  ? 15  G   A "C1'" 1 
ATOM   313  N  N9    . G   A 1 15 ? -11.798 -24.016 3.648   1.00 65.66  ? 15  G   A N9    1 
ATOM   314  C  C8    . G   A 1 15 ? -11.985 -25.288 3.178   1.00 64.74  ? 15  G   A C8    1 
ATOM   315  N  N7    . G   A 1 15 ? -11.381 -25.494 2.037   1.00 66.19  ? 15  G   A N7    1 
ATOM   316  C  C5    . G   A 1 15 ? -10.768 -24.293 1.730   1.00 60.49  ? 15  G   A C5    1 
ATOM   317  C  C6    . G   A 1 15 ? -9.966  -23.934 0.615   1.00 60.29  ? 15  G   A C6    1 
ATOM   318  O  O6    . G   A 1 15 ? -9.641  -24.626 -0.358  1.00 58.99  ? 15  G   A O6    1 
ATOM   319  N  N1    . G   A 1 15 ? -9.542  -22.612 0.709   1.00 64.93  ? 15  G   A N1    1 
ATOM   320  C  C2    . G   A 1 15 ? -9.853  -21.755 1.744   1.00 66.16  ? 15  G   A C2    1 
ATOM   321  N  N2    . G   A 1 15 ? -9.349  -20.516 1.651   1.00 66.99  ? 15  G   A N2    1 
ATOM   322  N  N3    . G   A 1 15 ? -10.601 -22.077 2.790   1.00 63.26  ? 15  G   A N3    1 
ATOM   323  C  C4    . G   A 1 15 ? -11.027 -23.359 2.713   1.00 62.28  ? 15  G   A C4    1 
ATOM   324  P  P     . A   A 1 16 ? -15.587 -21.406 7.179   1.00 87.92  ? 16  A   A P     1 
ATOM   325  O  OP1   . A   A 1 16 ? -15.731 -21.915 8.570   1.00 82.37  ? 16  A   A OP1   1 
ATOM   326  O  OP2   . A   A 1 16 ? -16.616 -21.758 6.168   1.00 86.27  ? 16  A   A OP2   1 
ATOM   327  O  "O5'" . A   A 1 16 ? -15.413 -19.819 7.161   1.00 75.58  ? 16  A   A "O5'" 1 
ATOM   328  C  "C5'" . A   A 1 16 ? -14.836 -19.131 8.262   1.00 83.61  ? 16  A   A "C5'" 1 
ATOM   329  C  "C4'" . A   A 1 16 ? -14.387 -17.749 7.873   1.00 86.07  ? 16  A   A "C4'" 1 
ATOM   330  O  "O4'" . A   A 1 16 ? -13.472 -17.853 6.747   1.00 83.57  ? 16  A   A "O4'" 1 
ATOM   331  C  "C3'" . A   A 1 16 ? -15.501 -16.807 7.422   1.00 94.12  ? 16  A   A "C3'" 1 
ATOM   332  O  "O3'" . A   A 1 16 ? -15.127 -15.470 7.759   1.00 101.49 ? 16  A   A "O3'" 1 
ATOM   333  C  "C2'" . A   A 1 16 ? -15.463 -16.966 5.906   1.00 89.69  ? 16  A   A "C2'" 1 
ATOM   334  O  "O2'" . A   A 1 16 ? -16.043 -15.901 5.176   1.00 91.22  ? 16  A   A "O2'" 1 
ATOM   335  C  "C1'" . A   A 1 16 ? -13.962 -17.077 5.674   1.00 85.77  ? 16  A   A "C1'" 1 
ATOM   336  N  N9    . A   A 1 16 ? -13.579 -17.698 4.407   1.00 81.65  ? 16  A   A N9    1 
ATOM   337  C  C8    . A   A 1 16 ? -13.870 -18.944 3.916   1.00 79.37  ? 16  A   A C8    1 
ATOM   338  N  N7    . A   A 1 16 ? -13.366 -19.157 2.722   1.00 77.11  ? 16  A   A N7    1 
ATOM   339  C  C5    . A   A 1 16 ? -12.702 -17.976 2.415   1.00 76.84  ? 16  A   A C5    1 
ATOM   340  C  C6    . A   A 1 16 ? -11.966 -17.554 1.294   1.00 75.52  ? 16  A   A C6    1 
ATOM   341  N  N6    . A   A 1 16 ? -11.751 -18.311 0.220   1.00 75.17  ? 16  A   A N6    1 
ATOM   342  N  N1    . A   A 1 16 ? -11.444 -16.315 1.305   1.00 71.14  ? 16  A   A N1    1 
ATOM   343  C  C2    . A   A 1 16 ? -11.660 -15.560 2.382   1.00 77.21  ? 16  A   A C2    1 
ATOM   344  N  N3    . A   A 1 16 ? -12.327 -15.836 3.496   1.00 79.81  ? 16  A   A N3    1 
ATOM   345  C  C4    . A   A 1 16 ? -12.828 -17.075 3.445   1.00 78.55  ? 16  A   A C4    1 
ATOM   346  P  P     . G   A 1 17 ? -15.582 -14.815 9.155   1.00 111.70 ? 17  G   A P     1 
ATOM   347  O  OP1   . G   A 1 17 ? -16.663 -15.660 9.730   1.00 106.84 ? 17  G   A OP1   1 
ATOM   348  O  OP2   . G   A 1 17 ? -15.829 -13.369 8.903   1.00 101.71 ? 17  G   A OP2   1 
ATOM   349  O  "O5'" . G   A 1 17 ? -14.296 -14.944 10.092  1.00 99.93  ? 17  G   A "O5'" 1 
ATOM   350  C  "C5'" . G   A 1 17 ? -13.328 -13.905 10.156  1.00 101.72 ? 17  G   A "C5'" 1 
ATOM   351  C  "C4'" . G   A 1 17 ? -12.175 -14.198 9.234   1.00 98.22  ? 17  G   A "C4'" 1 
ATOM   352  O  "O4'" . G   A 1 17 ? -12.659 -14.246 7.867   1.00 97.52  ? 17  G   A "O4'" 1 
ATOM   353  C  "C3'" . G   A 1 17 ? -11.054 -13.172 9.188   1.00 96.69  ? 17  G   A "C3'" 1 
ATOM   354  O  "O3'" . G   A 1 17 ? -10.130 -13.294 10.260  1.00 96.80  ? 17  G   A "O3'" 1 
ATOM   355  C  "C2'" . G   A 1 17 ? -10.434 -13.447 7.827   1.00 93.29  ? 17  G   A "C2'" 1 
ATOM   356  O  "O2'" . G   A 1 17 ? -9.667  -14.642 7.877   1.00 87.93  ? 17  G   A "O2'" 1 
ATOM   357  C  "C1'" . G   A 1 17 ? -11.677 -13.736 6.992   1.00 92.67  ? 17  G   A "C1'" 1 
ATOM   358  N  N9    . G   A 1 17 ? -12.209 -12.525 6.334   1.00 94.09  ? 17  G   A N9    1 
ATOM   359  C  C8    . G   A 1 17 ? -13.312 -11.787 6.702   1.00 99.33  ? 17  G   A C8    1 
ATOM   360  N  N7    . G   A 1 17 ? -13.553 -10.765 5.921   1.00 92.66  ? 17  G   A N7    1 
ATOM   361  C  C5    . G   A 1 17 ? -12.547 -10.834 4.970   1.00 92.12  ? 17  G   A C5    1 
ATOM   362  C  C6    . G   A 1 17 ? -12.288 -9.989  3.858   1.00 91.28  ? 17  G   A C6    1 
ATOM   363  O  O6    . G   A 1 17 ? -12.910 -8.977  3.491   1.00 90.67  ? 17  G   A O6    1 
ATOM   364  N  N1    . G   A 1 17 ? -11.162 -10.415 3.155   1.00 89.61  ? 17  G   A N1    1 
ATOM   365  C  C2    . G   A 1 17 ? -10.399 -11.513 3.476   1.00 86.54  ? 17  G   A C2    1 
ATOM   366  N  N2    . G   A 1 17 ? -9.354  -11.759 2.677   1.00 83.38  ? 17  G   A N2    1 
ATOM   367  N  N3    . G   A 1 17 ? -10.632 -12.308 4.506   1.00 88.34  ? 17  G   A N3    1 
ATOM   368  C  C4    . G   A 1 17 ? -11.714 -11.911 5.208   1.00 91.34  ? 17  G   A C4    1 
ATOM   369  P  P     . C   A 1 18 ? -9.410  -11.988 10.870  1.00 103.47 ? 18  C   A P     1 
ATOM   370  O  OP1   . C   A 1 18 ? -8.622  -12.353 12.075  1.00 106.27 ? 18  C   A OP1   1 
ATOM   371  O  OP2   . C   A 1 18 ? -10.479 -10.962 10.980  1.00 104.52 ? 18  C   A OP2   1 
ATOM   372  O  "O5'" . C   A 1 18 ? -8.340  -11.556 9.765   1.00 94.13  ? 18  C   A "O5'" 1 
ATOM   373  C  "C5'" . C   A 1 18 ? -7.307  -12.440 9.360   1.00 86.58  ? 18  C   A "C5'" 1 
ATOM   374  C  "C4'" . C   A 1 18 ? -6.732  -12.044 8.022   1.00 85.98  ? 18  C   A "C4'" 1 
ATOM   375  O  "O4'" . C   A 1 18 ? -7.777  -11.986 7.021   1.00 88.81  ? 18  C   A "O4'" 1 
ATOM   376  C  "C3'" . C   A 1 18 ? -6.093  -10.670 7.957   1.00 90.00  ? 18  C   A "C3'" 1 
ATOM   377  O  "O3'" . C   A 1 18 ? -4.785  -10.647 8.489   1.00 85.93  ? 18  C   A "O3'" 1 
ATOM   378  C  "C2'" . C   A 1 18 ? -6.146  -10.340 6.469   1.00 90.63  ? 18  C   A "C2'" 1 
ATOM   379  O  "O2'" . C   A 1 18 ? -5.076  -10.960 5.776   1.00 90.90  ? 18  C   A "O2'" 1 
ATOM   380  C  "C1'" . C   A 1 18 ? -7.459  -11.008 6.050   1.00 89.31  ? 18  C   A "C1'" 1 
ATOM   381  N  N1    . C   A 1 18 ? -8.570  -10.037 5.934   1.00 88.73  ? 18  C   A N1    1 
ATOM   382  C  C2    . C   A 1 18 ? -8.603  -9.224  4.798   1.00 86.11  ? 18  C   A C2    1 
ATOM   383  O  O2    . C   A 1 18 ? -7.712  -9.369  3.953   1.00 88.71  ? 18  C   A O2    1 
ATOM   384  N  N3    . C   A 1 18 ? -9.589  -8.315  4.635   1.00 82.84  ? 18  C   A N3    1 
ATOM   385  C  C4    . C   A 1 18 ? -10.521 -8.196  5.573   1.00 86.19  ? 18  C   A C4    1 
ATOM   386  N  N4    . C   A 1 18 ? -11.484 -7.291  5.385   1.00 86.02  ? 18  C   A N4    1 
ATOM   387  C  C5    . C   A 1 18 ? -10.517 -9.017  6.740   1.00 93.19  ? 18  C   A C5    1 
ATOM   388  C  C6    . C   A 1 18 ? -9.534  -9.916  6.888   1.00 89.62  ? 18  C   A C6    1 
ATOM   389  P  P     . C   A 1 19 ? -4.444  -9.630  9.676   1.00 95.11  ? 19  C   A P     1 
ATOM   390  O  OP1   . C   A 1 19 ? -3.355  -10.204 10.510  1.00 87.14  ? 19  C   A OP1   1 
ATOM   391  O  OP2   . C   A 1 19 ? -5.744  -9.259  10.305  1.00 86.05  ? 19  C   A OP2   1 
ATOM   392  O  "O5'" . C   A 1 19 ? -3.806  -8.380  8.925   1.00 89.26  ? 19  C   A "O5'" 1 
ATOM   393  C  "C5'" . C   A 1 19 ? -2.449  -8.417  8.512   1.00 82.65  ? 19  C   A "C5'" 1 
ATOM   394  C  "C4'" . C   A 1 19 ? -2.264  -7.723  7.192   1.00 83.17  ? 19  C   A "C4'" 1 
ATOM   395  O  "O4'" . C   A 1 19 ? -3.442  -7.920  6.377   1.00 78.09  ? 19  C   A "O4'" 1 
ATOM   396  C  "C3'" . C   A 1 19 ? -2.101  -6.214  7.262   1.00 84.27  ? 19  C   A "C3'" 1 
ATOM   397  O  "O3'" . C   A 1 19 ? -0.760  -5.839  7.516   1.00 84.49  ? 19  C   A "O3'" 1 
ATOM   398  C  "C2'" . C   A 1 19 ? -2.592  -5.748  5.900   1.00 79.88  ? 19  C   A "C2'" 1 
ATOM   399  O  "O2'" . C   A 1 19 ? -1.551  -5.855  4.946   1.00 76.96  ? 19  C   A "O2'" 1 
ATOM   400  C  "C1'" . C   A 1 19 ? -3.666  -6.789  5.571   1.00 80.70  ? 19  C   A "C1'" 1 
ATOM   401  N  N1    . C   A 1 19 ? -5.047  -6.314  5.800   1.00 81.68  ? 19  C   A N1    1 
ATOM   402  C  C2    . C   A 1 19 ? -5.596  -5.324  4.975   1.00 80.87  ? 19  C   A C2    1 
ATOM   403  O  O2    . C   A 1 19 ? -4.899  -4.822  4.076   1.00 77.35  ? 19  C   A O2    1 
ATOM   404  N  N3    . C   A 1 19 ? -6.873  -4.923  5.189   1.00 79.42  ? 19  C   A N3    1 
ATOM   405  C  C4    . C   A 1 19 ? -7.591  -5.477  6.166   1.00 80.34  ? 19  C   A C4    1 
ATOM   406  N  N4    . C   A 1 19 ? -8.843  -5.058  6.349   1.00 76.21  ? 19  C   A N4    1 
ATOM   407  C  C5    . C   A 1 19 ? -7.053  -6.496  7.002   1.00 84.74  ? 19  C   A C5    1 
ATOM   408  C  C6    . C   A 1 19 ? -5.793  -6.887  6.786   1.00 81.36  ? 19  C   A C6    1 
ATOM   409  O  "O5'" . G   B 1 1  ? -12.490 2.458   -0.331  1.00 84.43  ? 1   G   B "O5'" 1 
ATOM   410  C  "C5'" . G   B 1 1  ? -11.606 3.438   0.193   1.00 79.66  ? 1   G   B "C5'" 1 
ATOM   411  C  "C4'" . G   B 1 1  ? -10.166 3.015   0.052   1.00 77.32  ? 1   G   B "C4'" 1 
ATOM   412  O  "O4'" . G   B 1 1  ? -9.541  2.967   1.361   1.00 72.59  ? 1   G   B "O4'" 1 
ATOM   413  C  "C3'" . G   B 1 1  ? -9.936  1.621   -0.503  1.00 74.84  ? 1   G   B "C3'" 1 
ATOM   414  O  "O3'" . G   B 1 1  ? -10.070 1.529   -1.906  1.00 77.28  ? 1   G   B "O3'" 1 
ATOM   415  C  "C2'" . G   B 1 1  ? -8.544  1.302   0.002   1.00 71.38  ? 1   G   B "C2'" 1 
ATOM   416  O  "O2'" . G   B 1 1  ? -7.571  2.000   -0.756  1.00 70.93  ? 1   G   B "O2'" 1 
ATOM   417  C  "C1'" . G   B 1 1  ? -8.603  1.913   1.401   1.00 75.26  ? 1   G   B "C1'" 1 
ATOM   418  N  N9    . G   B 1 1  ? -9.045  0.921   2.402   1.00 78.81  ? 1   G   B N9    1 
ATOM   419  C  C8    . G   B 1 1  ? -10.193 0.879   3.161   1.00 75.40  ? 1   G   B C8    1 
ATOM   420  N  N7    . G   B 1 1  ? -10.260 -0.167  3.949   1.00 75.87  ? 1   G   B N7    1 
ATOM   421  C  C5    . G   B 1 1  ? -9.087  -0.858  3.689   1.00 76.52  ? 1   G   B C5    1 
ATOM   422  C  C6    . G   B 1 1  ? -8.581  -2.062  4.225   1.00 75.18  ? 1   G   B C6    1 
ATOM   423  O  O6    . G   B 1 1  ? -9.073  -2.807  5.077   1.00 75.47  ? 1   G   B O6    1 
ATOM   424  N  N1    . G   B 1 1  ? -7.355  -2.377  3.666   1.00 77.27  ? 1   G   B N1    1 
ATOM   425  C  C2    . G   B 1 1  ? -6.695  -1.633  2.720   1.00 78.37  ? 1   G   B C2    1 
ATOM   426  N  N2    . G   B 1 1  ? -5.515  -2.088  2.286   1.00 84.72  ? 1   G   B N2    1 
ATOM   427  N  N3    . G   B 1 1  ? -7.144  -0.515  2.218   1.00 75.61  ? 1   G   B N3    1 
ATOM   428  C  C4    . G   B 1 1  ? -8.334  -0.197  2.745   1.00 78.63  ? 1   G   B C4    1 
ATOM   429  P  P     . G   B 1 2  ? -10.793 0.242   -2.541  1.00 83.79  ? 2   G   B P     1 
ATOM   430  O  OP1   . G   B 1 2  ? -10.921 0.469   -4.000  1.00 85.89  ? 2   G   B OP1   1 
ATOM   431  O  OP2   . G   B 1 2  ? -12.018 -0.046  -1.743  1.00 71.67  ? 2   G   B OP2   1 
ATOM   432  O  "O5'" . G   B 1 2  ? -9.721  -0.926  -2.363  1.00 71.87  ? 2   G   B "O5'" 1 
ATOM   433  C  "C5'" . G   B 1 2  ? -8.431  -0.795  -2.930  1.00 70.68  ? 2   G   B "C5'" 1 
ATOM   434  C  "C4'" . G   B 1 2  ? -7.476  -1.815  -2.378  1.00 73.74  ? 2   G   B "C4'" 1 
ATOM   435  O  "O4'" . G   B 1 2  ? -7.398  -1.683  -0.938  1.00 82.06  ? 2   G   B "O4'" 1 
ATOM   436  C  "C3'" . G   B 1 2  ? -7.863  -3.265  -2.580  1.00 71.07  ? 2   G   B "C3'" 1 
ATOM   437  O  "O3'" . G   B 1 2  ? -7.579  -3.739  -3.872  1.00 60.80  ? 2   G   B "O3'" 1 
ATOM   438  C  "C2'" . G   B 1 2  ? -7.081  -3.967  -1.485  1.00 72.17  ? 2   G   B "C2'" 1 
ATOM   439  O  "O2'" . G   B 1 2  ? -5.713  -4.091  -1.838  1.00 68.69  ? 2   G   B "O2'" 1 
ATOM   440  C  "C1'" . G   B 1 2  ? -7.201  -2.954  -0.353  1.00 76.76  ? 2   G   B "C1'" 1 
ATOM   441  N  N9    . G   B 1 2  ? -8.358  -3.256  0.496   1.00 72.94  ? 2   G   B N9    1 
ATOM   442  C  C8    . G   B 1 2  ? -9.541  -2.578  0.614   1.00 72.34  ? 2   G   B C8    1 
ATOM   443  N  N7    . G   B 1 2  ? -10.358 -3.145  1.460   1.00 75.24  ? 2   G   B N7    1 
ATOM   444  C  C5    . G   B 1 2  ? -9.674  -4.271  1.913   1.00 79.79  ? 2   G   B C5    1 
ATOM   445  C  C6    . G   B 1 2  ? -10.036 -5.293  2.842   1.00 80.13  ? 2   G   B C6    1 
ATOM   446  O  O6    . G   B 1 2  ? -11.089 -5.414  3.486   1.00 76.18  ? 2   G   B O6    1 
ATOM   447  N  N1    . G   B 1 2  ? -9.015  -6.238  2.989   1.00 76.98  ? 2   G   B N1    1 
ATOM   448  C  C2    . G   B 1 2  ? -7.808  -6.204  2.332   1.00 75.59  ? 2   G   B C2    1 
ATOM   449  N  N2    . G   B 1 2  ? -6.940  -7.186  2.586   1.00 78.49  ? 2   G   B N2    1 
ATOM   450  N  N3    . G   B 1 2  ? -7.461  -5.269  1.473   1.00 78.40  ? 2   G   B N3    1 
ATOM   451  C  C4    . G   B 1 2  ? -8.434  -4.345  1.316   1.00 79.35  ? 2   G   B C4    1 
ATOM   452  P  P     . C   B 1 3  ? -8.569  -4.805  -4.537  1.00 74.74  ? 3   C   B P     1 
ATOM   453  O  OP1   . C   B 1 3  ? -8.189  -4.846  -5.965  1.00 84.25  ? 3   C   B OP1   1 
ATOM   454  O  OP2   . C   B 1 3  ? -9.979  -4.614  -4.097  1.00 60.42  ? 3   C   B OP2   1 
ATOM   455  O  "O5'" . C   B 1 3  ? -8.097  -6.177  -3.914  1.00 77.61  ? 3   C   B "O5'" 1 
ATOM   456  C  "C5'" . C   B 1 3  ? -6.725  -6.522  -3.922  1.00 77.10  ? 3   C   B "C5'" 1 
ATOM   457  C  "C4'" . C   B 1 3  ? -6.454  -7.693  -3.018  1.00 73.26  ? 3   C   B "C4'" 1 
ATOM   458  O  "O4'" . C   B 1 3  ? -6.547  -7.296  -1.623  1.00 74.60  ? 3   C   B "O4'" 1 
ATOM   459  C  "C3'" . C   B 1 3  ? -7.425  -8.852  -3.094  1.00 69.00  ? 3   C   B "C3'" 1 
ATOM   460  O  "O3'" . C   B 1 3  ? -7.314  -9.655  -4.243  1.00 65.84  ? 3   C   B "O3'" 1 
ATOM   461  C  "C2'" . C   B 1 3  ? -7.086  -9.585  -1.828  1.00 72.22  ? 3   C   B "C2'" 1 
ATOM   462  O  "O2'" . C   B 1 3  ? -5.796  -10.156 -1.974  1.00 75.03  ? 3   C   B "O2'" 1 
ATOM   463  C  "C1'" . C   B 1 3  ? -6.980  -8.407  -0.863  1.00 73.69  ? 3   C   B "C1'" 1 
ATOM   464  N  N1    . C   B 1 3  ? -8.301  -8.114  -0.267  1.00 71.15  ? 3   C   B N1    1 
ATOM   465  C  C2    . C   B 1 3  ? -8.735  -8.975  0.736   1.00 76.88  ? 3   C   B C2    1 
ATOM   466  O  O2    . C   B 1 3  ? -8.002  -9.902  1.093   1.00 78.44  ? 3   C   B O2    1 
ATOM   467  N  N3    . C   B 1 3  ? -9.927  -8.797  1.322   1.00 78.37  ? 3   C   B N3    1 
ATOM   468  C  C4    . C   B 1 3  ? -10.693 -7.804  0.930   1.00 76.57  ? 3   C   B C4    1 
ATOM   469  N  N4    . C   B 1 3  ? -11.862 -7.687  1.551   1.00 79.52  ? 3   C   B N4    1 
ATOM   470  C  C5    . C   B 1 3  ? -10.289 -6.911  -0.102  1.00 74.69  ? 3   C   B C5    1 
ATOM   471  C  C6    . C   B 1 3  ? -9.097  -7.096  -0.677  1.00 71.48  ? 3   C   B C6    1 
HETATM 472  P  P     . 2PR B 1 4  ? -8.647  -10.307 -4.847  1.00 73.28  ? 4   2PR B P     1 
HETATM 473  O  OP1   . 2PR B 1 4  ? -8.264  -11.125 -6.086  1.00 72.82  ? 4   2PR B OP1   1 
HETATM 474  O  OP2   . 2PR B 1 4  ? -9.670  -9.263  -5.004  1.00 66.48  ? 4   2PR B OP2   1 
HETATM 475  O  "O5'" . 2PR B 1 4  ? -9.152  -11.472 -3.606  1.00 75.24  ? 4   2PR B "O5'" 1 
HETATM 476  C  "C5'" . 2PR B 1 4  ? -8.457  -12.627 -3.316  1.00 68.74  ? 4   2PR B "C5'" 1 
HETATM 477  C  "C4'" . 2PR B 1 4  ? -9.216  -13.423 -2.234  1.00 66.81  ? 4   2PR B "C4'" 1 
HETATM 478  O  "O4'" . 2PR B 1 4  ? -9.299  -12.700 -1.038  1.00 68.24  ? 4   2PR B "O4'" 1 
HETATM 479  C  "C3'" . 2PR B 1 4  ? -10.689 -13.694 -2.601  1.00 70.70  ? 4   2PR B "C3'" 1 
HETATM 480  O  "O3'" . 2PR B 1 4  ? -10.829 -14.896 -3.326  1.00 64.74  ? 4   2PR B "O3'" 1 
HETATM 481  C  "C2'" . 2PR B 1 4  ? -11.201 -14.171 -1.243  1.00 72.44  ? 4   2PR B "C2'" 1 
HETATM 482  C  "C1'" . 2PR B 1 4  ? -10.436 -13.188 -0.324  1.00 76.52  ? 4   2PR B "C1'" 1 
HETATM 483  N  N9    . 2PR B 1 4  ? -11.274 -12.009 -0.237  1.00 78.51  ? 4   2PR B N9    1 
HETATM 484  C  C8    . 2PR B 1 4  ? -11.108 -10.818 -0.952  1.00 77.15  ? 4   2PR B C8    1 
HETATM 485  N  N7    . 2PR B 1 4  ? -12.055 -9.936  -0.630  1.00 82.10  ? 4   2PR B N7    1 
HETATM 486  C  C5    . 2PR B 1 4  ? -12.879 -10.579 0.338   1.00 82.33  ? 4   2PR B C5    1 
HETATM 487  C  C6    . 2PR B 1 4  ? -14.025 -10.246 1.078   1.00 84.37  ? 4   2PR B C6    1 
HETATM 488  N  N1    . 2PR B 1 4  ? -14.633 -11.047 1.963   1.00 80.60  ? 4   2PR B N1    1 
HETATM 489  C  C2    . 2PR B 1 4  ? -14.082 -12.322 2.156   1.00 83.28  ? 4   2PR B C2    1 
HETATM 490  N  N2    . 2PR B 1 4  ? -14.712 -13.195 3.084   1.00 87.32  ? 4   2PR B N2    1 
HETATM 491  N  N3    . 2PR B 1 4  ? -12.963 -12.767 1.487   1.00 84.02  ? 4   2PR B N3    1 
HETATM 492  C  C4    . 2PR B 1 4  ? -12.409 -11.887 0.605   1.00 81.88  ? 4   2PR B C4    1 
HETATM 493  P  P     . 2PR B 1 5  ? -11.711 -14.915 -4.668  1.00 65.68  ? 5   2PR B P     1 
HETATM 494  O  OP1   . 2PR B 1 5  ? -10.811 -14.628 -5.885  1.00 58.90  ? 5   2PR B OP1   1 
HETATM 495  O  OP2   . 2PR B 1 5  ? -12.918 -14.114 -4.433  1.00 71.28  ? 5   2PR B OP2   1 
HETATM 496  O  "O5'" . 2PR B 1 5  ? -12.284 -16.526 -4.766  1.00 72.43  ? 5   2PR B "O5'" 1 
HETATM 497  C  "C5'" . 2PR B 1 5  ? -12.982 -17.064 -3.708  1.00 73.35  ? 5   2PR B "C5'" 1 
HETATM 498  C  "C4'" . 2PR B 1 5  ? -13.525 -18.476 -4.062  1.00 71.89  ? 5   2PR B "C4'" 1 
HETATM 499  O  "O4'" . 2PR B 1 5  ? -13.863 -19.196 -2.898  1.00 68.10  ? 5   2PR B "O4'" 1 
HETATM 500  C  "C3'" . 2PR B 1 5  ? -14.806 -18.402 -4.894  1.00 78.19  ? 5   2PR B "C3'" 1 
HETATM 501  O  "O3'" . 2PR B 1 5  ? -14.893 -19.603 -5.623  1.00 69.00  ? 5   2PR B "O3'" 1 
HETATM 502  C  "C2'" . 2PR B 1 5  ? -15.927 -18.597 -3.830  1.00 79.54  ? 5   2PR B "C2'" 1 
HETATM 503  C  "C1'" . 2PR B 1 5  ? -15.238 -19.574 -2.901  1.00 67.81  ? 5   2PR B "C1'" 1 
HETATM 504  N  N9    . 2PR B 1 5  ? -15.554 -19.301 -1.492  1.00 74.15  ? 5   2PR B N9    1 
HETATM 505  C  C8    . 2PR B 1 5  ? -15.990 -20.245 -0.530  1.00 75.69  ? 5   2PR B C8    1 
HETATM 506  N  N7    . 2PR B 1 5  ? -16.160 -19.692 0.690   1.00 79.49  ? 5   2PR B N7    1 
HETATM 507  C  C5    . 2PR B 1 5  ? -15.810 -18.318 0.545   1.00 77.93  ? 5   2PR B C5    1 
HETATM 508  C  C6    . 2PR B 1 5  ? -15.765 -17.205 1.405   1.00 75.14  ? 5   2PR B C6    1 
HETATM 509  N  N1    . 2PR B 1 5  ? -15.388 -15.989 1.012   1.00 79.78  ? 5   2PR B N1    1 
HETATM 510  C  C2    . 2PR B 1 5  ? -15.019 -15.828 -0.352  1.00 82.46  ? 5   2PR B C2    1 
HETATM 511  N  N2    . 2PR B 1 5  ? -14.615 -14.535 -0.782  1.00 89.81  ? 5   2PR B N2    1 
HETATM 512  N  N3    . 2PR B 1 5  ? -15.025 -16.845 -1.295  1.00 75.46  ? 5   2PR B N3    1 
HETATM 513  C  C4    . 2PR B 1 5  ? -15.414 -18.044 -0.822  1.00 76.24  ? 5   2PR B C4    1 
HETATM 514  P  P     . 2PR B 1 6  ? -14.755 -19.568 -7.217  1.00 77.19  ? 6   2PR B P     1 
HETATM 515  O  OP1   . 2PR B 1 6  ? -15.588 -18.374 -7.691  1.00 78.41  ? 6   2PR B OP1   1 
HETATM 516  O  OP2   . 2PR B 1 6  ? -15.020 -20.907 -7.768  1.00 84.84  ? 6   2PR B OP2   1 
HETATM 517  O  "O5'" . 2PR B 1 6  ? -13.066 -19.126 -7.535  1.00 71.53  ? 6   2PR B "O5'" 1 
HETATM 518  C  "C5'" . 2PR B 1 6  ? -12.456 -19.319 -8.760  1.00 65.27  ? 6   2PR B "C5'" 1 
HETATM 519  C  "C4'" . 2PR B 1 6  ? -10.949 -18.968 -8.624  1.00 65.44  ? 6   2PR B "C4'" 1 
HETATM 520  O  "O4'" . 2PR B 1 6  ? -10.436 -18.285 -9.743  1.00 68.42  ? 6   2PR B "O4'" 1 
HETATM 521  C  "C3'" . 2PR B 1 6  ? -10.642 -18.020 -7.461  1.00 67.31  ? 6   2PR B "C3'" 1 
HETATM 522  O  "O3'" . 2PR B 1 6  ? -9.219  -17.845 -7.424  1.00 71.40  ? 6   2PR B "O3'" 1 
HETATM 523  C  "C2'" . 2PR B 1 6  ? -11.014 -16.670 -8.078  1.00 64.46  ? 6   2PR B "C2'" 1 
HETATM 524  C  "C1'" . 2PR B 1 6  ? -10.470 -16.881 -9.491  1.00 65.14  ? 6   2PR B "C1'" 1 
HETATM 525  N  N9    . 2PR B 1 6  ? -11.484 -16.518 -10.467 1.00 71.15  ? 6   2PR B N9    1 
HETATM 526  C  C8    . 2PR B 1 6  ? -12.896 -16.526 -10.364 1.00 73.64  ? 6   2PR B C8    1 
HETATM 527  N  N7    . 2PR B 1 6  ? -13.471 -16.137 -11.513 1.00 71.70  ? 6   2PR B N7    1 
HETATM 528  C  C5    . 2PR B 1 6  ? -12.393 -15.879 -12.379 1.00 67.95  ? 6   2PR B C5    1 
HETATM 529  C  C6    . 2PR B 1 6  ? -12.255 -15.458 -13.685 1.00 73.47  ? 6   2PR B C6    1 
HETATM 530  N  N1    . 2PR B 1 6  ? -11.073 -15.283 -14.287 1.00 81.45  ? 6   2PR B N1    1 
HETATM 531  C  C2    . 2PR B 1 6  ? -9.896  -15.542 -13.557 1.00 76.27  ? 6   2PR B C2    1 
HETATM 532  N  N2    . 2PR B 1 6  ? -8.649  -15.357 -14.194 1.00 77.35  ? 6   2PR B N2    1 
HETATM 533  N  N3    . 2PR B 1 6  ? -9.907  -15.967 -12.269 1.00 73.94  ? 6   2PR B N3    1 
HETATM 534  C  C4    . 2PR B 1 6  ? -11.144 -16.114 -11.745 1.00 70.56  ? 6   2PR B C4    1 
HETATM 535  P  P     . 2PR B 1 7  ? -8.287  -18.942 -6.700  1.00 60.98  ? 7   2PR B P     1 
HETATM 536  O  OP1   . 2PR B 1 7  ? -6.804  -18.566 -6.853  1.00 54.56  ? 7   2PR B OP1   1 
HETATM 537  O  OP2   . 2PR B 1 7  ? -8.720  -20.266 -7.147  1.00 58.85  ? 7   2PR B OP2   1 
HETATM 538  O  "O5'" . 2PR B 1 7  ? -8.618  -18.712 -5.044  1.00 54.89  ? 7   2PR B "O5'" 1 
HETATM 539  C  "C5'" . 2PR B 1 7  ? -8.286  -17.559 -4.400  1.00 57.83  ? 7   2PR B "C5'" 1 
HETATM 540  C  "C4'" . 2PR B 1 7  ? -8.806  -17.779 -3.017  1.00 60.74  ? 7   2PR B "C4'" 1 
HETATM 541  O  "O4'" . 2PR B 1 7  ? -9.969  -18.551 -3.108  1.00 61.22  ? 7   2PR B "O4'" 1 
HETATM 542  C  "C3'" . 2PR B 1 7  ? -7.770  -18.613 -2.213  1.00 66.11  ? 7   2PR B "C3'" 1 
HETATM 543  O  "O3'" . 2PR B 1 7  ? -7.755  -18.155 -0.901  1.00 70.42  ? 7   2PR B "O3'" 1 
HETATM 544  C  "C2'" . 2PR B 1 7  ? -8.475  -19.952 -1.937  1.00 64.74  ? 7   2PR B "C2'" 1 
HETATM 545  C  "C1'" . 2PR B 1 7  ? -9.941  -19.521 -2.079  1.00 64.39  ? 7   2PR B "C1'" 1 
HETATM 546  N  N9    . 2PR B 1 7  ? -10.660 -20.709 -2.606  1.00 69.34  ? 7   2PR B N9    1 
HETATM 547  C  C8    . 2PR B 1 7  ? -10.495 -21.342 -3.866  1.00 67.32  ? 7   2PR B C8    1 
HETATM 548  N  N7    . 2PR B 1 7  ? -11.300 -22.407 -3.989  1.00 64.09  ? 7   2PR B N7    1 
HETATM 549  C  C5    . 2PR B 1 7  ? -12.017 -22.475 -2.764  1.00 60.49  ? 7   2PR B C5    1 
HETATM 550  C  C6    . 2PR B 1 7  ? -12.995 -23.307 -2.230  1.00 62.39  ? 7   2PR B C6    1 
HETATM 551  N  N1    . 2PR B 1 7  ? -13.533 -23.149 -1.012  1.00 65.02  ? 7   2PR B N1    1 
HETATM 552  C  C2    . 2PR B 1 7  ? -13.078 -22.074 -0.222  1.00 65.60  ? 7   2PR B C2    1 
HETATM 553  N  N2    . 2PR B 1 7  ? -13.630 -21.901 1.063   1.00 66.25  ? 7   2PR B N2    1 
HETATM 554  N  N3    . 2PR B 1 7  ? -12.120 -21.190 -0.631  1.00 67.41  ? 7   2PR B N3    1 
HETATM 555  C  C4    . 2PR B 1 7  ? -11.632 -21.425 -1.879  1.00 63.78  ? 7   2PR B C4    1 
ATOM   556  P  P     . A   B 1 8  ? -6.384  -18.132 -0.083  1.00 66.17  ? 8   A   B P     1 
ATOM   557  O  OP1   . A   B 1 8  ? -5.342  -17.583 -0.978  1.00 62.98  ? 8   A   B OP1   1 
ATOM   558  O  OP2   . A   B 1 8  ? -6.219  -19.441 0.582   1.00 62.14  ? 8   A   B OP2   1 
ATOM   559  O  "O5'" . A   B 1 8  ? -6.660  -17.082 1.065   1.00 61.25  ? 8   A   B "O5'" 1 
ATOM   560  C  "C5'" . A   B 1 8  ? -6.705  -15.703 0.773   1.00 62.28  ? 8   A   B "C5'" 1 
ATOM   561  C  "C4'" . A   B 1 8  ? -7.010  -14.940 2.021   1.00 67.05  ? 8   A   B "C4'" 1 
ATOM   562  O  "O4'" . A   B 1 8  ? -8.405  -15.122 2.347   1.00 72.90  ? 8   A   B "O4'" 1 
ATOM   563  C  "C3'" . A   B 1 8  ? -6.271  -15.416 3.258   1.00 62.81  ? 8   A   B "C3'" 1 
ATOM   564  O  "O3'" . A   B 1 8  ? -4.993  -14.830 3.367   1.00 62.94  ? 8   A   B "O3'" 1 
ATOM   565  C  "C2'" . A   B 1 8  ? -7.210  -15.013 4.375   1.00 70.78  ? 8   A   B "C2'" 1 
ATOM   566  O  "O2'" . A   B 1 8  ? -7.126  -13.616 4.595   1.00 76.22  ? 8   A   B "O2'" 1 
ATOM   567  C  "C1'" . A   B 1 8  ? -8.559  -15.290 3.734   1.00 72.37  ? 8   A   B "C1'" 1 
ATOM   568  N  N9    . A   B 1 8  ? -9.018  -16.671 3.943   1.00 73.89  ? 8   A   B N9    1 
ATOM   569  C  C8    . A   B 1 8  ? -9.086  -17.622 2.956   1.00 72.58  ? 8   A   B C8    1 
ATOM   570  N  N7    . A   B 1 8  ? -9.543  -18.775 3.365   1.00 73.22  ? 8   A   B N7    1 
ATOM   571  C  C5    . A   B 1 8  ? -9.797  -18.558 4.711   1.00 76.11  ? 8   A   B C5    1 
ATOM   572  C  C6    . A   B 1 8  ? -10.296 -19.412 5.700   1.00 75.24  ? 8   A   B C6    1 
ATOM   573  N  N6    . A   B 1 8  ? -10.631 -20.681 5.453   1.00 70.37  ? 8   A   B N6    1 
ATOM   574  N  N1    . A   B 1 8  ? -10.435 -18.902 6.946   1.00 79.51  ? 8   A   B N1    1 
ATOM   575  C  C2    . A   B 1 8  ? -10.092 -17.623 7.170   1.00 79.10  ? 8   A   B C2    1 
ATOM   576  N  N3    . A   B 1 8  ? -9.608  -16.723 6.318   1.00 78.22  ? 8   A   B N3    1 
ATOM   577  C  C4    . A   B 1 8  ? -9.486  -17.263 5.091   1.00 76.29  ? 8   A   B C4    1 
ATOM   578  P  P     . A   B 1 9  ? -3.736  -15.680 3.883   1.00 65.84  ? 9   A   B P     1 
ATOM   579  O  OP1   . A   B 1 9  ? -2.575  -14.765 3.821   1.00 82.49  ? 9   A   B OP1   1 
ATOM   580  O  OP2   . A   B 1 9  ? -3.632  -16.949 3.127   1.00 62.01  ? 9   A   B OP2   1 
ATOM   581  O  "O5'" . A   B 1 9  ? -4.062  -15.931 5.422   1.00 70.68  ? 9   A   B "O5'" 1 
ATOM   582  C  "C5'" . A   B 1 9  ? -4.077  -14.849 6.344   1.00 74.11  ? 9   A   B "C5'" 1 
ATOM   583  C  "C4'" . A   B 1 9  ? -4.844  -15.171 7.606   1.00 77.42  ? 9   A   B "C4'" 1 
ATOM   584  O  "O4'" . A   B 1 9  ? -6.134  -15.749 7.279   1.00 74.93  ? 9   A   B "O4'" 1 
ATOM   585  C  "C3'" . A   B 1 9  ? -4.216  -16.185 8.549   1.00 73.88  ? 9   A   B "C3'" 1 
ATOM   586  O  "O3'" . A   B 1 9  ? -3.206  -15.631 9.361   1.00 68.80  ? 9   A   B "O3'" 1 
ATOM   587  C  "C2'" . A   B 1 9  ? -5.414  -16.683 9.337   1.00 76.56  ? 9   A   B "C2'" 1 
ATOM   588  O  "O2'" . A   B 1 9  ? -5.793  -15.726 10.315  1.00 86.46  ? 9   A   B "O2'" 1 
ATOM   589  C  "C1'" . A   B 1 9  ? -6.485  -16.716 8.248   1.00 77.07  ? 9   A   B "C1'" 1 
ATOM   590  N  N9    . A   B 1 9  ? -6.527  -18.032 7.587   1.00 76.04  ? 9   A   B N9    1 
ATOM   591  C  C8    . A   B 1 9  ? -5.989  -18.372 6.373   1.00 73.67  ? 9   A   B C8    1 
ATOM   592  N  N7    . A   B 1 9  ? -6.165  -19.625 6.034   1.00 70.10  ? 9   A   B N7    1 
ATOM   593  C  C5    . A   B 1 9  ? -6.858  -20.153 7.109   1.00 72.93  ? 9   A   B C5    1 
ATOM   594  C  C6    . A   B 1 9  ? -7.335  -21.447 7.364   1.00 71.86  ? 9   A   B C6    1 
ATOM   595  N  N6    . A   B 1 9  ? -7.179  -22.466 6.511   1.00 71.45  ? 9   A   B N6    1 
ATOM   596  N  N1    . A   B 1 9  ? -7.984  -21.652 8.531   1.00 70.38  ? 9   A   B N1    1 
ATOM   597  C  C2    . A   B 1 9  ? -8.136  -20.619 9.370   1.00 70.84  ? 9   A   B C2    1 
ATOM   598  N  N3    . A   B 1 9  ? -7.730  -19.358 9.248   1.00 73.93  ? 9   A   B N3    1 
ATOM   599  C  C4    . A   B 1 9  ? -7.087  -19.188 8.078   1.00 75.76  ? 9   A   B C4    1 
ATOM   600  P  P     . C   B 1 10 ? -1.712  -16.185 9.228   1.00 81.86  ? 10  C   B P     1 
ATOM   601  O  OP1   . C   B 1 10 ? -0.852  -15.316 10.074  1.00 84.32  ? 10  C   B OP1   1 
ATOM   602  O  OP2   . C   B 1 10 ? -1.399  -16.355 7.789   1.00 75.71  ? 10  C   B OP2   1 
ATOM   603  O  "O5'" . C   B 1 10 ? -1.788  -17.659 9.844   1.00 88.12  ? 10  C   B "O5'" 1 
ATOM   604  C  "C5'" . C   B 1 10 ? -2.227  -17.888 11.184  1.00 89.38  ? 10  C   B "C5'" 1 
ATOM   605  C  "C4'" . C   B 1 10 ? -2.665  -19.321 11.419  1.00 83.62  ? 10  C   B "C4'" 1 
ATOM   606  O  "O4'" . C   B 1 10 ? -3.846  -19.622 10.614  1.00 82.83  ? 10  C   B "O4'" 1 
ATOM   607  C  "C3'" . C   B 1 10 ? -1.671  -20.408 11.030  1.00 83.89  ? 10  C   B "C3'" 1 
ATOM   608  O  "O3'" . C   B 1 10 ? -0.650  -20.631 11.984  1.00 75.70  ? 10  C   B "O3'" 1 
ATOM   609  C  "C2'" . C   B 1 10 ? -2.576  -21.613 10.817  1.00 88.66  ? 10  C   B "C2'" 1 
ATOM   610  O  "O2'" . C   B 1 10 ? -2.959  -22.170 12.068  1.00 94.04  ? 10  C   B "O2'" 1 
ATOM   611  C  "C1'" . C   B 1 10 ? -3.794  -20.961 10.156  1.00 81.96  ? 10  C   B "C1'" 1 
ATOM   612  N  N1    . C   B 1 10 ? -3.653  -20.980 8.672   1.00 73.23  ? 10  C   B N1    1 
ATOM   613  C  C2    . C   B 1 10 ? -4.054  -22.113 7.956   1.00 69.82  ? 10  C   B C2    1 
ATOM   614  O  O2    . C   B 1 10 ? -4.568  -23.053 8.572   1.00 74.32  ? 10  C   B O2    1 
ATOM   615  N  N3    . C   B 1 10 ? -3.904  -22.164 6.609   1.00 67.77  ? 10  C   B N3    1 
ATOM   616  C  C4    . C   B 1 10 ? -3.361  -21.135 5.956   1.00 69.11  ? 10  C   B C4    1 
ATOM   617  N  N4    . C   B 1 10 ? -3.216  -21.198 4.628   1.00 63.10  ? 10  C   B N4    1 
ATOM   618  C  C5    . C   B 1 10 ? -2.935  -19.976 6.654   1.00 72.70  ? 10  C   B C5    1 
ATOM   619  C  C6    . C   B 1 10 ? -3.089  -19.945 7.982   1.00 74.45  ? 10  C   B C6    1 
ATOM   620  P  P     . C   B 1 11 ? 0.742   -21.301 11.527  1.00 83.04  ? 11  C   B P     1 
ATOM   621  O  OP1   . C   B 1 11 ? 1.551   -21.494 12.756  1.00 81.84  ? 11  C   B OP1   1 
ATOM   622  O  OP2   . C   B 1 11 ? 1.300   -20.534 10.394  1.00 83.65  ? 11  C   B OP2   1 
ATOM   623  O  "O5'" . C   B 1 11 ? 0.344   -22.728 10.939  1.00 78.97  ? 11  C   B "O5'" 1 
ATOM   624  C  "C5'" . C   B 1 11 ? -0.139  -23.752 11.795  1.00 84.42  ? 11  C   B "C5'" 1 
ATOM   625  C  "C4'" . C   B 1 11 ? -0.201  -25.094 11.110  1.00 79.25  ? 11  C   B "C4'" 1 
ATOM   626  O  "O4'" . C   B 1 11 ? -1.209  -25.104 10.069  1.00 64.75  ? 11  C   B "O4'" 1 
ATOM   627  C  "C3'" . C   B 1 11 ? 1.065   -25.554 10.406  1.00 75.21  ? 11  C   B "C3'" 1 
ATOM   628  O  "O3'" . C   B 1 11 ? 2.013   -26.092 11.316  1.00 76.39  ? 11  C   B "O3'" 1 
ATOM   629  C  "C2'" . C   B 1 11 ? 0.545   -26.585 9.406   1.00 72.92  ? 11  C   B "C2'" 1 
ATOM   630  O  "O2'" . C   B 1 11 ? 0.416   -27.859 10.010  1.00 78.12  ? 11  C   B "O2'" 1 
ATOM   631  C  "C1'" . C   B 1 11 ? -0.860  -26.054 9.083   1.00 71.13  ? 11  C   B "C1'" 1 
ATOM   632  N  N1    . C   B 1 11 ? -0.923  -25.446 7.736   1.00 66.23  ? 11  C   B N1    1 
ATOM   633  C  C2    . C   B 1 11 ? -0.869  -26.268 6.601   1.00 61.48  ? 11  C   B C2    1 
ATOM   634  O  O2    . C   B 1 11 ? -0.772  -27.495 6.712   1.00 67.14  ? 11  C   B O2    1 
ATOM   635  N  N3    . C   B 1 11 ? -0.919  -25.716 5.380   1.00 61.05  ? 11  C   B N3    1 
ATOM   636  C  C4    . C   B 1 11 ? -1.021  -24.394 5.270   1.00 64.65  ? 11  C   B C4    1 
ATOM   637  N  N4    . C   B 1 11 ? -1.070  -23.858 4.053   1.00 65.88  ? 11  C   B N4    1 
ATOM   638  C  C5    . C   B 1 11 ? -1.082  -23.539 6.400   1.00 66.35  ? 11  C   B C5    1 
ATOM   639  C  C6    . C   B 1 11 ? -1.029  -24.097 7.608   1.00 68.39  ? 11  C   B C6    1 
ATOM   640  P  P     . G   B 1 12 ? 3.588   -26.079 10.984  1.00 87.38  ? 12  G   B P     1 
ATOM   641  O  OP1   . G   B 1 12 ? 4.271   -26.756 12.115  1.00 74.26  ? 12  G   B OP1   1 
ATOM   642  O  OP2   . G   B 1 12 ? 3.954   -24.672 10.635  1.00 79.30  ? 12  G   B OP2   1 
ATOM   643  O  "O5'" . G   B 1 12 ? 3.750   -27.026 9.705   1.00 68.42  ? 12  G   B "O5'" 1 
ATOM   644  C  "C5'" . G   B 1 12 ? 3.461   -28.409 9.782   1.00 60.12  ? 12  G   B "C5'" 1 
ATOM   645  C  "C4'" . G   B 1 12 ? 3.687   -29.114 8.470   1.00 64.18  ? 12  G   B "C4'" 1 
ATOM   646  O  "O4'" . G   B 1 12 ? 2.584   -28.909 7.548   1.00 68.32  ? 12  G   B "O4'" 1 
ATOM   647  C  "C3'" . G   B 1 12 ? 4.886   -28.673 7.670   1.00 70.90  ? 12  G   B "C3'" 1 
ATOM   648  O  "O3'" . G   B 1 12 ? 6.114   -29.109 8.197   1.00 79.31  ? 12  G   B "O3'" 1 
ATOM   649  C  "C2'" . G   B 1 12 ? 4.572   -29.230 6.285   1.00 70.75  ? 12  G   B "C2'" 1 
ATOM   650  O  "O2'" . G   B 1 12 ? 4.839   -30.618 6.198   1.00 68.49  ? 12  G   B "O2'" 1 
ATOM   651  C  "C1'" . G   B 1 12 ? 3.064   -28.997 6.212   1.00 71.71  ? 12  G   B "C1'" 1 
ATOM   652  N  N9    . G   B 1 12 ? 2.825   -27.727 5.507   1.00 64.24  ? 12  G   B N9    1 
ATOM   653  C  C8    . G   B 1 12 ? 2.583   -26.499 6.051   1.00 63.15  ? 12  G   B C8    1 
ATOM   654  N  N7    . G   B 1 12 ? 2.498   -25.575 5.142   1.00 63.82  ? 12  G   B N7    1 
ATOM   655  C  C5    . G   B 1 12 ? 2.714   -26.224 3.939   1.00 62.47  ? 12  G   B C5    1 
ATOM   656  C  C6    . G   B 1 12 ? 2.722   -25.733 2.601   1.00 64.81  ? 12  G   B C6    1 
ATOM   657  O  O6    . G   B 1 12 ? 2.533   -24.580 2.196   1.00 60.29  ? 12  G   B O6    1 
ATOM   658  N  N1    . G   B 1 12 ? 2.984   -26.739 1.675   1.00 62.80  ? 12  G   B N1    1 
ATOM   659  C  C2    . G   B 1 12 ? 3.201   -28.052 1.994   1.00 63.08  ? 12  G   B C2    1 
ATOM   660  N  N2    . G   B 1 12 ? 3.433   -28.862 0.951   1.00 60.82  ? 12  G   B N2    1 
ATOM   661  N  N3    . G   B 1 12 ? 3.187   -28.516 3.240   1.00 63.14  ? 12  G   B N3    1 
ATOM   662  C  C4    . G   B 1 12 ? 2.933   -27.556 4.153   1.00 58.68  ? 12  G   B C4    1 
ATOM   663  P  P     . G   B 1 13 ? 7.445   -28.852 7.352   1.00 85.81  ? 13  G   B P     1 
ATOM   664  O  OP1   . G   B 1 13 ? 8.597   -28.954 8.275   1.00 83.97  ? 13  G   B OP1   1 
ATOM   665  O  OP2   . G   B 1 13 ? 7.264   -27.617 6.540   1.00 81.43  ? 13  G   B OP2   1 
ATOM   666  O  "O5'" . G   B 1 13 ? 7.467   -30.066 6.335   1.00 75.40  ? 13  G   B "O5'" 1 
ATOM   667  C  "C5'" . G   B 1 13 ? 8.510   -30.171 5.399   1.00 78.73  ? 13  G   B "C5'" 1 
ATOM   668  C  "C4'" . G   B 1 13 ? 7.981   -30.314 4.003   1.00 78.99  ? 13  G   B "C4'" 1 
ATOM   669  O  "O4'" . G   B 1 13 ? 6.641   -29.769 3.889   1.00 74.36  ? 13  G   B "O4'" 1 
ATOM   670  C  "C3'" . G   B 1 13 ? 8.756   -29.548 2.960   1.00 80.18  ? 13  G   B "C3'" 1 
ATOM   671  O  "O3'" . G   B 1 13 ? 9.993   -30.141 2.645   1.00 88.33  ? 13  G   B "O3'" 1 
ATOM   672  C  "C2'" . G   B 1 13 ? 7.764   -29.462 1.817   1.00 74.77  ? 13  G   B "C2'" 1 
ATOM   673  O  "O2'" . G   B 1 13 ? 7.665   -30.700 1.136   1.00 74.44  ? 13  G   B "O2'" 1 
ATOM   674  C  "C1'" . G   B 1 13 ? 6.470   -29.213 2.592   1.00 74.00  ? 13  G   B "C1'" 1 
ATOM   675  N  N9    . G   B 1 13 ? 6.207   -27.764 2.725   1.00 73.48  ? 13  G   B N9    1 
ATOM   676  C  C8    . G   B 1 13 ? 5.977   -27.067 3.891   1.00 71.43  ? 13  G   B C8    1 
ATOM   677  N  N7    . G   B 1 13 ? 5.786   -25.789 3.696   1.00 69.47  ? 13  G   B N7    1 
ATOM   678  C  C5    . G   B 1 13 ? 5.912   -25.620 2.319   1.00 65.16  ? 13  G   B C5    1 
ATOM   679  C  C6    . G   B 1 13 ? 5.803   -24.448 1.523   1.00 61.62  ? 13  G   B C6    1 
ATOM   680  O  O6    . G   B 1 13 ? 5.571   -23.293 1.904   1.00 56.34  ? 13  G   B O6    1 
ATOM   681  N  N1    . G   B 1 13 ? 5.996   -24.721 0.170   1.00 56.36  ? 13  G   B N1    1 
ATOM   682  C  C2    . G   B 1 13 ? 6.254   -25.965 -0.348  1.00 60.82  ? 13  G   B C2    1 
ATOM   683  N  N2    . G   B 1 13 ? 6.413   -26.060 -1.673  1.00 58.45  ? 13  G   B N2    1 
ATOM   684  N  N3    . G   B 1 13 ? 6.346   -27.059 0.379   1.00 63.11  ? 13  G   B N3    1 
ATOM   685  C  C4    . G   B 1 13 ? 6.168   -26.827 1.700   1.00 66.31  ? 13  G   B C4    1 
ATOM   686  P  P     . G   B 1 14 ? 11.325  -29.412 3.154   1.00 100.42 ? 14  G   B P     1 
ATOM   687  O  OP1   . G   B 1 14 ? 12.380  -30.447 3.296   1.00 93.28  ? 14  G   B OP1   1 
ATOM   688  O  OP2   . G   B 1 14 ? 10.970  -28.564 4.333   1.00 80.82  ? 14  G   B OP2   1 
ATOM   689  O  "O5'" . G   B 1 14 ? 11.692  -28.450 1.931   1.00 91.41  ? 14  G   B "O5'" 1 
ATOM   690  C  "C5'" . G   B 1 14 ? 11.333  -28.788 0.596   1.00 79.98  ? 14  G   B "C5'" 1 
ATOM   691  C  "C4'" . G   B 1 14 ? 10.862  -27.576 -0.178  1.00 79.98  ? 14  G   B "C4'" 1 
ATOM   692  O  "O4'" . G   B 1 14 ? 9.667   -27.026 0.432   1.00 78.68  ? 14  G   B "O4'" 1 
ATOM   693  C  "C3'" . G   B 1 14 ? 11.819  -26.396 -0.227  1.00 79.59  ? 14  G   B "C3'" 1 
ATOM   694  O  "O3'" . G   B 1 14 ? 12.844  -26.567 -1.197  1.00 80.43  ? 14  G   B "O3'" 1 
ATOM   695  C  "C2'" . G   B 1 14 ? 10.893  -25.210 -0.504  1.00 71.47  ? 14  G   B "C2'" 1 
ATOM   696  O  "O2'" . G   B 1 14 ? 10.605  -25.115 -1.889  1.00 73.81  ? 14  G   B "O2'" 1 
ATOM   697  C  "C1'" . G   B 1 14 ? 9.609   -25.631 0.213   1.00 70.87  ? 14  G   B "C1'" 1 
ATOM   698  N  N9    . G   B 1 14 ? 9.371   -24.935 1.495   1.00 66.30  ? 14  G   B N9    1 
ATOM   699  C  C8    . G   B 1 14 ? 9.470   -25.480 2.755   1.00 70.67  ? 14  G   B C8    1 
ATOM   700  N  N7    . G   B 1 14 ? 9.162   -24.645 3.712   1.00 68.38  ? 14  G   B N7    1 
ATOM   701  C  C5    . G   B 1 14 ? 8.828   -23.476 3.048   1.00 64.12  ? 14  G   B C5    1 
ATOM   702  C  C6    . G   B 1 14 ? 8.406   -22.225 3.576   1.00 63.99  ? 14  G   B C6    1 
ATOM   703  O  O6    . G   B 1 14 ? 8.252   -21.879 4.759   1.00 64.56  ? 14  G   B O6    1 
ATOM   704  N  N1    . G   B 1 14 ? 8.158   -21.309 2.564   1.00 60.64  ? 14  G   B N1    1 
ATOM   705  C  C2    . G   B 1 14 ? 8.298   -21.573 1.229   1.00 58.42  ? 14  G   B C2    1 
ATOM   706  N  N2    . G   B 1 14 ? 7.999   -20.540 0.445   1.00 58.39  ? 14  G   B N2    1 
ATOM   707  N  N3    . G   B 1 14 ? 8.696   -22.732 0.709   1.00 58.50  ? 14  G   B N3    1 
ATOM   708  C  C4    . G   B 1 14 ? 8.944   -23.639 1.678   1.00 61.66  ? 14  G   B C4    1 
ATOM   709  P  P     . G   B 1 15 ? 14.372  -26.683 -0.723  1.00 80.86  ? 15  G   B P     1 
ATOM   710  O  OP1   . G   B 1 15 ? 14.939  -27.978 -1.182  1.00 80.45  ? 15  G   B OP1   1 
ATOM   711  O  OP2   . G   B 1 15 ? 14.423  -26.292 0.711   1.00 68.00  ? 15  G   B OP2   1 
ATOM   712  O  "O5'" . G   B 1 15 ? 15.107  -25.535 -1.535  1.00 83.17  ? 15  G   B "O5'" 1 
ATOM   713  C  "C5'" . G   B 1 15 ? 14.388  -24.687 -2.414  1.00 71.14  ? 15  G   B "C5'" 1 
ATOM   714  C  "C4'" . G   B 1 15 ? 14.231  -23.291 -1.855  1.00 69.81  ? 15  G   B "C4'" 1 
ATOM   715  O  "O4'" . G   B 1 15 ? 13.327  -23.302 -0.719  1.00 67.92  ? 15  G   B "O4'" 1 
ATOM   716  C  "C3'" . G   B 1 15 ? 15.503  -22.568 -1.388  1.00 71.04  ? 15  G   B "C3'" 1 
ATOM   717  O  "O3'" . G   B 1 15 ? 15.535  -21.257 -1.936  1.00 77.21  ? 15  G   B "O3'" 1 
ATOM   718  C  "C2'" . G   B 1 15 ? 15.311  -22.432 0.122   1.00 64.85  ? 15  G   B "C2'" 1 
ATOM   719  O  "O2'" . G   B 1 15 ? 15.863  -21.250 0.662   1.00 55.65  ? 15  G   B "O2'" 1 
ATOM   720  C  "C1'" . G   B 1 15 ? 13.799  -22.410 0.249   1.00 62.29  ? 15  G   B "C1'" 1 
ATOM   721  N  N9    . G   B 1 15 ? 13.330  -22.819 1.559   1.00 62.29  ? 15  G   B N9    1 
ATOM   722  C  C8    . G   B 1 15 ? 13.681  -23.981 2.176   1.00 68.61  ? 15  G   B C8    1 
ATOM   723  N  N7    . G   B 1 15 ? 13.164  -24.089 3.366   1.00 74.84  ? 15  G   B N7    1 
ATOM   724  C  C5    . G   B 1 15 ? 12.442  -22.916 3.539   1.00 65.13  ? 15  G   B C5    1 
ATOM   725  C  C6    . G   B 1 15 ? 11.670  -22.494 4.649   1.00 68.41  ? 15  G   B C6    1 
ATOM   726  O  O6    . G   B 1 15 ? 11.478  -23.098 5.715   1.00 72.23  ? 15  G   B O6    1 
ATOM   727  N  N1    . G   B 1 15 ? 11.099  -21.241 4.432   1.00 62.84  ? 15  G   B N1    1 
ATOM   728  C  C2    . G   B 1 15 ? 11.244  -20.512 3.289   1.00 58.66  ? 15  G   B C2    1 
ATOM   729  N  N2    . G   B 1 15 ? 10.600  -19.344 3.310   1.00 57.62  ? 15  G   B N2    1 
ATOM   730  N  N3    . G   B 1 15 ? 11.959  -20.896 2.239   1.00 55.72  ? 15  G   B N3    1 
ATOM   731  C  C4    . G   B 1 15 ? 12.531  -22.107 2.430   1.00 60.55  ? 15  G   B C4    1 
ATOM   732  P  P     . A   B 1 16 ? 16.865  -20.690 -2.635  1.00 81.45  ? 16  A   B P     1 
ATOM   733  O  OP1   . A   B 1 16 ? 17.105  -21.484 -3.872  1.00 71.41  ? 16  A   B OP1   1 
ATOM   734  O  OP2   . A   B 1 16 ? 17.923  -20.584 -1.598  1.00 80.31  ? 16  A   B OP2   1 
ATOM   735  O  "O5'" . A   B 1 16 ? 16.438  -19.229 -3.103  1.00 64.39  ? 16  A   B "O5'" 1 
ATOM   736  C  "C5'" . A   B 1 16 ? 15.673  -19.076 -4.287  1.00 61.10  ? 16  A   B "C5'" 1 
ATOM   737  C  "C4'" . A   B 1 16 ? 14.870  -17.809 -4.284  1.00 63.25  ? 16  A   B "C4'" 1 
ATOM   738  O  "O4'" . A   B 1 16 ? 14.022  -17.751 -3.105  1.00 61.16  ? 16  A   B "O4'" 1 
ATOM   739  C  "C3'" . A   B 1 16 ? 15.679  -16.518 -4.299  1.00 63.50  ? 16  A   B "C3'" 1 
ATOM   740  O  "O3'" . A   B 1 16 ? 15.048  -15.601 -5.176  1.00 62.95  ? 16  A   B "O3'" 1 
ATOM   741  C  "C2'" . A   B 1 16 ? 15.542  -16.006 -2.869  1.00 65.43  ? 16  A   B "C2'" 1 
ATOM   742  O  "O2'" . A   B 1 16 ? 15.678  -14.608 -2.732  1.00 63.16  ? 16  A   B "O2'" 1 
ATOM   743  C  "C1'" . A   B 1 16 ? 14.141  -16.480 -2.510  1.00 59.47  ? 16  A   B "C1'" 1 
ATOM   744  N  N9    . A   B 1 16 ? 13.908  -16.603 -1.070  1.00 50.94  ? 16  A   B N9    1 
ATOM   745  C  C8    . A   B 1 16 ? 14.397  -17.580 -0.271  1.00 56.69  ? 16  A   B C8    1 
ATOM   746  N  N7    . A   B 1 16 ? 14.062  -17.451 0.989   1.00 56.42  ? 16  A   B N7    1 
ATOM   747  C  C5    . A   B 1 16 ? 13.294  -16.317 1.024   1.00 51.18  ? 16  A   B C5    1 
ATOM   748  C  C6    . A   B 1 16 ? 12.652  -15.674 2.089   1.00 56.62  ? 16  A   B C6    1 
ATOM   749  N  N6    . A   B 1 16 ? 12.698  -16.134 3.338   1.00 60.18  ? 16  A   B N6    1 
ATOM   750  N  N1    . A   B 1 16 ? 11.962  -14.548 1.837   1.00 51.85  ? 16  A   B N1    1 
ATOM   751  C  C2    . A   B 1 16 ? 11.939  -14.138 0.566   1.00 59.44  ? 16  A   B C2    1 
ATOM   752  N  N3    . A   B 1 16 ? 12.511  -14.669 -0.523  1.00 60.18  ? 16  A   B N3    1 
ATOM   753  C  C4    . A   B 1 16 ? 13.185  -15.785 -0.232  1.00 50.79  ? 16  A   B C4    1 
ATOM   754  P  P     . G   B 1 17 ? 15.433  -15.578 -6.733  1.00 74.30  ? 17  G   B P     1 
ATOM   755  O  OP1   . G   B 1 17 ? 15.792  -16.938 -7.203  1.00 68.92  ? 17  G   B OP1   1 
ATOM   756  O  OP2   . G   B 1 17 ? 16.388  -14.462 -6.941  1.00 82.69  ? 17  G   B OP2   1 
ATOM   757  O  "O5'" . G   B 1 17 ? 14.077  -15.134 -7.425  1.00 77.09  ? 17  G   B "O5'" 1 
ATOM   758  C  "C5'" . G   B 1 17 ? 13.329  -14.055 -6.892  1.00 72.98  ? 17  G   B "C5'" 1 
ATOM   759  C  "C4'" . G   B 1 17 ? 12.267  -14.539 -5.938  1.00 69.55  ? 17  G   B "C4'" 1 
ATOM   760  O  "O4'" . G   B 1 17 ? 12.717  -14.351 -4.568  1.00 66.62  ? 17  G   B "O4'" 1 
ATOM   761  C  "C3'" . G   B 1 17 ? 10.955  -13.779 -6.011  1.00 64.73  ? 17  G   B "C3'" 1 
ATOM   762  O  "O3'" . G   B 1 17 ? 10.121  -14.246 -7.047  1.00 63.33  ? 17  G   B "O3'" 1 
ATOM   763  C  "C2'" . G   B 1 17 ? 10.379  -13.969 -4.617  1.00 64.23  ? 17  G   B "C2'" 1 
ATOM   764  O  "O2'" . G   B 1 17 ? 9.834   -15.271 -4.473  1.00 64.88  ? 17  G   B "O2'" 1 
ATOM   765  C  "C1'" . G   B 1 17 ? 11.643  -13.899 -3.768  1.00 65.64  ? 17  G   B "C1'" 1 
ATOM   766  N  N9    . G   B 1 17 ? 11.939  -12.522 -3.333  1.00 57.60  ? 17  G   B N9    1 
ATOM   767  C  C8    . G   B 1 17 ? 13.102  -11.842 -3.559  1.00 56.46  ? 17  G   B C8    1 
ATOM   768  N  N7    . G   B 1 17 ? 13.091  -10.646 -3.047  1.00 55.56  ? 17  G   B N7    1 
ATOM   769  C  C5    . G   B 1 17 ? 11.850  -10.536 -2.456  1.00 52.77  ? 17  G   B C5    1 
ATOM   770  C  C6    . G   B 1 17 ? 11.279  -9.455  -1.750  1.00 55.34  ? 17  G   B C6    1 
ATOM   771  O  O6    . G   B 1 17 ? 11.757  -8.350  -1.494  1.00 57.86  ? 17  G   B O6    1 
ATOM   772  N  N1    . G   B 1 17 ? 10.000  -9.744  -1.312  1.00 57.85  ? 17  G   B N1    1 
ATOM   773  C  C2    . G   B 1 17 ? 9.363   -10.927 -1.521  1.00 56.09  ? 17  G   B C2    1 
ATOM   774  N  N2    . G   B 1 17 ? 8.134   -10.989 -1.000  1.00 58.28  ? 17  G   B N2    1 
ATOM   775  N  N3    . G   B 1 17 ? 9.883   -11.949 -2.178  1.00 55.58  ? 17  G   B N3    1 
ATOM   776  C  C4    . G   B 1 17 ? 11.123  -11.683 -2.620  1.00 53.89  ? 17  G   B C4    1 
ATOM   777  P  P     . C   B 1 18 ? 9.312   -13.197 -7.945  1.00 81.78  ? 18  C   B P     1 
ATOM   778  O  OP1   . C   B 1 18 ? 8.656   -13.967 -9.036  1.00 68.19  ? 18  C   B OP1   1 
ATOM   779  O  OP2   . C   B 1 18 ? 10.199  -12.029 -8.221  1.00 79.07  ? 18  C   B OP2   1 
ATOM   780  O  "O5'" . C   B 1 18 ? 8.157   -12.680 -6.984  1.00 68.13  ? 18  C   B "O5'" 1 
ATOM   781  C  "C5'" . C   B 1 18 ? 7.146   -13.566 -6.560  1.00 60.79  ? 18  C   B "C5'" 1 
ATOM   782  C  "C4'" . C   B 1 18 ? 6.192   -12.892 -5.616  1.00 59.91  ? 18  C   B "C4'" 1 
ATOM   783  O  "O4'" . C   B 1 18 ? 6.898   -12.480 -4.419  1.00 59.81  ? 18  C   B "O4'" 1 
ATOM   784  C  "C3'" . C   B 1 18 ? 5.546   -11.613 -6.103  1.00 54.40  ? 18  C   B "C3'" 1 
ATOM   785  O  "O3'" . C   B 1 18 ? 4.468   -11.820 -6.992  1.00 56.78  ? 18  C   B "O3'" 1 
ATOM   786  C  "C2'" . C   B 1 18 ? 5.134   -10.964 -4.799  1.00 56.09  ? 18  C   B "C2'" 1 
ATOM   787  O  "O2'" . C   B 1 18 ? 4.018   -11.649 -4.259  1.00 58.25  ? 18  C   B "O2'" 1 
ATOM   788  C  "C1'" . C   B 1 18 ? 6.345   -11.278 -3.933  1.00 53.40  ? 18  C   B "C1'" 1 
ATOM   789  N  N1    . C   B 1 18 ? 7.385   -10.228 -4.038  1.00 55.77  ? 18  C   B N1    1 
ATOM   790  C  C2    . C   B 1 18 ? 7.310   -9.100  -3.220  1.00 57.73  ? 18  C   B C2    1 
ATOM   791  O  O2    . C   B 1 18 ? 6.371   -8.996  -2.409  1.00 56.19  ? 18  C   B O2    1 
ATOM   792  N  N3    . C   B 1 18 ? 8.270   -8.155  -3.324  1.00 55.70  ? 18  C   B N3    1 
ATOM   793  C  C4    . C   B 1 18 ? 9.268   -8.296  -4.192  1.00 54.43  ? 18  C   B C4    1 
ATOM   794  N  N4    . C   B 1 18 ? 10.188  -7.326  -4.251  1.00 54.80  ? 18  C   B N4    1 
ATOM   795  C  C5    . C   B 1 18 ? 9.370   -9.433  -5.040  1.00 55.60  ? 18  C   B C5    1 
ATOM   796  C  C6    . C   B 1 18 ? 8.418   -10.356 -4.927  1.00 56.08  ? 18  C   B C6    1 
ATOM   797  P  P     . C   B 1 19 ? 4.027   -10.648 -8.007  1.00 71.63  ? 19  C   B P     1 
ATOM   798  O  OP1   . C   B 1 19 ? 2.805   -11.144 -8.693  1.00 66.07  ? 19  C   B OP1   1 
ATOM   799  O  OP2   . C   B 1 19 ? 5.191   -10.207 -8.828  1.00 61.53  ? 19  C   B OP2   1 
ATOM   800  O  "O5'" . C   B 1 19 ? 3.536   -9.476  -7.056  1.00 48.18  ? 19  C   B "O5'" 1 
ATOM   801  C  "C5'" . C   B 1 19 ? 2.262   -9.570  -6.462  1.00 51.99  ? 19  C   B "C5'" 1 
ATOM   802  C  "C4'" . C   B 1 19 ? 1.992   -8.419  -5.542  1.00 57.01  ? 19  C   B "C4'" 1 
ATOM   803  O  "O4'" . C   B 1 19 ? 3.126   -8.222  -4.664  1.00 57.31  ? 19  C   B "O4'" 1 
ATOM   804  C  "C3'" . C   B 1 19 ? 1.809   -7.070  -6.205  1.00 56.40  ? 19  C   B "C3'" 1 
ATOM   805  O  "O3'" . C   B 1 19 ? 0.517   -6.906  -6.753  1.00 52.68  ? 19  C   B "O3'" 1 
ATOM   806  C  "C2'" . C   B 1 19 ? 2.127   -6.108  -5.070  1.00 56.72  ? 19  C   B "C2'" 1 
ATOM   807  O  "O2'" . C   B 1 19 ? 1.033   -6.022  -4.175  1.00 52.93  ? 19  C   B "O2'" 1 
ATOM   808  C  "C1'" . C   B 1 19 ? 3.266   -6.848  -4.364  1.00 58.00  ? 19  C   B "C1'" 1 
ATOM   809  N  N1    . C   B 1 19 ? 4.602   -6.393  -4.819  1.00 51.62  ? 19  C   B N1    1 
ATOM   810  C  C2    . C   B 1 19 ? 5.102   -5.199  -4.294  1.00 53.46  ? 19  C   B C2    1 
ATOM   811  O  O2    . C   B 1 19 ? 4.425   -4.569  -3.479  1.00 53.92  ? 19  C   B O2    1 
ATOM   812  N  N3    . C   B 1 19 ? 6.311   -4.747  -4.689  1.00 56.02  ? 19  C   B N3    1 
ATOM   813  C  C4    . C   B 1 19 ? 7.007   -5.459  -5.588  1.00 60.26  ? 19  C   B C4    1 
ATOM   814  N  N4    . C   B 1 19 ? 8.199   -4.978  -5.965  1.00 56.71  ? 19  C   B N4    1 
ATOM   815  C  C5    . C   B 1 19 ? 6.514   -6.688  -6.141  1.00 52.83  ? 19  C   B C5    1 
ATOM   816  C  C6    . C   B 1 19 ? 5.320   -7.114  -5.732  1.00 49.86  ? 19  C   B C6    1 
ATOM   817  O  "O5'" . G   C 1 1  ? 5.224   -4.187  -9.623  1.00 63.83  ? 1   G   C "O5'" 1 
ATOM   818  C  "C5'" . G   C 1 1  ? 4.033   -4.802  -9.163  1.00 61.41  ? 1   G   C "C5'" 1 
ATOM   819  C  "C4'" . G   C 1 1  ? 3.424   -4.025  -8.029  1.00 57.23  ? 1   G   C "C4'" 1 
ATOM   820  O  "O4'" . G   C 1 1  ? 4.416   -3.840  -6.990  1.00 56.70  ? 1   G   C "O4'" 1 
ATOM   821  C  "C3'" . G   C 1 1  ? 2.978   -2.611  -8.340  1.00 54.48  ? 1   G   C "C3'" 1 
ATOM   822  O  "O3'" . G   C 1 1  ? 1.741   -2.538  -9.023  1.00 64.28  ? 1   G   C "O3'" 1 
ATOM   823  C  "C2'" . G   C 1 1  ? 2.962   -1.979  -6.958  1.00 54.33  ? 1   G   C "C2'" 1 
ATOM   824  O  "O2'" . G   C 1 1  ? 1.848   -2.437  -6.216  1.00 55.65  ? 1   G   C "O2'" 1 
ATOM   825  C  "C1'" . G   C 1 1  ? 4.209   -2.598  -6.347  1.00 54.79  ? 1   G   C "C1'" 1 
ATOM   826  N  N9    . G   C 1 1  ? 5.384   -1.749  -6.578  1.00 53.15  ? 1   G   C N9    1 
ATOM   827  C  C8    . G   C 1 1  ? 6.468   -2.024  -7.371  1.00 50.19  ? 1   G   C C8    1 
ATOM   828  N  N7    . G   C 1 1  ? 7.340   -1.052  -7.368  1.00 55.21  ? 1   G   C N7    1 
ATOM   829  C  C5    . G   C 1 1  ? 6.787   -0.079  -6.534  1.00 54.65  ? 1   G   C C5    1 
ATOM   830  C  C6    . G   C 1 1  ? 7.267   1.207   -6.143  1.00 59.07  ? 1   G   C C6    1 
ATOM   831  O  O6    . G   C 1 1  ? 8.319   1.773   -6.462  1.00 65.46  ? 1   G   C O6    1 
ATOM   832  N  N1    . G   C 1 1  ? 6.383   1.859   -5.288  1.00 57.31  ? 1   G   C N1    1 
ATOM   833  C  C2    . G   C 1 1  ? 5.189   1.329   -4.860  1.00 56.67  ? 1   G   C C2    1 
ATOM   834  N  N2    . G   C 1 1  ? 4.474   2.101   -4.028  1.00 54.81  ? 1   G   C N2    1 
ATOM   835  N  N3    . G   C 1 1  ? 4.737   0.134   -5.210  1.00 54.75  ? 1   G   C N3    1 
ATOM   836  C  C4    . G   C 1 1  ? 5.578   -0.506  -6.038  1.00 51.14  ? 1   G   C C4    1 
ATOM   837  P  P     . G   C 1 2  ? 1.413   -1.270  -9.956  1.00 70.84  ? 2   G   C P     1 
ATOM   838  O  OP1   . G   C 1 2  ? 0.109   -1.532  -10.610 1.00 61.80  ? 2   G   C OP1   1 
ATOM   839  O  OP2   . G   C 1 2  ? 2.594   -1.031  -10.818 1.00 58.03  ? 2   G   C OP2   1 
ATOM   840  O  "O5'" . G   C 1 2  ? 1.226   -0.063  -8.929  1.00 54.49  ? 2   G   C "O5'" 1 
ATOM   841  C  "C5'" . G   C 1 2  ? 0.169   -0.091  -7.982  1.00 54.32  ? 2   G   C "C5'" 1 
ATOM   842  C  "C4'" . G   C 1 2  ? 0.162   1.134   -7.104  1.00 57.67  ? 2   G   C "C4'" 1 
ATOM   843  O  "O4'" . G   C 1 2  ? 1.409   1.244   -6.374  1.00 61.21  ? 2   G   C "O4'" 1 
ATOM   844  C  "C3'" . G   C 1 2  ? 0.065   2.462   -7.822  1.00 62.43  ? 2   G   C "C3'" 1 
ATOM   845  O  "O3'" . G   C 1 2  ? -1.236  2.778   -8.267  1.00 68.05  ? 2   G   C "O3'" 1 
ATOM   846  C  "C2'" . G   C 1 2  ? 0.613   3.437   -6.790  1.00 62.27  ? 2   G   C "C2'" 1 
ATOM   847  O  "O2'" . G   C 1 2  ? -0.353  3.703   -5.784  1.00 63.92  ? 2   G   C "O2'" 1 
ATOM   848  C  "C1'" . G   C 1 2  ? 1.736   2.612   -6.183  1.00 59.86  ? 2   G   C "C1'" 1 
ATOM   849  N  N9    . G   C 1 2  ? 3.041   2.907   -6.815  1.00 56.67  ? 2   G   C N9    1 
ATOM   850  C  C8    . G   C 1 2  ? 3.731   2.110   -7.696  1.00 59.38  ? 2   G   C C8    1 
ATOM   851  N  N7    . G   C 1 2  ? 4.874   2.622   -8.074  1.00 61.57  ? 2   G   C N7    1 
ATOM   852  C  C5    . G   C 1 2  ? 4.950   3.842   -7.408  1.00 59.16  ? 2   G   C C5    1 
ATOM   853  C  C6    . G   C 1 2  ? 5.968   4.841   -7.434  1.00 58.04  ? 2   G   C C6    1 
ATOM   854  O  O6    . G   C 1 2  ? 7.040   4.847   -8.065  1.00 58.40  ? 2   G   C O6    1 
ATOM   855  N  N1    . G   C 1 2  ? 5.643   5.919   -6.617  1.00 54.59  ? 2   G   C N1    1 
ATOM   856  C  C2    . G   C 1 2  ? 4.494   6.023   -5.873  1.00 55.20  ? 2   G   C C2    1 
ATOM   857  N  N2    . G   C 1 2  ? 4.369   7.139   -5.143  1.00 50.91  ? 2   G   C N2    1 
ATOM   858  N  N3    . G   C 1 2  ? 3.541   5.096   -5.839  1.00 59.16  ? 2   G   C N3    1 
ATOM   859  C  C4    . G   C 1 2  ? 3.826   4.033   -6.627  1.00 57.73  ? 2   G   C C4    1 
ATOM   860  P  P     . C   C 1 3  ? -1.400  3.809   -9.480  1.00 72.53  ? 3   C   C P     1 
ATOM   861  O  OP1   . C   C 1 3  ? -2.865  3.916   -9.695  1.00 78.24  ? 3   C   C OP1   1 
ATOM   862  O  OP2   . C   C 1 3  ? -0.549  3.351   -10.620 1.00 51.09  ? 3   C   C OP2   1 
ATOM   863  O  "O5'" . C   C 1 3  ? -0.867  5.189   -8.864  1.00 57.05  ? 3   C   C "O5'" 1 
ATOM   864  C  "C5'" . C   C 1 3  ? -1.576  5.821   -7.805  1.00 57.93  ? 3   C   C "C5'" 1 
ATOM   865  C  "C4'" . C   C 1 3  ? -0.998  7.164   -7.440  1.00 54.23  ? 3   C   C "C4'" 1 
ATOM   866  O  "O4'" . C   C 1 3  ? 0.303   6.985   -6.841  1.00 54.52  ? 3   C   C "O4'" 1 
ATOM   867  C  "C3'" . C   C 1 3  ? -0.737  8.120   -8.584  1.00 52.96  ? 3   C   C "C3'" 1 
ATOM   868  O  "O3'" . C   C 1 3  ? -1.878  8.810   -9.033  1.00 51.48  ? 3   C   C "O3'" 1 
ATOM   869  C  "C2'" . C   C 1 3  ? 0.316   9.040   -8.006  1.00 56.81  ? 3   C   C "C2'" 1 
ATOM   870  O  "O2'" . C   C 1 3  ? -0.278  9.990   -7.138  1.00 64.74  ? 3   C   C "O2'" 1 
ATOM   871  C  "C1'" . C   C 1 3  ? 1.147   8.058   -7.196  1.00 54.49  ? 3   C   C "C1'" 1 
ATOM   872  N  N1    . C   C 1 3  ? 2.247   7.528   -8.025  1.00 55.52  ? 3   C   C N1    1 
ATOM   873  C  C2    . C   C 1 3  ? 3.383   8.314   -8.214  1.00 53.32  ? 3   C   C C2    1 
ATOM   874  O  O2    . C   C 1 3  ? 3.454   9.416   -7.664  1.00 53.25  ? 3   C   C O2    1 
ATOM   875  N  N3    . C   C 1 3  ? 4.380   7.847   -8.995  1.00 56.34  ? 3   C   C N3    1 
ATOM   876  C  C4    . C   C 1 3  ? 4.266   6.651   -9.579  1.00 55.10  ? 3   C   C C4    1 
ATOM   877  N  N4    . C   C 1 3  ? 5.266   6.225   -10.338 1.00 53.46  ? 3   C   C N4    1 
ATOM   878  C  C5    . C   C 1 3  ? 3.120   5.829   -9.419  1.00 55.71  ? 3   C   C C5    1 
ATOM   879  C  C6    . C   C 1 3  ? 2.138   6.313   -8.644  1.00 59.38  ? 3   C   C C6    1 
HETATM 880  P  P     . 2PR C 1 4  ? -2.017  9.096   -10.600 1.00 60.19  ? 4   2PR C P     1 
HETATM 881  O  OP1   . 2PR C 1 4  ? -3.321  9.858   -10.828 1.00 61.73  ? 4   2PR C OP1   1 
HETATM 882  O  OP2   . 2PR C 1 4  ? -1.824  7.823   -11.307 1.00 59.12  ? 4   2PR C OP2   1 
HETATM 883  O  "O5'" . 2PR C 1 4  ? -0.793  10.053  -10.921 1.00 52.49  ? 4   2PR C "O5'" 1 
HETATM 884  C  "C5'" . 2PR C 1 4  ? -0.696  11.319  -10.298 1.00 50.63  ? 4   2PR C "C5'" 1 
HETATM 885  C  "C4'" . 2PR C 1 4  ? 0.579   12.011  -10.681 1.00 51.67  ? 4   2PR C "C4'" 1 
HETATM 886  O  "O4'" . 2PR C 1 4  ? 1.710   11.296  -10.131 1.00 52.96  ? 4   2PR C "O4'" 1 
HETATM 887  C  "C3'" . 2PR C 1 4  ? 0.875   12.044  -12.161 1.00 49.21  ? 4   2PR C "C3'" 1 
HETATM 888  O  "O3'" . 2PR C 1 4  ? 0.124   13.006  -12.864 1.00 53.09  ? 4   2PR C "O3'" 1 
HETATM 889  C  "C2'" . 2PR C 1 4  ? 2.377   12.264  -12.184 1.00 44.69  ? 4   2PR C "C2'" 1 
HETATM 890  C  "C1'" . 2PR C 1 4  ? 2.803   11.379  -11.023 1.00 51.60  ? 4   2PR C "C1'" 1 
HETATM 891  N  N9    . 2PR C 1 4  ? 3.098   10.034  -11.519 1.00 51.83  ? 4   2PR C N9    1 
HETATM 892  C  C8    . 2PR C 1 4  ? 2.313   8.880   -11.455 1.00 50.18  ? 4   2PR C C8    1 
HETATM 893  N  N7    . 2PR C 1 4  ? 2.931   7.860   -12.047 1.00 47.17  ? 4   2PR C N7    1 
HETATM 894  C  C5    . 2PR C 1 4  ? 4.146   8.417   -12.529 1.00 46.78  ? 4   2PR C C5    1 
HETATM 895  C  C6    . 2PR C 1 4  ? 5.255   7.962   -13.235 1.00 48.80  ? 4   2PR C C6    1 
HETATM 896  N  N1    . 2PR C 1 4  ? 6.310   8.692   -13.573 1.00 42.94  ? 4   2PR C N1    1 
HETATM 897  C  C2    . 2PR C 1 4  ? 6.281   10.002  -13.202 1.00 47.85  ? 4   2PR C C2    1 
HETATM 898  N  N2    . 2PR C 1 4  ? 7.372   10.782  -13.561 1.00 53.69  ? 4   2PR C N2    1 
HETATM 899  N  N3    . 2PR C 1 4  ? 5.264   10.584  -12.509 1.00 48.78  ? 4   2PR C N3    1 
HETATM 900  C  C4    . 2PR C 1 4  ? 4.250   9.769   -12.211 1.00 48.05  ? 4   2PR C C4    1 
HETATM 901  P  P     . 2PR C 1 5  ? -0.306  12.705  -14.376 1.00 60.60  ? 5   2PR C P     1 
HETATM 902  O  OP1   . 2PR C 1 5  ? -1.812  12.392  -14.393 1.00 59.60  ? 5   2PR C OP1   1 
HETATM 903  O  OP2   . 2PR C 1 5  ? 0.627   11.701  -14.923 1.00 56.85  ? 5   2PR C OP2   1 
HETATM 904  O  "O5'" . 2PR C 1 5  ? -0.063  14.251  -15.193 1.00 61.72  ? 5   2PR C "O5'" 1 
HETATM 905  C  "C5'" . 2PR C 1 5  ? 1.135   14.932  -15.232 1.00 60.40  ? 5   2PR C "C5'" 1 
HETATM 906  C  "C4'" . 2PR C 1 5  ? 1.202   15.829  -16.541 1.00 65.93  ? 5   2PR C "C4'" 1 
HETATM 907  O  "O4'" . 2PR C 1 5  ? 2.399   16.614  -16.628 1.00 67.70  ? 5   2PR C "O4'" 1 
HETATM 908  C  "C3'" . 2PR C 1 5  ? 1.083   15.047  -17.898 1.00 63.31  ? 5   2PR C "C3'" 1 
HETATM 909  O  "O3'" . 2PR C 1 5  ? 0.461   15.899  -18.849 1.00 66.31  ? 5   2PR C "O3'" 1 
HETATM 910  C  "C2'" . 2PR C 1 5  ? 2.527   15.122  -18.464 1.00 53.28  ? 5   2PR C "C2'" 1 
HETATM 911  C  "C1'" . 2PR C 1 5  ? 2.974   16.490  -17.940 1.00 58.26  ? 5   2PR C "C1'" 1 
HETATM 912  N  N9    . 2PR C 1 5  ? 4.449   16.526  -17.653 1.00 58.50  ? 5   2PR C N9    1 
HETATM 913  C  C8    . 2PR C 1 5  ? 5.377   17.557  -17.978 1.00 57.14  ? 5   2PR C C8    1 
HETATM 914  N  N7    . 2PR C 1 5  ? 6.616   17.280  -17.558 1.00 54.16  ? 5   2PR C N7    1 
HETATM 915  C  C5    . 2PR C 1 5  ? 6.509   16.009  -16.911 1.00 55.48  ? 5   2PR C C5    1 
HETATM 916  C  C6    . 2PR C 1 5  ? 7.398   15.130  -16.250 1.00 50.75  ? 5   2PR C C6    1 
HETATM 917  N  N1    . 2PR C 1 5  ? 7.028   13.962  -15.710 1.00 52.61  ? 5   2PR C N1    1 
HETATM 918  C  C2    . 2PR C 1 5  ? 5.642   13.584  -15.816 1.00 56.02  ? 5   2PR C C2    1 
HETATM 919  N  N2    . 2PR C 1 5  ? 5.180   12.338  -15.268 1.00 50.47  ? 5   2PR C N2    1 
HETATM 920  N  N3    . 2PR C 1 5  ? 4.696   14.368  -16.438 1.00 58.22  ? 5   2PR C N3    1 
HETATM 921  C  C4    . 2PR C 1 5  ? 5.155   15.533  -16.955 1.00 58.31  ? 5   2PR C C4    1 
HETATM 922  P  P     . 2PR C 1 6  ? -1.143  16.001  -18.974 1.00 72.45  ? 6   2PR C P     1 
HETATM 923  O  OP1   . 2PR C 1 6  ? -1.684  14.673  -19.529 1.00 69.87  ? 6   2PR C OP1   1 
HETATM 924  O  OP2   . 2PR C 1 6  ? -1.399  17.279  -19.665 1.00 67.68  ? 6   2PR C OP2   1 
HETATM 925  O  "O5'" . 2PR C 1 6  ? -1.778  16.071  -17.282 1.00 73.31  ? 6   2PR C "O5'" 1 
HETATM 926  C  "C5'" . 2PR C 1 6  ? -2.589  17.039  -16.708 1.00 64.71  ? 6   2PR C "C5'" 1 
HETATM 927  C  "C4'" . 2PR C 1 6  ? -3.906  16.398  -16.076 1.00 65.45  ? 6   2PR C "C4'" 1 
HETATM 928  O  "O4'" . 2PR C 1 6  ? -4.731  15.739  -17.031 1.00 70.62  ? 6   2PR C "O4'" 1 
HETATM 929  C  "C3'" . 2PR C 1 6  ? -3.687  15.378  -14.883 1.00 69.21  ? 6   2PR C "C3'" 1 
HETATM 930  O  "O3'" . 2PR C 1 6  ? -4.358  15.825  -13.722 1.00 68.71  ? 6   2PR C "O3'" 1 
HETATM 931  C  "C2'" . 2PR C 1 6  ? -4.662  14.213  -15.215 1.00 76.47  ? 6   2PR C "C2'" 1 
HETATM 932  C  "C1'" . 2PR C 1 6  ? -5.598  14.929  -16.242 1.00 86.01  ? 6   2PR C "C1'" 1 
HETATM 933  N  N9    . 2PR C 1 6  ? -6.228  13.983  -17.213 1.00 98.47  ? 6   2PR C N9    1 
HETATM 934  C  C8    . 2PR C 1 6  ? -6.060  14.009  -18.622 1.00 96.97  ? 6   2PR C C8    1 
HETATM 935  N  N7    . 2PR C 1 6  ? -6.762  13.041  -19.230 1.00 111.33 ? 6   2PR C N7    1 
HETATM 936  C  C5    . 2PR C 1 6  ? -7.445  12.325  -18.184 1.00 120.29 ? 6   2PR C C5    1 
HETATM 937  C  C6    . 2PR C 1 6  ? -8.334  11.211  -18.123 1.00 121.48 ? 6   2PR C C6    1 
HETATM 938  N  N1    . 2PR C 1 6  ? -8.857  10.708  -16.981 1.00 119.69 ? 6   2PR C N1    1 
HETATM 939  C  C2    . 2PR C 1 6  ? -8.487  11.340  -15.754 1.00 120.29 ? 6   2PR C C2    1 
HETATM 940  N  N2    . 2PR C 1 6  ? -9.034  10.816  -14.557 1.00 117.14 ? 6   2PR C N2    1 
HETATM 941  N  N3    . 2PR C 1 6  ? -7.620  12.439  -15.670 1.00 119.16 ? 6   2PR C N3    1 
HETATM 942  C  C4    . 2PR C 1 6  ? -7.131  12.898  -16.890 1.00 114.87 ? 6   2PR C C4    1 
HETATM 943  P  P     . 2PR C 1 7  ? -3.692  16.942  -12.777 1.00 73.82  ? 7   2PR C P     1 
HETATM 944  O  OP1   . 2PR C 1 7  ? -4.260  16.791  -11.358 1.00 70.41  ? 7   2PR C OP1   1 
HETATM 945  O  OP2   . 2PR C 1 7  ? -3.730  18.279  -13.388 1.00 68.65  ? 7   2PR C OP2   1 
HETATM 946  O  "O5'" . 2PR C 1 7  ? -2.076  16.473  -12.677 1.00 61.48  ? 7   2PR C "O5'" 1 
HETATM 947  C  "C5'" . 2PR C 1 7  ? -1.491  16.238  -11.498 1.00 58.65  ? 7   2PR C "C5'" 1 
HETATM 948  C  "C4'" . 2PR C 1 7  ? -0.062  16.701  -11.674 1.00 55.74  ? 7   2PR C "C4'" 1 
HETATM 949  O  "O4'" . 2PR C 1 7  ? 0.250   16.936  -13.021 1.00 61.81  ? 7   2PR C "O4'" 1 
HETATM 950  C  "C3'" . 2PR C 1 7  ? 0.191   18.007  -10.917 1.00 56.16  ? 7   2PR C "C3'" 1 
HETATM 951  O  "O3'" . 2PR C 1 7  ? 1.393   17.777  -10.225 1.00 59.64  ? 7   2PR C "O3'" 1 
HETATM 952  C  "C2'" . 2PR C 1 7  ? 0.716   18.974  -11.989 1.00 57.64  ? 7   2PR C "C2'" 1 
HETATM 953  C  "C1'" . 2PR C 1 7  ? 1.232   17.960  -13.012 1.00 64.92  ? 7   2PR C "C1'" 1 
HETATM 954  N  N9    . 2PR C 1 7  ? 1.143   18.607  -14.329 1.00 65.62  ? 7   2PR C N9    1 
HETATM 955  C  C8    . 2PR C 1 7  ? -0.007  18.789  -15.105 1.00 67.58  ? 7   2PR C C8    1 
HETATM 956  N  N7    . 2PR C 1 7  ? 0.267   19.417  -16.241 1.00 65.90  ? 7   2PR C N7    1 
HETATM 957  C  C5    . 2PR C 1 7  ? 1.659   19.663  -16.213 1.00 63.54  ? 7   2PR C C5    1 
HETATM 958  C  C6    . 2PR C 1 7  ? 2.597   20.273  -17.072 1.00 67.28  ? 7   2PR C C6    1 
HETATM 959  N  N1    . 2PR C 1 7  ? 3.909   20.397  -16.813 1.00 68.84  ? 7   2PR C N1    1 
HETATM 960  C  C2    . 2PR C 1 7  ? 4.381   19.852  -15.585 1.00 70.30  ? 7   2PR C C2    1 
HETATM 961  N  N2    . 2PR C 1 7  ? 5.778   19.948  -15.271 1.00 68.03  ? 7   2PR C N2    1 
HETATM 962  N  N3    . 2PR C 1 7  ? 3.549   19.216  -14.673 1.00 71.99  ? 7   2PR C N3    1 
HETATM 963  C  C4    . 2PR C 1 7  ? 2.230   19.161  -15.015 1.00 65.02  ? 7   2PR C C4    1 
ATOM   964  P  P     . A   C 1 8  ? 1.367   17.227  -8.713  1.00 59.04  ? 8   A   C P     1 
ATOM   965  O  OP1   . A   C 1 8  ? 0.173   16.359  -8.451  1.00 45.09  ? 8   A   C OP1   1 
ATOM   966  O  OP2   . A   C 1 8  ? 1.678   18.417  -7.875  1.00 49.27  ? 8   A   C OP2   1 
ATOM   967  O  "O5'" . A   C 1 8  ? 2.608   16.240  -8.678  1.00 51.88  ? 8   A   C "O5'" 1 
ATOM   968  C  "C5'" . A   C 1 8  ? 2.487   14.932  -8.140  1.00 54.71  ? 8   A   C "C5'" 1 
ATOM   969  C  "C4'" . A   C 1 8  ? 3.829   14.421  -7.700  1.00 48.58  ? 8   A   C "C4'" 1 
ATOM   970  O  "O4'" . A   C 1 8  ? 4.713   14.397  -8.842  1.00 49.54  ? 8   A   C "O4'" 1 
ATOM   971  C  "C3'" . A   C 1 8  ? 4.538   15.311  -6.709  1.00 51.30  ? 8   A   C "C3'" 1 
ATOM   972  O  "O3'" . A   C 1 8  ? 4.117   15.076  -5.380  1.00 57.19  ? 8   A   C "O3'" 1 
ATOM   973  C  "C2'" . A   C 1 8  ? 6.003   15.008  -6.977  1.00 49.87  ? 8   A   C "C2'" 1 
ATOM   974  O  "O2'" . A   C 1 8  ? 6.362   13.759  -6.425  1.00 55.67  ? 8   A   C "O2'" 1 
ATOM   975  C  "C1'" . A   C 1 8  ? 5.991   14.850  -8.482  1.00 47.35  ? 8   A   C "C1'" 1 
ATOM   976  N  N9    . A   C 1 8  ? 6.194   16.128  -9.172  1.00 45.41  ? 8   A   C N9    1 
ATOM   977  C  C8    . A   C 1 8  ? 5.274   16.715  -9.969  1.00 42.99  ? 8   A   C C8    1 
ATOM   978  N  N7    . A   C 1 8  ? 5.681   17.832  -10.472 1.00 44.55  ? 8   A   C N7    1 
ATOM   979  C  C5    . A   C 1 8  ? 6.944   17.978  -9.977  1.00 42.54  ? 8   A   C C5    1 
ATOM   980  C  C6    . A   C 1 8  ? 7.874   18.985  -10.159 1.00 48.80  ? 8   A   C C6    1 
ATOM   981  N  N6    . A   C 1 8  ? 7.595   20.041  -10.930 1.00 52.60  ? 8   A   C N6    1 
ATOM   982  N  N1    . A   C 1 8  ? 9.069   18.877  -9.538  1.00 42.94  ? 8   A   C N1    1 
ATOM   983  C  C2    . A   C 1 8  ? 9.272   17.803  -8.783  1.00 47.97  ? 8   A   C C2    1 
ATOM   984  N  N3    . A   C 1 8  ? 8.456   16.786  -8.539  1.00 51.10  ? 8   A   C N3    1 
ATOM   985  C  C4    . A   C 1 8  ? 7.289   16.941  -9.177  1.00 44.45  ? 8   A   C C4    1 
ATOM   986  P  P     . A   C 1 9  ? 4.330   16.195  -4.254  1.00 64.72  ? 9   A   C P     1 
ATOM   987  O  OP1   . A   C 1 9  ? 3.985   15.549  -2.961  1.00 61.58  ? 9   A   C OP1   1 
ATOM   988  O  OP2   . A   C 1 9  ? 3.723   17.489  -4.648  1.00 55.50  ? 9   A   C OP2   1 
ATOM   989  O  "O5'" . A   C 1 9  ? 5.897   16.422  -4.251  1.00 50.32  ? 9   A   C "O5'" 1 
ATOM   990  C  "C5'" . A   C 1 9  ? 6.748   15.497  -3.602  1.00 52.36  ? 9   A   C "C5'" 1 
ATOM   991  C  "C4'" . A   C 1 9  ? 8.157   16.016  -3.556  1.00 54.09  ? 9   A   C "C4'" 1 
ATOM   992  O  "O4'" . A   C 1 9  ? 8.573   16.401  -4.886  1.00 52.89  ? 9   A   C "O4'" 1 
ATOM   993  C  "C3'" . A   C 1 9  ? 8.381   17.271  -2.734  1.00 51.64  ? 9   A   C "C3'" 1 
ATOM   994  O  "O3'" . A   C 1 9  ? 8.478   17.007  -1.353  1.00 54.44  ? 9   A   C "O3'" 1 
ATOM   995  C  "C2'" . A   C 1 9  ? 9.666   17.818  -3.332  1.00 53.27  ? 9   A   C "C2'" 1 
ATOM   996  O  "O2'" . A   C 1 9  ? 10.778  17.065  -2.867  1.00 59.38  ? 9   A   C "O2'" 1 
ATOM   997  C  "C1'" . A   C 1 9  ? 9.465   17.493  -4.811  1.00 51.06  ? 9   A   C "C1'" 1 
ATOM   998  N  N9    . A   C 1 9  ? 8.887   18.611  -5.583  1.00 50.84  ? 9   A   C N9    1 
ATOM   999  C  C8    . A   C 1 9  ? 7.601   18.654  -6.042  1.00 54.41  ? 9   A   C C8    1 
ATOM   1000 N  N7    . A   C 1 9  ? 7.327   19.734  -6.728  1.00 52.76  ? 9   A   C N7    1 
ATOM   1001 C  C5    . A   C 1 9  ? 8.513   20.456  -6.734  1.00 51.70  ? 9   A   C C5    1 
ATOM   1002 C  C6    . A   C 1 9  ? 8.848   21.706  -7.310  1.00 51.19  ? 9   A   C C6    1 
ATOM   1003 N  N6    . A   C 1 9  ? 7.997   22.464  -8.005  1.00 48.61  ? 9   A   C N6    1 
ATOM   1004 N  N1    . A   C 1 9  ? 10.107  22.145  -7.139  1.00 49.72  ? 9   A   C N1    1 
ATOM   1005 C  C2    . A   C 1 9  ? 10.943  21.366  -6.430  1.00 52.86  ? 9   A   C C2    1 
ATOM   1006 N  N3    . A   C 1 9  ? 10.749  20.186  -5.839  1.00 52.11  ? 9   A   C N3    1 
ATOM   1007 C  C4    . A   C 1 9  ? 9.489   19.770  -6.033  1.00 51.67  ? 9   A   C C4    1 
ATOM   1008 P  P     . C   C 1 10 ? 7.663   17.891  -0.294  1.00 53.91  ? 10  C   C P     1 
ATOM   1009 O  OP1   . C   C 1 10 ? 8.103   17.441  1.049   1.00 44.60  ? 10  C   C OP1   1 
ATOM   1010 O  OP2   . C   C 1 10 ? 6.215   17.840  -0.606  1.00 46.72  ? 10  C   C OP2   1 
ATOM   1011 O  "O5'" . C   C 1 10 ? 8.191   19.369  -0.556  1.00 50.87  ? 10  C   C "O5'" 1 
ATOM   1012 C  "C5'" . C   C 1 10 ? 9.570   19.701  -0.448  1.00 50.31  ? 10  C   C "C5'" 1 
ATOM   1013 C  "C4'" . C   C 1 10 ? 9.864   21.026  -1.112  1.00 56.68  ? 10  C   C "C4'" 1 
ATOM   1014 O  "O4'" . C   C 1 10 ? 9.576   20.929  -2.533  1.00 61.39  ? 10  C   C "O4'" 1 
ATOM   1015 C  "C3'" . C   C 1 10 ? 9.018   22.201  -0.643  1.00 56.76  ? 10  C   C "C3'" 1 
ATOM   1016 O  "O3'" . C   C 1 10 ? 9.514   22.805  0.532   1.00 54.01  ? 10  C   C "O3'" 1 
ATOM   1017 C  "C2'" . C   C 1 10 ? 9.033   23.131  -1.847  1.00 58.86  ? 10  C   C "C2'" 1 
ATOM   1018 O  "O2'" . C   C 1 10 ? 10.256  23.842  -1.900  1.00 66.81  ? 10  C   C "O2'" 1 
ATOM   1019 C  "C1'" . C   C 1 10 ? 9.012   22.134  -2.999  1.00 53.42  ? 10  C   C "C1'" 1 
ATOM   1020 N  N1    . C   C 1 10 ? 7.640   21.859  -3.444  1.00 47.31  ? 10  C   C N1    1 
ATOM   1021 C  C2    . C   C 1 10 ? 7.065   22.769  -4.302  1.00 56.71  ? 10  C   C C2    1 
ATOM   1022 O  O2    . C   C 1 10 ? 7.748   23.740  -4.653  1.00 56.75  ? 10  C   C O2    1 
ATOM   1023 N  N3    . C   C 1 10 ? 5.793   22.556  -4.728  1.00 61.41  ? 10  C   C N3    1 
ATOM   1024 C  C4    . C   C 1 10 ? 5.115   21.477  -4.308  1.00 56.81  ? 10  C   C C4    1 
ATOM   1025 N  N4    . C   C 1 10 ? 3.871   21.296  -4.757  1.00 56.91  ? 10  C   C N4    1 
ATOM   1026 C  C5    . C   C 1 10 ? 5.690   20.534  -3.416  1.00 54.75  ? 10  C   C C5    1 
ATOM   1027 C  C6    . C   C 1 10 ? 6.946   20.771  -3.019  1.00 53.57  ? 10  C   C C6    1 
ATOM   1028 P  P     . C   C 1 11 ? 8.481   23.345  1.630   1.00 68.20  ? 11  C   C P     1 
ATOM   1029 O  OP1   . C   C 1 11 ? 9.246   23.613  2.868   1.00 66.46  ? 11  C   C OP1   1 
ATOM   1030 O  OP2   . C   C 1 11 ? 7.290   22.466  1.646   1.00 60.45  ? 11  C   C OP2   1 
ATOM   1031 O  "O5'" . C   C 1 11 ? 8.039   24.760  1.068   1.00 65.33  ? 11  C   C "O5'" 1 
ATOM   1032 C  "C5'" . C   C 1 11 ? 9.001   25.790  0.927   1.00 67.23  ? 11  C   C "C5'" 1 
ATOM   1033 C  "C4'" . C   C 1 11 ? 8.402   26.991  0.263   1.00 65.55  ? 11  C   C "C4'" 1 
ATOM   1034 O  "O4'" . C   C 1 11 ? 8.053   26.667  -1.108  1.00 64.17  ? 11  C   C "O4'" 1 
ATOM   1035 C  "C3'" . C   C 1 11 ? 7.096   27.468  0.863   1.00 69.32  ? 11  C   C "C3'" 1 
ATOM   1036 O  "O3'" . C   C 1 11 ? 7.280   28.243  2.028   1.00 69.66  ? 11  C   C "O3'" 1 
ATOM   1037 C  "C2'" . C   C 1 11 ? 6.478   28.239  -0.283  1.00 68.43  ? 11  C   C "C2'" 1 
ATOM   1038 O  "O2'" . C   C 1 11 ? 7.121   29.500  -0.400  1.00 69.06  ? 11  C   C "O2'" 1 
ATOM   1039 C  "C1'" . C   C 1 11 ? 6.882   27.363  -1.476  1.00 68.41  ? 11  C   C "C1'" 1 
ATOM   1040 N  N1    . C   C 1 11 ? 5.825   26.383  -1.828  1.00 60.42  ? 11  C   C N1    1 
ATOM   1041 C  C2    . C   C 1 11 ? 4.672   26.847  -2.451  1.00 61.43  ? 11  C   C C2    1 
ATOM   1042 O  O2    . C   C 1 11 ? 4.557   28.042  -2.704  1.00 65.68  ? 11  C   C O2    1 
ATOM   1043 N  N3    . C   C 1 11 ? 3.679   26.002  -2.774  1.00 65.97  ? 11  C   C N3    1 
ATOM   1044 C  C4    . C   C 1 11 ? 3.791   24.714  -2.498  1.00 63.00  ? 11  C   C C4    1 
ATOM   1045 N  N4    . C   C 1 11 ? 2.763   23.933  -2.850  1.00 60.27  ? 11  C   C N4    1 
ATOM   1046 C  C5    . C   C 1 11 ? 4.962   24.200  -1.866  1.00 60.92  ? 11  C   C C5    1 
ATOM   1047 C  C6    . C   C 1 11 ? 5.946   25.054  -1.548  1.00 61.08  ? 11  C   C C6    1 
ATOM   1048 P  P     . G   C 1 12 ? 6.260   28.076  3.251   1.00 78.33  ? 12  G   C P     1 
ATOM   1049 O  OP1   . G   C 1 12 ? 6.955   28.626  4.444   1.00 78.16  ? 12  G   C OP1   1 
ATOM   1050 O  OP2   . G   C 1 12 ? 5.745   26.687  3.277   1.00 78.27  ? 12  G   C OP2   1 
ATOM   1051 O  "O5'" . G   C 1 12 ? 4.993   28.933  2.821   1.00 64.48  ? 12  G   C "O5'" 1 
ATOM   1052 C  "C5'" . G   C 1 12 ? 5.153   30.239  2.312   1.00 64.58  ? 12  G   C "C5'" 1 
ATOM   1053 C  "C4'" . G   C 1 12 ? 3.912   30.697  1.603   1.00 71.94  ? 12  G   C "C4'" 1 
ATOM   1054 O  "O4'" . G   C 1 12 ? 3.764   30.014  0.329   1.00 75.48  ? 12  G   C "O4'" 1 
ATOM   1055 C  "C3'" . G   C 1 12 ? 2.594   30.430  2.303   1.00 71.71  ? 12  G   C "C3'" 1 
ATOM   1056 O  "O3'" . G   C 1 12 ? 2.354   31.313  3.386   1.00 71.53  ? 12  G   C "O3'" 1 
ATOM   1057 C  "C2'" . G   C 1 12 ? 1.600   30.565  1.154   1.00 71.72  ? 12  G   C "C2'" 1 
ATOM   1058 O  "O2'" . G   C 1 12 ? 1.375   31.932  0.847   1.00 66.53  ? 12  G   C "O2'" 1 
ATOM   1059 C  "C1'" . G   C 1 12 ? 2.389   29.933  -0.001  1.00 73.42  ? 12  G   C "C1'" 1 
ATOM   1060 N  N9    . G   C 1 12 ? 2.020   28.519  -0.180  1.00 70.10  ? 12  G   C N9    1 
ATOM   1061 C  C8    . G   C 1 12 ? 2.788   27.425  0.129   1.00 69.84  ? 12  G   C C8    1 
ATOM   1062 N  N7    . G   C 1 12 ? 2.183   26.293  -0.121  1.00 68.22  ? 12  G   C N7    1 
ATOM   1063 C  C5    . G   C 1 12 ? 0.943   26.673  -0.615  1.00 69.44  ? 12  G   C C5    1 
ATOM   1064 C  C6    . G   C 1 12 ? -0.144  25.882  -1.057  1.00 69.56  ? 12  G   C C6    1 
ATOM   1065 O  O6    . G   C 1 12 ? -0.230  24.657  -1.083  1.00 73.34  ? 12  G   C O6    1 
ATOM   1066 N  N1    . G   C 1 12 ? -1.217  26.642  -1.496  1.00 66.71  ? 12  G   C N1    1 
ATOM   1067 C  C2    . G   C 1 12 ? -1.247  28.002  -1.503  1.00 66.70  ? 12  G   C C2    1 
ATOM   1068 N  N2    . G   C 1 12 ? -2.387  28.531  -1.961  1.00 62.75  ? 12  G   C N2    1 
ATOM   1069 N  N3    . G   C 1 12 ? -0.241  28.762  -1.087  1.00 69.11  ? 12  G   C N3    1 
ATOM   1070 C  C4    . G   C 1 12 ? 0.818   28.040  -0.660  1.00 68.05  ? 12  G   C C4    1 
ATOM   1071 P  P     . G   C 1 13 ? 1.199   31.001  4.467   1.00 72.59  ? 13  G   C P     1 
ATOM   1072 O  OP1   . G   C 1 13 ? 1.316   32.051  5.502   1.00 67.97  ? 13  G   C OP1   1 
ATOM   1073 O  OP2   . G   C 1 13 ? 1.220   29.567  4.844   1.00 79.67  ? 13  G   C OP2   1 
ATOM   1074 O  "O5'" . G   C 1 13 ? -0.159  31.203  3.665   1.00 63.46  ? 13  G   C "O5'" 1 
ATOM   1075 C  "C5'" . G   C 1 13 ? -1.400  30.731  4.167   1.00 60.18  ? 13  G   C "C5'" 1 
ATOM   1076 C  "C4'" . G   C 1 13 ? -2.446  30.754  3.079   1.00 64.98  ? 13  G   C "C4'" 1 
ATOM   1077 O  "O4'" . G   C 1 13 ? -1.931  30.076  1.900   1.00 70.15  ? 13  G   C "O4'" 1 
ATOM   1078 C  "C3'" . G   C 1 13 ? -3.756  30.041  3.388   1.00 64.43  ? 13  G   C "C3'" 1 
ATOM   1079 O  "O3'" . G   C 1 13 ? -4.666  30.848  4.100   1.00 62.61  ? 13  G   C "O3'" 1 
ATOM   1080 C  "C2'" . G   C 1 13 ? -4.264  29.645  2.005   1.00 68.92  ? 13  G   C "C2'" 1 
ATOM   1081 O  "O2'" . G   C 1 13 ? -4.883  30.733  1.344   1.00 68.12  ? 13  G   C "O2'" 1 
ATOM   1082 C  "C1'" . G   C 1 13 ? -2.961  29.332  1.279   1.00 69.95  ? 13  G   C "C1'" 1 
ATOM   1083 N  N9    . G   C 1 13 ? -2.620  27.903  1.370   1.00 67.92  ? 13  G   C N9    1 
ATOM   1084 C  C8    . G   C 1 13 ? -1.401  27.410  1.756   1.00 69.14  ? 13  G   C C8    1 
ATOM   1085 N  N7    . G   C 1 13 ? -1.368  26.109  1.756   1.00 71.10  ? 13  G   C N7    1 
ATOM   1086 C  C5    . G   C 1 13 ? -2.634  25.736  1.348   1.00 67.60  ? 13  G   C C5    1 
ATOM   1087 C  C6    . G   C 1 13 ? -3.160  24.442  1.158   1.00 67.57  ? 13  G   C C6    1 
ATOM   1088 O  O6    . G   C 1 13 ? -2.570  23.377  1.325   1.00 68.17  ? 13  G   C O6    1 
ATOM   1089 N  N1    . G   C 1 13 ? -4.488  24.475  0.744   1.00 66.20  ? 13  G   C N1    1 
ATOM   1090 C  C2    . G   C 1 13 ? -5.196  25.628  0.526   1.00 63.83  ? 13  G   C C2    1 
ATOM   1091 N  N2    . G   C 1 13 ? -6.451  25.474  0.125   1.00 61.41  ? 13  G   C N2    1 
ATOM   1092 N  N3    . G   C 1 13 ? -4.714  26.841  0.691   1.00 63.32  ? 13  G   C N3    1 
ATOM   1093 C  C4    . G   C 1 13 ? -3.431  26.827  1.105   1.00 64.56  ? 13  G   C C4    1 
ATOM   1094 P  P     . G   C 1 14 ? -5.029  30.529  5.626   1.00 70.29  ? 14  G   C P     1 
ATOM   1095 O  OP1   . G   C 1 14 ? -5.966  31.597  6.072   1.00 73.84  ? 14  G   C OP1   1 
ATOM   1096 O  OP2   . G   C 1 14 ? -3.762  30.310  6.365   1.00 61.97  ? 14  G   C OP2   1 
ATOM   1097 O  "O5'" . G   C 1 14 ? -5.904  29.205  5.552   1.00 68.31  ? 14  G   C "O5'" 1 
ATOM   1098 C  "C5'" . G   C 1 14 ? -7.144  29.209  4.863   1.00 70.68  ? 14  G   C "C5'" 1 
ATOM   1099 C  "C4'" . G   C 1 14 ? -7.442  27.862  4.268   1.00 66.46  ? 14  G   C "C4'" 1 
ATOM   1100 O  "O4'" . G   C 1 14 ? -6.273  27.390  3.565   1.00 65.59  ? 14  G   C "O4'" 1 
ATOM   1101 C  "C3'" . G   C 1 14 ? -7.740  26.779  5.283   1.00 75.35  ? 14  G   C "C3'" 1 
ATOM   1102 O  "O3'" . G   C 1 14 ? -9.104  26.777  5.657   1.00 80.31  ? 14  G   C "O3'" 1 
ATOM   1103 C  "C2'" . G   C 1 14 ? -7.302  25.499  4.580   1.00 71.12  ? 14  G   C "C2'" 1 
ATOM   1104 O  "O2'" . G   C 1 14 ? -8.344  25.026  3.744   1.00 73.03  ? 14  G   C "O2'" 1 
ATOM   1105 C  "C1'" . G   C 1 14 ? -6.158  25.994  3.697   1.00 71.27  ? 14  G   C "C1'" 1 
ATOM   1106 N  N9    . G   C 1 14 ? -4.800  25.652  4.187   1.00 70.95  ? 14  G   C N9    1 
ATOM   1107 C  C8    . G   C 1 14 ? -3.841  26.497  4.694   1.00 67.20  ? 14  G   C C8    1 
ATOM   1108 N  N7    . G   C 1 14 ? -2.719  25.900  4.986   1.00 66.47  ? 14  G   C N7    1 
ATOM   1109 C  C5    . G   C 1 14 ? -2.931  24.574  4.629   1.00 69.94  ? 14  G   C C5    1 
ATOM   1110 C  C6    . G   C 1 14 ? -2.072  23.437  4.708   1.00 69.69  ? 14  G   C C6    1 
ATOM   1111 O  O6    . G   C 1 14 ? -0.907  23.360  5.129   1.00 71.31  ? 14  G   C O6    1 
ATOM   1112 N  N1    . G   C 1 14 ? -2.711  22.296  4.225   1.00 67.41  ? 14  G   C N1    1 
ATOM   1113 C  C2    . G   C 1 14 ? -3.998  22.248  3.733   1.00 65.31  ? 14  G   C C2    1 
ATOM   1114 N  N2    . G   C 1 14 ? -4.439  21.057  3.313   1.00 64.67  ? 14  G   C N2    1 
ATOM   1115 N  N3    . G   C 1 14 ? -4.804  23.289  3.659   1.00 65.63  ? 14  G   C N3    1 
ATOM   1116 C  C4    . G   C 1 14 ? -4.211  24.411  4.126   1.00 69.76  ? 14  G   C C4    1 
ATOM   1117 P  P     . G   C 1 15 ? -9.557  27.502  7.013   1.00 80.26  ? 15  G   C P     1 
ATOM   1118 O  OP1   . G   C 1 15 ? -10.698 28.389  6.682   1.00 81.86  ? 15  G   C OP1   1 
ATOM   1119 O  OP2   . G   C 1 15 ? -8.317  27.999  7.672   1.00 74.11  ? 15  G   C OP2   1 
ATOM   1120 O  "O5'" . G   C 1 15 ? -10.142 26.333  7.915   1.00 71.99  ? 15  G   C "O5'" 1 
ATOM   1121 C  "C5'" . G   C 1 15 ? -10.903 25.285  7.336   1.00 70.36  ? 15  G   C "C5'" 1 
ATOM   1122 C  "C4'" . G   C 1 15 ? -10.383 23.945  7.772   1.00 63.29  ? 15  G   C "C4'" 1 
ATOM   1123 O  "O4'" . G   C 1 15 ? -8.947  23.915  7.579   1.00 65.41  ? 15  G   C "O4'" 1 
ATOM   1124 C  "C3'" . G   C 1 15 ? -10.617 23.615  9.238   1.00 61.21  ? 15  G   C "C3'" 1 
ATOM   1125 O  "O3'" . G   C 1 15 ? -10.869 22.229  9.371   1.00 67.41  ? 15  G   C "O3'" 1 
ATOM   1126 C  "C2'" . G   C 1 15 ? -9.279  23.935  9.881   1.00 67.22  ? 15  G   C "C2'" 1 
ATOM   1127 O  "O2'" . G   C 1 15 ? -9.028  23.227  11.073  1.00 70.80  ? 15  G   C "O2'" 1 
ATOM   1128 C  "C1'" . G   C 1 15 ? -8.317  23.534  8.779   1.00 65.82  ? 15  G   C "C1'" 1 
ATOM   1129 N  N9    . G   C 1 15 ? -7.018  24.196  8.837   1.00 66.95  ? 15  G   C N9    1 
ATOM   1130 C  C8    . G   C 1 15 ? -6.760  25.438  9.344   1.00 72.69  ? 15  G   C C8    1 
ATOM   1131 N  N7    . G   C 1 15 ? -5.504  25.786  9.253   1.00 75.39  ? 15  G   C N7    1 
ATOM   1132 C  C5    . G   C 1 15 ? -4.893  24.709  8.637   1.00 72.67  ? 15  G   C C5    1 
ATOM   1133 C  C6    . G   C 1 15 ? -3.529  24.523  8.276   1.00 74.60  ? 15  G   C C6    1 
ATOM   1134 O  O6    . G   C 1 15 ? -2.572  25.299  8.442   1.00 73.70  ? 15  G   C O6    1 
ATOM   1135 N  N1    . G   C 1 15 ? -3.336  23.282  7.668   1.00 73.40  ? 15  G   C N1    1 
ATOM   1136 C  C2    . G   C 1 15 ? -4.325  22.349  7.442   1.00 69.91  ? 15  G   C C2    1 
ATOM   1137 N  N2    . G   C 1 15 ? -3.919  21.221  6.845   1.00 69.15  ? 15  G   C N2    1 
ATOM   1138 N  N3    . G   C 1 15 ? -5.600  22.507  7.775   1.00 69.15  ? 15  G   C N3    1 
ATOM   1139 C  C4    . G   C 1 15 ? -5.816  23.711  8.366   1.00 71.71  ? 15  G   C C4    1 
ATOM   1140 P  P     . A   C 1 16 ? -12.080 21.763  10.303  1.00 80.22  ? 16  A   C P     1 
ATOM   1141 O  OP1   . A   C 1 16 ? -13.310 22.414  9.798   1.00 82.96  ? 16  A   C OP1   1 
ATOM   1142 O  OP2   . A   C 1 16 ? -11.636 21.918  11.707  1.00 82.94  ? 16  A   C OP2   1 
ATOM   1143 O  "O5'" . A   C 1 16 ? -12.241 20.215  10.033  1.00 70.24  ? 16  A   C "O5'" 1 
ATOM   1144 C  "C5'" . A   C 1 16 ? -12.816 19.739  8.829   1.00 73.78  ? 16  A   C "C5'" 1 
ATOM   1145 C  "C4'" . A   C 1 16 ? -12.385 18.324  8.591   1.00 74.54  ? 16  A   C "C4'" 1 
ATOM   1146 O  "O4'" . A   C 1 16 ? -10.965 18.326  8.279   1.00 70.39  ? 16  A   C "O4'" 1 
ATOM   1147 C  "C3'" . A   C 1 16 ? -12.546 17.418  9.807   1.00 78.65  ? 16  A   C "C3'" 1 
ATOM   1148 O  "O3'" . A   C 1 16 ? -12.814 16.088  9.358   1.00 83.55  ? 16  A   C "O3'" 1 
ATOM   1149 C  "C2'" . A   C 1 16 ? -11.165 17.492  10.449  1.00 73.26  ? 16  A   C "C2'" 1 
ATOM   1150 O  "O2'" . A   C 1 16 ? -10.841 16.430  11.314  1.00 75.36  ? 16  A   C "O2'" 1 
ATOM   1151 C  "C1'" . A   C 1 16 ? -10.282 17.519  9.211   1.00 75.25  ? 16  A   C "C1'" 1 
ATOM   1152 N  N9    . A   C 1 16 ? -8.941  18.054  9.423   1.00 75.11  ? 16  A   C N9    1 
ATOM   1153 C  C8    . A   C 1 16 ? -8.526  19.285  9.853   1.00 71.90  ? 16  A   C C8    1 
ATOM   1154 N  N7    . A   C 1 16 ? -7.217  19.396  9.920   1.00 67.98  ? 16  A   C N7    1 
ATOM   1155 C  C5    . A   C 1 16 ? -6.748  18.159  9.501   1.00 70.55  ? 16  A   C C5    1 
ATOM   1156 C  C6    . A   C 1 16 ? -5.459  17.621  9.352   1.00 70.85  ? 16  A   C C6    1 
ATOM   1157 N  N6    . A   C 1 16 ? -4.339  18.293  9.610   1.00 69.50  ? 16  A   C N6    1 
ATOM   1158 N  N1    . A   C 1 16 ? -5.354  16.346  8.923   1.00 72.74  ? 16  A   C N1    1 
ATOM   1159 C  C2    . A   C 1 16 ? -6.477  15.664  8.667   1.00 74.88  ? 16  A   C C2    1 
ATOM   1160 N  N3    . A   C 1 16 ? -7.740  16.052  8.763   1.00 73.31  ? 16  A   C N3    1 
ATOM   1161 C  C4    . A   C 1 16 ? -7.802  17.324  9.190   1.00 74.78  ? 16  A   C C4    1 
ATOM   1162 P  P     . G   C 1 17 ? -14.295 15.683  8.867   1.00 90.84  ? 17  G   C P     1 
ATOM   1163 O  OP1   . G   C 1 17 ? -15.241 16.681  9.426   1.00 84.36  ? 17  G   C OP1   1 
ATOM   1164 O  OP2   . G   C 1 17 ? -14.501 14.239  9.173   1.00 77.31  ? 17  G   C OP2   1 
ATOM   1165 O  "O5'" . G   C 1 17 ? -14.269 15.906  7.285   1.00 78.39  ? 17  G   C "O5'" 1 
ATOM   1166 C  "C5'" . G   C 1 17 ? -13.924 14.850  6.397   1.00 79.79  ? 17  G   C "C5'" 1 
ATOM   1167 C  "C4'" . G   C 1 17 ? -12.541 15.040  5.824   1.00 80.81  ? 17  G   C "C4'" 1 
ATOM   1168 O  "O4'" . G   C 1 17 ? -11.568 15.101  6.905   1.00 80.97  ? 17  G   C "O4'" 1 
ATOM   1169 C  "C3'" . G   C 1 17 ? -12.014 13.922  4.934   1.00 78.39  ? 17  G   C "C3'" 1 
ATOM   1170 O  "O3'" . G   C 1 17 ? -12.503 13.950  3.603   1.00 77.66  ? 17  G   C "O3'" 1 
ATOM   1171 C  "C2'" . G   C 1 17 ? -10.515 14.125  5.034   1.00 75.17  ? 17  G   C "C2'" 1 
ATOM   1172 O  "O2'" . G   C 1 17 ? -10.131 15.274  4.304   1.00 73.76  ? 17  G   C "O2'" 1 
ATOM   1173 C  "C1'" . G   C 1 17 ? -10.378 14.447  6.515   1.00 77.41  ? 17  G   C "C1'" 1 
ATOM   1174 N  N9    . G   C 1 17 ? -10.247 13.201  7.295   1.00 80.96  ? 17  G   C N9    1 
ATOM   1175 C  C8    . G   C 1 17 ? -11.167 12.638  8.142   1.00 82.24  ? 17  G   C C8    1 
ATOM   1176 N  N7    . G   C 1 17 ? -10.754 11.513  8.667   1.00 85.12  ? 17  G   C N7    1 
ATOM   1177 C  C5    . G   C 1 17 ? -9.491  11.311  8.129   1.00 80.80  ? 17  G   C C5    1 
ATOM   1178 C  C6    . G   C 1 17 ? -8.554  10.260  8.332   1.00 80.84  ? 17  G   C C6    1 
ATOM   1179 O  O6    . G   C 1 17 ? -8.651  9.249   9.045   1.00 76.81  ? 17  G   C O6    1 
ATOM   1180 N  N1    . G   C 1 17 ? -7.399  10.466  7.576   1.00 81.63  ? 17  G   C N1    1 
ATOM   1181 C  C2    . G   C 1 17 ? -7.166  11.542  6.747   1.00 77.45  ? 17  G   C C2    1 
ATOM   1182 N  N2    . G   C 1 17 ? -5.992  11.572  6.098   1.00 73.55  ? 17  G   C N2    1 
ATOM   1183 N  N3    . G   C 1 17 ? -8.030  12.522  6.563   1.00 79.36  ? 17  G   C N3    1 
ATOM   1184 C  C4    . G   C 1 17 ? -9.165  12.346  7.277   1.00 81.34  ? 17  G   C C4    1 
ATOM   1185 P  P     . C   C 1 18 ? -12.814 12.570  2.829   1.00 84.51  ? 18  C   C P     1 
ATOM   1186 O  OP1   . C   C 1 18 ? -13.437 12.903  1.520   1.00 91.54  ? 18  C   C OP1   1 
ATOM   1187 O  OP2   . C   C 1 18 ? -13.547 11.680  3.771   1.00 75.72  ? 18  C   C OP2   1 
ATOM   1188 O  "O5'" . C   C 1 18 ? -11.375 11.981  2.481   1.00 72.66  ? 18  C   C "O5'" 1 
ATOM   1189 C  "C5'" . C   C 1 18 ? -10.441 12.768  1.761   1.00 75.73  ? 18  C   C "C5'" 1 
ATOM   1190 C  "C4'" . C   C 1 18 ? -9.104  12.087  1.653   1.00 76.88  ? 18  C   C "C4'" 1 
ATOM   1191 O  "O4'" . C   C 1 18 ? -8.534  11.913  2.970   1.00 74.12  ? 18  C   C "O4'" 1 
ATOM   1192 C  "C3'" . C   C 1 18 ? -9.129  10.686  1.082   1.00 78.58  ? 18  C   C "C3'" 1 
ATOM   1193 O  "O3'" . C   C 1 18 ? -9.194  10.662  -0.322  1.00 73.10  ? 18  C   C "O3'" 1 
ATOM   1194 C  "C2'" . C   C 1 18 ? -7.856  10.067  1.638   1.00 82.05  ? 18  C   C "C2'" 1 
ATOM   1195 O  "O2'" . C   C 1 18 ? -6.730  10.474  0.878   1.00 85.88  ? 18  C   C "O2'" 1 
ATOM   1196 C  "C1'" . C   C 1 18 ? -7.778  10.721  3.014   1.00 78.38  ? 18  C   C "C1'" 1 
ATOM   1197 N  N1    . C   C 1 18 ? -8.319  9.856   4.084   1.00 78.87  ? 18  C   C N1    1 
ATOM   1198 C  C2    . C   C 1 18 ? -7.441  8.992   4.737   1.00 82.26  ? 18  C   C C2    1 
ATOM   1199 O  O2    . C   C 1 18 ? -6.246  8.977   4.385   1.00 84.95  ? 18  C   C O2    1 
ATOM   1200 N  N3    . C   C 1 18 ? -7.914  8.207   5.734   1.00 81.76  ? 18  C   C N3    1 
ATOM   1201 C  C4    . C   C 1 18 ? -9.201  8.258   6.074   1.00 80.09  ? 18  C   C C4    1 
ATOM   1202 N  N4    . C   C 1 18 ? -9.618  7.465   7.064   1.00 82.37  ? 18  C   C N4    1 
ATOM   1203 C  C5    . C   C 1 18 ? -10.113 9.136   5.425   1.00 79.56  ? 18  C   C C5    1 
ATOM   1204 C  C6    . C   C 1 18 ? -9.633  9.910   4.446   1.00 78.47  ? 18  C   C C6    1 
ATOM   1205 P  P     . C   C 1 19 ? -10.025 9.483   -0.994  1.00 87.16  ? 19  C   C P     1 
ATOM   1206 O  OP1   . C   C 1 19 ? -10.312 9.791   -2.424  1.00 89.07  ? 19  C   C OP1   1 
ATOM   1207 O  OP2   . C   C 1 19 ? -11.130 9.233   -0.032  1.00 75.59  ? 19  C   C OP2   1 
ATOM   1208 O  "O5'" . C   C 1 19 ? -9.006  8.263   -0.965  1.00 80.34  ? 19  C   C "O5'" 1 
ATOM   1209 C  "C5'" . C   C 1 19 ? -7.859  8.281   -1.796  1.00 81.28  ? 19  C   C "C5'" 1 
ATOM   1210 C  "C4'" . C   C 1 19 ? -6.781  7.357   -1.295  1.00 78.89  ? 19  C   C "C4'" 1 
ATOM   1211 O  "O4'" . C   C 1 19 ? -6.654  7.455   0.144   1.00 79.56  ? 19  C   C "O4'" 1 
ATOM   1212 C  "C3'" . C   C 1 19 ? -6.984  5.876   -1.536  1.00 76.04  ? 19  C   C "C3'" 1 
ATOM   1213 O  "O3'" . C   C 1 19 ? -6.666  5.500   -2.862  1.00 77.24  ? 19  C   C "O3'" 1 
ATOM   1214 C  "C2'" . C   C 1 19 ? -6.055  5.247   -0.508  1.00 80.95  ? 19  C   C "C2'" 1 
ATOM   1215 O  "O2'" . C   C 1 19 ? -4.716  5.261   -0.981  1.00 82.65  ? 19  C   C "O2'" 1 
ATOM   1216 C  "C1'" . C   C 1 19 ? -6.157  6.240   0.655   1.00 79.76  ? 19  C   C "C1'" 1 
ATOM   1217 N  N1    . C   C 1 19 ? -7.033  5.781   1.753   1.00 75.25  ? 19  C   C N1    1 
ATOM   1218 C  C2    . C   C 1 19 ? -6.639  4.701   2.550   1.00 74.37  ? 19  C   C C2    1 
ATOM   1219 O  O2    . C   C 1 19 ? -5.576  4.115   2.313   1.00 77.38  ? 19  C   C O2    1 
ATOM   1220 N  N3    . C   C 1 19 ? -7.429  4.303   3.563   1.00 73.47  ? 19  C   C N3    1 
ATOM   1221 C  C4    . C   C 1 19 ? -8.565  4.949   3.794   1.00 75.22  ? 19  C   C C4    1 
ATOM   1222 N  N4    . C   C 1 19 ? -9.321  4.528   4.804   1.00 74.12  ? 19  C   C N4    1 
ATOM   1223 C  C5    . C   C 1 19 ? -8.981  6.060   3.010   1.00 77.42  ? 19  C   C C5    1 
ATOM   1224 C  C6    . C   C 1 19 ? -8.187  6.448   2.010   1.00 76.24  ? 19  C   C C6    1 
ATOM   1225 O  "O5'" . G   D 1 1  ? -6.614  -3.045  10.000  1.00 81.84  ? 1   G   D "O5'" 1 
ATOM   1226 C  "C5'" . G   D 1 1  ? -5.456  -3.863  9.917   1.00 84.87  ? 1   G   D "C5'" 1 
ATOM   1227 C  "C4'" . G   D 1 1  ? -4.507  -3.335  8.881   1.00 80.29  ? 1   G   D "C4'" 1 
ATOM   1228 O  "O4'" . G   D 1 1  ? -5.169  -3.346  7.587   1.00 82.77  ? 1   G   D "O4'" 1 
ATOM   1229 C  "C3'" . G   D 1 1  ? -4.095  -1.886  9.062   1.00 77.35  ? 1   G   D "C3'" 1 
ATOM   1230 O  "O3'" . G   D 1 1  ? -3.047  -1.701  9.990   1.00 81.01  ? 1   G   D "O3'" 1 
ATOM   1231 C  "C2'" . G   D 1 1  ? -3.741  -1.473  7.649   1.00 79.79  ? 1   G   D "C2'" 1 
ATOM   1232 O  "O2'" . G   D 1 1  ? -2.491  -2.030  7.273   1.00 84.94  ? 1   G   D "O2'" 1 
ATOM   1233 C  "C1'" . G   D 1 1  ? -4.842  -2.177  6.871   1.00 81.07  ? 1   G   D "C1'" 1 
ATOM   1234 N  N9    . G   D 1 1  ? -6.040  -1.327  6.820   1.00 82.13  ? 1   G   D N9    1 
ATOM   1235 C  C8    . G   D 1 1  ? -7.175  -1.432  7.590   1.00 82.98  ? 1   G   D C8    1 
ATOM   1236 N  N7    . G   D 1 1  ? -8.067  -0.512  7.330   1.00 81.73  ? 1   G   D N7    1 
ATOM   1237 C  C5    . G   D 1 1  ? -7.469  0.244   6.339   1.00 78.19  ? 1   G   D C5    1 
ATOM   1238 C  C6    . G   D 1 1  ? -7.954  1.364   5.665   1.00 73.07  ? 1   G   D C6    1 
ATOM   1239 O  O6    . G   D 1 1  ? -9.039  1.904   5.829   1.00 73.82  ? 1   G   D O6    1 
ATOM   1240 N  N1    . G   D 1 1  ? -7.049  1.831   4.731   1.00 73.25  ? 1   G   D N1    1 
ATOM   1241 C  C2    . G   D 1 1  ? -5.824  1.276   4.483   1.00 75.71  ? 1   G   D C2    1 
ATOM   1242 N  N2    . G   D 1 1  ? -5.079  1.867   3.548   1.00 80.58  ? 1   G   D N2    1 
ATOM   1243 N  N3    . G   D 1 1  ? -5.345  0.224   5.103   1.00 76.90  ? 1   G   D N3    1 
ATOM   1244 C  C4    . G   D 1 1  ? -6.222  -0.236  6.012   1.00 80.80  ? 1   G   D C4    1 
ATOM   1245 P  P     . G   D 1 2  ? -2.939  -0.309  10.787  1.00 92.61  ? 2   G   D P     1 
ATOM   1246 O  OP1   . G   D 1 2  ? -1.879  -0.447  11.819  1.00 85.34  ? 2   G   D OP1   1 
ATOM   1247 O  OP2   . G   D 1 2  ? -4.316  0.091   11.217  1.00 76.10  ? 2   G   D OP2   1 
ATOM   1248 O  "O5'" . G   D 1 2  ? -2.421  0.722   9.683   1.00 76.62  ? 2   G   D "O5'" 1 
ATOM   1249 C  "C5'" . G   D 1 2  ? -1.265  0.452   8.907   1.00 70.31  ? 2   G   D "C5'" 1 
ATOM   1250 C  "C4'" . G   D 1 2  ? -1.190  1.373   7.722   1.00 74.29  ? 2   G   D "C4'" 1 
ATOM   1251 O  "O4'" . G   D 1 2  ? -2.397  1.270   6.927   1.00 79.46  ? 2   G   D "O4'" 1 
ATOM   1252 C  "C3'" . G   D 1 2  ? -1.116  2.845   8.062   1.00 72.43  ? 2   G   D "C3'" 1 
ATOM   1253 O  "O3'" . G   D 1 2  ? 0.174   3.256   8.429   1.00 66.46  ? 2   G   D "O3'" 1 
ATOM   1254 C  "C2'" . G   D 1 2  ? -1.631  3.510   6.800   1.00 69.36  ? 2   G   D "C2'" 1 
ATOM   1255 O  "O2'" . G   D 1 2  ? -0.626  3.544   5.799   1.00 66.59  ? 2   G   D "O2'" 1 
ATOM   1256 C  "C1'" . G   D 1 2  ? -2.724  2.535   6.384   1.00 73.44  ? 2   G   D "C1'" 1 
ATOM   1257 N  N9    . G   D 1 2  ? -4.019  2.946   6.933   1.00 72.12  ? 2   G   D N9    1 
ATOM   1258 C  C8    . G   D 1 2  ? -4.753  2.325   7.904   1.00 75.11  ? 2   G   D C8    1 
ATOM   1259 N  N7    . G   D 1 2  ? -5.869  2.946   8.171   1.00 76.28  ? 2   G   D N7    1 
ATOM   1260 C  C5    . G   D 1 2  ? -5.859  4.046   7.326   1.00 76.93  ? 2   G   D C5    1 
ATOM   1261 C  C6    . G   D 1 2  ? -6.799  5.089   7.151   1.00 74.01  ? 2   G   D C6    1 
ATOM   1262 O  O6    . G   D 1 2  ? -7.870  5.261   7.737   1.00 74.99  ? 2   G   D O6    1 
ATOM   1263 N  N1    . G   D 1 2  ? -6.391  5.994   6.182   1.00 70.78  ? 2   G   D N1    1 
ATOM   1264 C  C2    . G   D 1 2  ? -5.231  5.915   5.465   1.00 71.55  ? 2   G   D C2    1 
ATOM   1265 N  N2    . G   D 1 2  ? -5.002  6.884   4.574   1.00 69.53  ? 2   G   D N2    1 
ATOM   1266 N  N3    . G   D 1 2  ? -4.347  4.949   5.613   1.00 80.97  ? 2   G   D N3    1 
ATOM   1267 C  C4    . G   D 1 2  ? -4.723  4.057   6.555   1.00 78.42  ? 2   G   D C4    1 
ATOM   1268 P  P     . C   D 1 3  ? 0.313   4.312   9.613   1.00 74.47  ? 3   C   D P     1 
ATOM   1269 O  OP1   . C   D 1 3  ? 1.714   4.243   10.087  1.00 83.30  ? 3   C   D OP1   1 
ATOM   1270 O  OP2   . C   D 1 3  ? -0.825  4.129   10.556  1.00 58.84  ? 3   C   D OP2   1 
ATOM   1271 O  "O5'" . C   D 1 3  ? 0.128   5.701   8.869   1.00 75.12  ? 3   C   D "O5'" 1 
ATOM   1272 C  "C5'" . C   D 1 3  ? 0.803   5.947   7.647   1.00 76.32  ? 3   C   D "C5'" 1 
ATOM   1273 C  "C4'" . C   D 1 3  ? 0.213   7.125   6.909   1.00 76.11  ? 3   C   D "C4'" 1 
ATOM   1274 O  "O4'" . C   D 1 3  ? -1.059  6.765   6.301   1.00 73.04  ? 3   C   D "O4'" 1 
ATOM   1275 C  "C3'" . C   D 1 3  ? -0.140  8.334   7.749   1.00 78.06  ? 3   C   D "C3'" 1 
ATOM   1276 O  "O3'" . C   D 1 3  ? 0.965   9.113   8.168   1.00 81.46  ? 3   C   D "O3'" 1 
ATOM   1277 C  "C2'" . C   D 1 3  ? -1.113  9.060   6.841   1.00 74.95  ? 3   C   D "C2'" 1 
ATOM   1278 O  "O2'" . C   D 1 3  ? -0.424  9.645   5.747   1.00 79.89  ? 3   C   D "O2'" 1 
ATOM   1279 C  "C1'" . C   D 1 3  ? -1.921  7.883   6.315   1.00 69.10  ? 3   C   D "C1'" 1 
ATOM   1280 N  N1    . C   D 1 3  ? -3.030  7.591   7.235   1.00 72.14  ? 3   C   D N1    1 
ATOM   1281 C  C2    . C   D 1 3  ? -4.116  8.461   7.256   1.00 75.07  ? 3   C   D C2    1 
ATOM   1282 O  O2    . C   D 1 3  ? -4.127  9.426   6.481   1.00 70.82  ? 3   C   D O2    1 
ATOM   1283 N  N3    . C   D 1 3  ? -5.129  8.216   8.118   1.00 78.33  ? 3   C   D N3    1 
ATOM   1284 C  C4    . C   D 1 3  ? -5.068  7.161   8.938   1.00 79.01  ? 3   C   D C4    1 
ATOM   1285 N  N4    . C   D 1 3  ? -6.087  6.949   9.772   1.00 83.35  ? 3   C   D N4    1 
ATOM   1286 C  C5    . C   D 1 3  ? -3.962  6.266   8.940   1.00 76.60  ? 3   C   D C5    1 
ATOM   1287 C  C6    . C   D 1 3  ? -2.972  6.523   8.083   1.00 74.98  ? 3   C   D C6    1 
HETATM 1288 P  P     . 2PR D 1 4  ? 0.906   9.809   9.615   1.00 76.55  ? 4   2PR D P     1 
HETATM 1289 O  OP1   . 2PR D 1 4  ? 2.231   10.520  9.919   1.00 75.10  ? 4   2PR D OP1   1 
HETATM 1290 O  OP2   . 2PR D 1 4  ? 0.401   8.789   10.539  1.00 75.32  ? 4   2PR D OP2   1 
HETATM 1291 O  "O5'" . 2PR D 1 4  ? -0.294  11.116  9.411   1.00 77.75  ? 4   2PR D "O5'" 1 
HETATM 1292 C  "C5'" . 2PR D 1 4  ? -0.105  12.158  8.526   1.00 74.05  ? 4   2PR D "C5'" 1 
HETATM 1293 C  "C4'" . 2PR D 1 4  ? -1.234  13.216  8.685   1.00 74.25  ? 4   2PR D "C4'" 1 
HETATM 1294 O  "O4'" . 2PR D 1 4  ? -2.430  12.808  8.053   1.00 74.60  ? 4   2PR D "O4'" 1 
HETATM 1295 C  "C3'" . 2PR D 1 4  ? -1.606  13.503  10.161  1.00 73.92  ? 4   2PR D "C3'" 1 
HETATM 1296 O  "O3'" . 2PR D 1 4  ? -0.923  14.646  10.601  1.00 69.20  ? 4   2PR D "O3'" 1 
HETATM 1297 C  "C2'" . 2PR D 1 4  ? -2.988  14.125  9.985   1.00 70.27  ? 4   2PR D "C2'" 1 
HETATM 1298 C  "C1'" . 2PR D 1 4  ? -3.526  13.229  8.860   1.00 73.72  ? 4   2PR D "C1'" 1 
HETATM 1299 N  N9    . 2PR D 1 4  ? -3.942  11.953  9.471   1.00 78.36  ? 4   2PR D N9    1 
HETATM 1300 C  C8    . 2PR D 1 4  ? -3.218  10.735  9.534   1.00 77.92  ? 4   2PR D C8    1 
HETATM 1301 N  N7    . 2PR D 1 4  ? -3.924  9.779   10.161  1.00 79.89  ? 4   2PR D N7    1 
HETATM 1302 C  C5    . 2PR D 1 4  ? -5.159  10.392  10.514  1.00 76.40  ? 4   2PR D C5    1 
HETATM 1303 C  C6    . 2PR D 1 4  ? -6.332  10.001  11.163  1.00 76.20  ? 4   2PR D C6    1 
HETATM 1304 N  N1    . 2PR D 1 4  ? -7.374  10.816  11.371  1.00 76.09  ? 4   2PR D N1    1 
HETATM 1305 C  C2    . 2PR D 1 4  ? -7.284  12.140  10.901  1.00 77.87  ? 4   2PR D C2    1 
HETATM 1306 N  N2    . 2PR D 1 4  ? -8.367  13.021  11.099  1.00 82.80  ? 4   2PR D N2    1 
HETATM 1307 N  N3    . 2PR D 1 4  ? -6.200  12.636  10.254  1.00 78.49  ? 4   2PR D N3    1 
HETATM 1308 C  C4    . 2PR D 1 4  ? -5.186  11.755  10.091  1.00 77.56  ? 4   2PR D C4    1 
HETATM 1309 P  P     . 2PR D 1 5  ? -0.288  14.686  12.075  1.00 72.73  ? 5   2PR D P     1 
HETATM 1310 O  OP1   . 2PR D 1 5  ? 1.166   14.191  12.014  1.00 63.37  ? 5   2PR D OP1   1 
HETATM 1311 O  OP2   . 2PR D 1 5  ? -1.237  14.070  13.014  1.00 66.98  ? 5   2PR D OP2   1 
HETATM 1312 O  "O5'" . 2PR D 1 5  ? -0.236  16.358  12.420  1.00 74.15  ? 5   2PR D "O5'" 1 
HETATM 1313 C  "C5'" . 2PR D 1 5  ? -1.344  17.154  12.242  1.00 73.34  ? 5   2PR D "C5'" 1 
HETATM 1314 C  "C4'" . 2PR D 1 5  ? -1.090  18.447  13.011  1.00 70.29  ? 5   2PR D "C4'" 1 
HETATM 1315 O  "O4'" . 2PR D 1 5  ? -2.161  19.348  12.910  1.00 65.60  ? 5   2PR D "O4'" 1 
HETATM 1316 C  "C3'" . 2PR D 1 5  ? -0.937  18.139  14.493  1.00 72.40  ? 5   2PR D "C3'" 1 
HETATM 1317 O  "O3'" . 2PR D 1 5  ? -0.486  19.338  15.061  1.00 74.09  ? 5   2PR D "O3'" 1 
HETATM 1318 C  "C2'" . 2PR D 1 5  ? -2.404  18.132  14.938  1.00 67.56  ? 5   2PR D "C2'" 1 
HETATM 1319 C  "C1'" . 2PR D 1 5  ? -2.884  19.349  14.137  1.00 67.53  ? 5   2PR D "C1'" 1 
HETATM 1320 N  N9    . 2PR D 1 5  ? -4.325  19.206  13.742  1.00 69.64  ? 5   2PR D N9    1 
HETATM 1321 C  C8    . 2PR D 1 5  ? -5.218  20.272  13.588  1.00 68.07  ? 5   2PR D C8    1 
HETATM 1322 N  N7    . 2PR D 1 5  ? -6.444  19.876  13.228  1.00 69.41  ? 5   2PR D N7    1 
HETATM 1323 C  C5    . 2PR D 1 5  ? -6.395  18.483  13.132  1.00 69.75  ? 5   2PR D C5    1 
HETATM 1324 C  C6    . 2PR D 1 5  ? -7.325  17.482  12.801  1.00 71.71  ? 5   2PR D C6    1 
HETATM 1325 N  N1    . 2PR D 1 5  ? -7.036  16.172  12.770  1.00 73.64  ? 5   2PR D N1    1 
HETATM 1326 C  C2    . 2PR D 1 5  ? -5.713  15.792  13.096  1.00 76.42  ? 5   2PR D C2    1 
HETATM 1327 N  N2    . 2PR D 1 5  ? -5.416  14.405  13.070  1.00 87.54  ? 5   2PR D N2    1 
HETATM 1328 N  N3    . 2PR D 1 5  ? -4.692  16.685  13.435  1.00 72.75  ? 5   2PR D N3    1 
HETATM 1329 C  C4    . 2PR D 1 5  ? -5.065  18.001  13.442  1.00 71.54  ? 5   2PR D C4    1 
HETATM 1330 P  P     . 2PR D 1 6  ? 0.991   19.430  15.686  1.00 81.86  ? 6   2PR D P     1 
HETATM 1331 O  OP1   . 2PR D 1 6  ? 0.998   18.668  17.019  1.00 74.80  ? 6   2PR D OP1   1 
HETATM 1332 O  OP2   . 2PR D 1 6  ? 1.414   20.840  15.651  1.00 76.91  ? 6   2PR D OP2   1 
HETATM 1333 O  "O5'" . 2PR D 1 6  ? 2.022   18.493  14.602  1.00 73.31  ? 6   2PR D "O5'" 1 
HETATM 1334 C  "C5'" . 2PR D 1 6  ? 3.390   18.630  14.591  1.00 71.89  ? 6   2PR D "C5'" 1 
HETATM 1335 C  "C4'" . 2PR D 1 6  ? 3.919   18.564  13.120  1.00 74.88  ? 6   2PR D "C4'" 1 
HETATM 1336 O  "O4'" . 2PR D 1 6  ? 5.092   17.773  13.046  1.00 76.76  ? 6   2PR D "O4'" 1 
HETATM 1337 C  "C3'" . 2PR D 1 6  ? 2.941   17.846  12.171  1.00 73.35  ? 6   2PR D "C3'" 1 
HETATM 1338 O  "O3'" . 2PR D 1 6  ? 3.573   17.620  10.891  1.00 78.72  ? 6   2PR D "O3'" 1 
HETATM 1339 C  "C2'" . 2PR D 1 6  ? 3.106   16.422  12.757  1.00 70.78  ? 6   2PR D "C2'" 1 
HETATM 1340 C  "C1'" . 2PR D 1 6  ? 4.644   16.404  12.968  1.00 73.24  ? 6   2PR D "C1'" 1 
HETATM 1341 N  N9    . 2PR D 1 6  ? 5.006   15.899  14.302  1.00 75.73  ? 6   2PR D N9    1 
HETATM 1342 C  C8    . 2PR D 1 6  ? 4.219   15.512  15.415  1.00 72.37  ? 6   2PR D C8    1 
HETATM 1343 N  N7    . 2PR D 1 6  ? 4.998   15.110  16.427  1.00 67.40  ? 6   2PR D N7    1 
HETATM 1344 C  C5    . 2PR D 1 6  ? 6.320   15.253  15.954  1.00 67.19  ? 6   2PR D C5    1 
HETATM 1345 C  C6    . 2PR D 1 6  ? 7.598   15.038  16.446  1.00 69.77  ? 6   2PR D C6    1 
HETATM 1346 N  N1    . 2PR D 1 6  ? 8.723   15.262  15.743  1.00 77.42  ? 6   2PR D N1    1 
HETATM 1347 C  C2    . 2PR D 1 6  ? 8.596   15.753  14.425  1.00 78.89  ? 6   2PR D C2    1 
HETATM 1348 N  N2    . 2PR D 1 6  ? 9.754   16.011  13.643  1.00 80.36  ? 6   2PR D N2    1 
HETATM 1349 N  N3    . 2PR D 1 6  ? 7.396   16.002  13.849  1.00 77.66  ? 6   2PR D N3    1 
HETATM 1350 C  C4    . 2PR D 1 6  ? 6.331   15.745  14.631  1.00 74.28  ? 6   2PR D C4    1 
HETATM 1351 P  P     . 2PR D 1 7  ? 3.205   18.507  9.600   1.00 65.38  ? 7   2PR D P     1 
HETATM 1352 O  OP1   . 2PR D 1 7  ? 3.918   17.926  8.377   1.00 56.20  ? 7   2PR D OP1   1 
HETATM 1353 O  OP2   . 2PR D 1 7  ? 3.385   19.928  9.910   1.00 70.10  ? 7   2PR D OP2   1 
HETATM 1354 O  "O5'" . 2PR D 1 7  ? 1.578   18.182  9.320   1.00 61.33  ? 7   2PR D "O5'" 1 
HETATM 1355 C  "C5'" . 2PR D 1 7  ? 1.156   17.198  8.510   1.00 64.30  ? 7   2PR D "C5'" 1 
HETATM 1356 C  "C4'" . 2PR D 1 7  ? -0.314  17.505  8.258   1.00 69.39  ? 7   2PR D "C4'" 1 
HETATM 1357 O  "O4'" . 2PR D 1 7  ? -0.865  18.165  9.377   1.00 74.73  ? 7   2PR D "O4'" 1 
HETATM 1358 C  "C3'" . 2PR D 1 7  ? -0.503  18.440  7.013   1.00 68.14  ? 7   2PR D "C3'" 1 
HETATM 1359 O  "O3'" . 2PR D 1 7  ? -1.729  18.145  6.411   1.00 65.90  ? 7   2PR D "O3'" 1 
HETATM 1360 C  "C2'" . 2PR D 1 7  ? -0.939  19.766  7.608   1.00 66.75  ? 7   2PR D "C2'" 1 
HETATM 1361 C  "C1'" . 2PR D 1 7  ? -1.595  19.290  8.917   1.00 69.68  ? 7   2PR D "C1'" 1 
HETATM 1362 N  N9    . 2PR D 1 7  ? -1.256  20.369  9.791   1.00 70.04  ? 7   2PR D N9    1 
HETATM 1363 C  C8    . 2PR D 1 7  ? 0.036   20.822  10.134  1.00 70.66  ? 7   2PR D C8    1 
HETATM 1364 N  N7    . 2PR D 1 7  ? -0.027  21.884  10.945  1.00 71.49  ? 7   2PR D N7    1 
HETATM 1365 C  C5    . 2PR D 1 7  ? -1.424  22.132  11.114  1.00 72.12  ? 7   2PR D C5    1 
HETATM 1366 C  C6    . 2PR D 1 7  ? -2.214  23.058  11.808  1.00 72.02  ? 7   2PR D C6    1 
HETATM 1367 N  N1    . 2PR D 1 7  ? -3.550  23.047  11.794  1.00 70.95  ? 7   2PR D N1    1 
HETATM 1368 C  C2    . 2PR D 1 7  ? -4.182  22.070  11.045  1.00 68.18  ? 7   2PR D C2    1 
HETATM 1369 N  N2    . 2PR D 1 7  ? -5.566  22.069  11.029  1.00 70.86  ? 7   2PR D N2    1 
HETATM 1370 N  N3    . 2PR D 1 7  ? -3.543  21.116  10.324  1.00 69.38  ? 7   2PR D N3    1 
HETATM 1371 C  C4    . 2PR D 1 7  ? -2.202  21.183  10.387  1.00 71.06  ? 7   2PR D C4    1 
ATOM   1372 P  P     . A   D 1 8  ? -1.784  17.852  4.845   1.00 64.59  ? 8   A   D P     1 
ATOM   1373 O  OP1   . A   D 1 8  ? -0.554  17.111  4.485   1.00 62.77  ? 8   A   D OP1   1 
ATOM   1374 O  OP2   . A   D 1 8  ? -2.071  19.140  4.172   1.00 70.06  ? 8   A   D OP2   1 
ATOM   1375 O  "O5'" . A   D 1 8  ? -3.050  16.898  4.678   1.00 63.43  ? 8   A   D "O5'" 1 
ATOM   1376 C  "C5'" . A   D 1 8  ? -2.943  15.497  4.876   1.00 66.76  ? 8   A   D "C5'" 1 
ATOM   1377 C  "C4'" . A   D 1 8  ? -4.236  14.797  4.541   1.00 67.75  ? 8   A   D "C4'" 1 
ATOM   1378 O  "O4'" . A   D 1 8  ? -5.157  14.899  5.655   1.00 70.65  ? 8   A   D "O4'" 1 
ATOM   1379 C  "C3'" . A   D 1 8  ? -4.996  15.370  3.361   1.00 61.14  ? 8   A   D "C3'" 1 
ATOM   1380 O  "O3'" . A   D 1 8  ? -4.588  14.790  2.156   1.00 57.75  ? 8   A   D "O3'" 1 
ATOM   1381 C  "C2'" . A   D 1 8  ? -6.432  15.042  3.688   1.00 66.18  ? 8   A   D "C2'" 1 
ATOM   1382 O  "O2'" . A   D 1 8  ? -6.670  13.675  3.415   1.00 71.93  ? 8   A   D "O2'" 1 
ATOM   1383 C  "C1'" . A   D 1 8  ? -6.437  15.238  5.192   1.00 67.56  ? 8   A   D "C1'" 1 
ATOM   1384 N  N9    . A   D 1 8  ? -6.623  16.650  5.544   1.00 67.84  ? 8   A   D N9    1 
ATOM   1385 C  C8    . A   D 1 8  ? -5.622  17.435  6.034   1.00 69.44  ? 8   A   D C8    1 
ATOM   1386 N  N7    . A   D 1 8  ? -5.978  18.656  6.291   1.00 73.40  ? 8   A   D N7    1 
ATOM   1387 C  C5    . A   D 1 8  ? -7.312  18.679  5.941   1.00 72.01  ? 8   A   D C5    1 
ATOM   1388 C  C6    . A   D 1 8  ? -8.241  19.721  5.989   1.00 68.66  ? 8   A   D C6    1 
ATOM   1389 N  N6    . A   D 1 8  ? -7.934  20.942  6.423   1.00 67.34  ? 8   A   D N6    1 
ATOM   1390 N  N1    . A   D 1 8  ? -9.489  19.450  5.575   1.00 71.80  ? 8   A   D N1    1 
ATOM   1391 C  C2    . A   D 1 8  ? -9.751  18.207  5.146   1.00 75.95  ? 8   A   D C2    1 
ATOM   1392 N  N3    . A   D 1 8  ? -8.960  17.136  5.057   1.00 74.76  ? 8   A   D N3    1 
ATOM   1393 C  C4    . A   D 1 8  ? -7.730  17.448  5.479   1.00 71.04  ? 8   A   D C4    1 
ATOM   1394 P  P     . A   D 1 9  ? -4.310  15.720  0.905   1.00 65.31  ? 9   A   D P     1 
ATOM   1395 O  OP1   . A   D 1 9  ? -3.659  14.884  -0.134  1.00 68.53  ? 9   A   D OP1   1 
ATOM   1396 O  OP2   . A   D 1 9  ? -3.609  16.923  1.412   1.00 66.02  ? 9   A   D OP2   1 
ATOM   1397 O  "O5'" . A   D 1 9  ? -5.767  16.133  0.419   1.00 62.67  ? 9   A   D "O5'" 1 
ATOM   1398 C  "C5'" . A   D 1 9  ? -6.625  15.190  -0.202  1.00 66.66  ? 9   A   D "C5'" 1 
ATOM   1399 C  "C4'" . A   D 1 9  ? -8.081  15.571  -0.054  1.00 69.85  ? 9   A   D "C4'" 1 
ATOM   1400 O  "O4'" . A   D 1 9  ? -8.335  16.050  1.293   1.00 70.49  ? 9   A   D "O4'" 1 
ATOM   1401 C  "C3'" . A   D 1 9  ? -8.590  16.696  -0.942  1.00 61.89  ? 9   A   D "C3'" 1 
ATOM   1402 O  "O3'" . A   D 1 9  ? -8.902  16.268  -2.247  1.00 54.51  ? 9   A   D "O3'" 1 
ATOM   1403 C  "C2'" . A   D 1 9  ? -9.802  17.185  -0.175  1.00 65.37  ? 9   A   D "C2'" 1 
ATOM   1404 O  "O2'" . A   D 1 9  ? -10.869 16.264  -0.327  1.00 74.11  ? 9   A   D "O2'" 1 
ATOM   1405 C  "C1'" . A   D 1 9  ? -9.291  17.090  1.259   1.00 68.45  ? 9   A   D "C1'" 1 
ATOM   1406 N  N9    . A   D 1 9  ? -8.616  18.335  1.656   1.00 70.34  ? 9   A   D N9    1 
ATOM   1407 C  C8    . A   D 1 9  ? -7.263  18.540  1.745   1.00 69.72  ? 9   A   D C8    1 
ATOM   1408 N  N7    . A   D 1 9  ? -6.928  19.749  2.109   1.00 69.87  ? 9   A   D N7    1 
ATOM   1409 C  C5    . A   D 1 9  ? -8.148  20.390  2.259   1.00 71.39  ? 9   A   D C5    1 
ATOM   1410 C  C6    . A   D 1 9  ? -8.472  21.707  2.625   1.00 70.12  ? 9   A   D C6    1 
ATOM   1411 N  N6    . A   D 1 9  ? -7.553  22.637  2.921   1.00 71.66  ? 9   A   D N6    1 
ATOM   1412 N  N1    . A   D 1 9  ? -9.781  22.028  2.680   1.00 67.53  ? 9   A   D N1    1 
ATOM   1413 C  C2    . A   D 1 9  ? -10.689 21.091  2.383   1.00 68.28  ? 9   A   D C2    1 
ATOM   1414 N  N3    . A   D 1 9  ? -10.507 19.823  2.024   1.00 70.66  ? 9   A   D N3    1 
ATOM   1415 C  C4    . A   D 1 9  ? -9.198  19.533  1.980   1.00 71.60  ? 9   A   D C4    1 
ATOM   1416 P  P     . C   D 1 10 ? -8.025  16.794  -3.475  1.00 68.07  ? 10  C   D P     1 
ATOM   1417 O  OP1   . C   D 1 10 ? -8.453  16.039  -4.679  1.00 67.85  ? 10  C   D OP1   1 
ATOM   1418 O  OP2   . C   D 1 10 ? -6.601  16.790  -3.052  1.00 60.67  ? 10  C   D OP2   1 
ATOM   1419 O  "O5'" . C   D 1 10 ? -8.469  18.314  -3.654  1.00 65.78  ? 10  C   D "O5'" 1 
ATOM   1420 C  "C5'" . C   D 1 10 ? -9.817  18.655  -3.944  1.00 62.49  ? 10  C   D "C5'" 1 
ATOM   1421 C  "C4'" . C   D 1 10 ? -10.151 20.057  -3.499  1.00 61.83  ? 10  C   D "C4'" 1 
ATOM   1422 O  "O4'" . C   D 1 10 ? -9.897  20.200  -2.077  1.00 64.01  ? 10  C   D "O4'" 1 
ATOM   1423 C  "C3'" . C   D 1 10 ? -9.344  21.179  -4.135  1.00 66.10  ? 10  C   D "C3'" 1 
ATOM   1424 O  "O3'" . C   D 1 10 ? -9.831  21.560  -5.410  1.00 70.05  ? 10  C   D "O3'" 1 
ATOM   1425 C  "C2'" . C   D 1 10 ? -9.469  22.292  -3.112  1.00 67.56  ? 10  C   D "C2'" 1 
ATOM   1426 O  "O2'" . C   D 1 10 ? -10.714 22.963  -3.253  1.00 73.40  ? 10  C   D "O2'" 1 
ATOM   1427 C  "C1'" . C   D 1 10 ? -9.451  21.508  -1.799  1.00 67.68  ? 10  C   D "C1'" 1 
ATOM   1428 N  N1    . C   D 1 10 ? -8.074  21.444  -1.267  1.00 66.99  ? 10  C   D N1    1 
ATOM   1429 C  C2    . C   D 1 10 ? -7.538  22.620  -0.728  1.00 70.42  ? 10  C   D C2    1 
ATOM   1430 O  O2    . C   D 1 10 ? -8.232  23.645  -0.677  1.00 71.98  ? 10  C   D O2    1 
ATOM   1431 N  N3    . C   D 1 10 ? -6.277  22.626  -0.256  1.00 69.55  ? 10  C   D N3    1 
ATOM   1432 C  C4    . C   D 1 10 ? -5.562  21.512  -0.323  1.00 66.98  ? 10  C   D C4    1 
ATOM   1433 N  N4    . C   D 1 10 ? -4.322  21.568  0.156   1.00 69.94  ? 10  C   D N4    1 
ATOM   1434 C  C5    . C   D 1 10 ? -6.078  20.304  -0.866  1.00 61.88  ? 10  C   D C5    1 
ATOM   1435 C  C6    . C   D 1 10 ? -7.326  20.309  -1.332  1.00 62.34  ? 10  C   D C6    1 
ATOM   1436 P  P     . C   D 1 11 ? -8.883  22.324  -6.459  1.00 73.50  ? 11  C   D P     1 
ATOM   1437 O  OP1   . C   D 1 11 ? -9.771  22.639  -7.612  1.00 79.04  ? 11  C   D OP1   1 
ATOM   1438 O  OP2   . C   D 1 11 ? -7.639  21.552  -6.656  1.00 63.46  ? 11  C   D OP2   1 
ATOM   1439 O  "O5'" . C   D 1 11 ? -8.446  23.673  -5.730  1.00 67.99  ? 11  C   D "O5'" 1 
ATOM   1440 C  "C5'" . C   D 1 11 ? -9.376  24.724  -5.521  1.00 70.45  ? 11  C   D "C5'" 1 
ATOM   1441 C  "C4'" . C   D 1 11 ? -8.694  26.006  -5.134  1.00 65.29  ? 11  C   D "C4'" 1 
ATOM   1442 O  "O4'" . C   D 1 11 ? -8.215  25.932  -3.771  1.00 62.10  ? 11  C   D "O4'" 1 
ATOM   1443 C  "C3'" . C   D 1 11 ? -7.451  26.366  -5.917  1.00 65.12  ? 11  C   D "C3'" 1 
ATOM   1444 O  "O3'" . C   D 1 11 ? -7.714  26.855  -7.212  1.00 63.19  ? 11  C   D "O3'" 1 
ATOM   1445 C  "C2'" . C   D 1 11 ? -6.774  27.368  -4.999  1.00 65.38  ? 11  C   D "C2'" 1 
ATOM   1446 O  "O2'" . C   D 1 11 ? -7.410  28.634  -5.079  1.00 75.53  ? 11  C   D "O2'" 1 
ATOM   1447 C  "C1'" . C   D 1 11 ? -7.078  26.764  -3.628  1.00 66.22  ? 11  C   D "C1'" 1 
ATOM   1448 N  N1    . C   D 1 11 ? -5.935  25.970  -3.136  1.00 63.15  ? 11  C   D N1    1 
ATOM   1449 C  C2    . C   D 1 11 ? -4.847  26.658  -2.605  1.00 66.71  ? 11  C   D C2    1 
ATOM   1450 O  O2    . C   D 1 11 ? -4.883  27.892  -2.553  1.00 72.78  ? 11  C   D O2    1 
ATOM   1451 N  N3    . C   D 1 11 ? -3.773  25.980  -2.162  1.00 67.20  ? 11  C   D N3    1 
ATOM   1452 C  C4    . C   D 1 11 ? -3.764  24.655  -2.240  1.00 66.78  ? 11  C   D C4    1 
ATOM   1453 N  N4    . C   D 1 11 ? -2.688  24.017  -1.786  1.00 69.07  ? 11  C   D N4    1 
ATOM   1454 C  C5    . C   D 1 11 ? -4.860  23.923  -2.773  1.00 64.27  ? 11  C   D C5    1 
ATOM   1455 C  C6    . C   D 1 11 ? -5.916  24.613  -3.210  1.00 66.34  ? 11  C   D C6    1 
ATOM   1456 P  P     . G   D 1 12 ? -6.690  26.481  -8.389  1.00 74.30  ? 12  G   D P     1 
ATOM   1457 O  OP1   . G   D 1 12 ? -7.379  26.603  -9.689  1.00 62.98  ? 12  G   D OP1   1 
ATOM   1458 O  OP2   . G   D 1 12 ? -6.062  25.190  -8.017  1.00 74.39  ? 12  G   D OP2   1 
ATOM   1459 O  "O5'" . G   D 1 12 ? -5.556  27.591  -8.287  1.00 64.54  ? 12  G   D "O5'" 1 
ATOM   1460 C  "C5'" . G   D 1 12 ? -5.892  28.948  -8.052  1.00 63.74  ? 12  G   D "C5'" 1 
ATOM   1461 C  "C4'" . G   D 1 12 ? -4.700  29.739  -7.591  1.00 58.76  ? 12  G   D "C4'" 1 
ATOM   1462 O  "O4'" . G   D 1 12 ? -4.480  29.523  -6.173  1.00 66.55  ? 12  G   D "O4'" 1 
ATOM   1463 C  "C3'" . G   D 1 12 ? -3.383  29.349  -8.221  1.00 60.48  ? 12  G   D "C3'" 1 
ATOM   1464 O  "O3'" . G   D 1 12 ? -3.186  29.893  -9.498  1.00 60.72  ? 12  G   D "O3'" 1 
ATOM   1465 C  "C2'" . G   D 1 12 ? -2.380  29.844  -7.204  1.00 67.88  ? 12  G   D "C2'" 1 
ATOM   1466 O  "O2'" . G   D 1 12 ? -2.263  31.254  -7.288  1.00 68.70  ? 12  G   D "O2'" 1 
ATOM   1467 C  "C1'" . G   D 1 12 ? -3.089  29.481  -5.909  1.00 71.26  ? 12  G   D "C1'" 1 
ATOM   1468 N  N9    . G   D 1 12 ? -2.739  28.106  -5.509  1.00 68.95  ? 12  G   D N9    1 
ATOM   1469 C  C8    . G   D 1 12 ? -3.590  27.031  -5.534  1.00 67.64  ? 12  G   D C8    1 
ATOM   1470 N  N7    . G   D 1 12 ? -3.017  25.931  -5.148  1.00 70.85  ? 12  G   D N7    1 
ATOM   1471 C  C5    . G   D 1 12 ? -1.706  26.295  -4.867  1.00 67.89  ? 12  G   D C5    1 
ATOM   1472 C  C6    . G   D 1 12 ? -0.619  25.510  -4.400  1.00 70.74  ? 12  G   D C6    1 
ATOM   1473 O  O6    . G   D 1 12 ? -0.591  24.300  -4.141  1.00 70.91  ? 12  G   D O6    1 
ATOM   1474 N  N1    . G   D 1 12 ? 0.534   26.261  -4.240  1.00 67.67  ? 12  G   D N1    1 
ATOM   1475 C  C2    . G   D 1 12 ? 0.623   27.598  -4.490  1.00 67.51  ? 12  G   D C2    1 
ATOM   1476 N  N2    . G   D 1 12 ? 1.839   28.120  -4.268  1.00 65.33  ? 12  G   D N2    1 
ATOM   1477 N  N3    . G   D 1 12 ? -0.388  28.345  -4.926  1.00 65.32  ? 12  G   D N3    1 
ATOM   1478 C  C4    . G   D 1 12 ? -1.516  27.636  -5.091  1.00 62.40  ? 12  G   D C4    1 
ATOM   1479 P  P     . G   D 1 13 ? -1.947  29.378  -10.371 1.00 77.80  ? 13  G   D P     1 
ATOM   1480 O  OP1   . G   D 1 13 ? -2.104  29.889  -11.754 1.00 77.34  ? 13  G   D OP1   1 
ATOM   1481 O  OP2   . G   D 1 13 ? -1.777  27.927  -10.097 1.00 79.60  ? 13  G   D OP2   1 
ATOM   1482 O  "O5'" . G   D 1 13 ? -0.684  30.098  -9.731  1.00 74.23  ? 13  G   D "O5'" 1 
ATOM   1483 C  "C5'" . G   D 1 13 ? 0.537   30.137  -10.439 1.00 68.49  ? 13  G   D "C5'" 1 
ATOM   1484 C  "C4'" . G   D 1 13 ? 1.714   30.207  -9.512  1.00 65.69  ? 13  G   D "C4'" 1 
ATOM   1485 O  "O4'" . G   D 1 13 ? 1.368   29.683  -8.205  1.00 60.02  ? 13  G   D "O4'" 1 
ATOM   1486 C  "C3'" . G   D 1 13 ? 2.895   29.363  -9.939  1.00 69.73  ? 13  G   D "C3'" 1 
ATOM   1487 O  "O3'" . G   D 1 13 ? 3.659   29.964  -10.960 1.00 71.59  ? 13  G   D "O3'" 1 
ATOM   1488 C  "C2'" . G   D 1 13 ? 3.647   29.161  -8.640  1.00 68.53  ? 13  G   D "C2'" 1 
ATOM   1489 O  "O2'" . G   D 1 13 ? 4.390   30.322  -8.316  1.00 72.01  ? 13  G   D "O2'" 1 
ATOM   1490 C  "C1'" . G   D 1 13 ? 2.486   29.010  -7.653  1.00 68.34  ? 13  G   D "C1'" 1 
ATOM   1491 N  N9    . G   D 1 13 ? 2.141   27.584  -7.431  1.00 70.71  ? 13  G   D N9    1 
ATOM   1492 C  C8    . G   D 1 13 ? 0.938   26.961  -7.692  1.00 69.30  ? 13  G   D C8    1 
ATOM   1493 N  N7    . G   D 1 13 ? 0.941   25.690  -7.390  1.00 65.31  ? 13  G   D N7    1 
ATOM   1494 C  C5    . G   D 1 13 ? 2.216   25.449  -6.906  1.00 59.65  ? 13  G   D C5    1 
ATOM   1495 C  C6    . G   D 1 13 ? 2.791   24.249  -6.423  1.00 59.99  ? 13  G   D C6    1 
ATOM   1496 O  O6    . G   D 1 13 ? 2.274   23.130  -6.332  1.00 57.71  ? 13  G   D O6    1 
ATOM   1497 N  N1    . G   D 1 13 ? 4.108   24.438  -6.020  1.00 60.30  ? 13  G   D N1    1 
ATOM   1498 C  C2    . G   D 1 13 ? 4.785   25.635  -6.076  1.00 63.94  ? 13  G   D C2    1 
ATOM   1499 N  N2    . G   D 1 13 ? 6.054   25.623  -5.638  1.00 58.69  ? 13  G   D N2    1 
ATOM   1500 N  N3    . G   D 1 13 ? 4.256   26.761  -6.528  1.00 64.58  ? 13  G   D N3    1 
ATOM   1501 C  C4    . G   D 1 13 ? 2.972   26.599  -6.923  1.00 62.21  ? 13  G   D C4    1 
ATOM   1502 P  P     . G   D 1 14 ? 3.950   29.142  -12.301 1.00 89.22  ? 14  G   D P     1 
ATOM   1503 O  OP1   . G   D 1 14 ? 4.758   30.020  -13.190 1.00 97.21  ? 14  G   D OP1   1 
ATOM   1504 O  OP2   . G   D 1 14 ? 2.673   28.557  -12.808 1.00 84.62  ? 14  G   D OP2   1 
ATOM   1505 O  "O5'" . G   D 1 14 ? 4.947   28.017  -11.794 1.00 72.67  ? 14  G   D "O5'" 1 
ATOM   1506 C  "C5'" . G   D 1 14 ? 6.113   28.393  -11.071 1.00 75.28  ? 14  G   D "C5'" 1 
ATOM   1507 C  "C4'" . G   D 1 14 ? 6.653   27.248  -10.258 1.00 73.39  ? 14  G   D "C4'" 1 
ATOM   1508 O  "O4'" . G   D 1 14 ? 5.593   26.688  -9.447  1.00 73.32  ? 14  G   D "O4'" 1 
ATOM   1509 C  "C3'" . G   D 1 14 ? 7.167   26.084  -11.075 1.00 68.59  ? 14  G   D "C3'" 1 
ATOM   1510 O  "O3'" . G   D 1 14 ? 8.515   26.285  -11.439 1.00 69.73  ? 14  G   D "O3'" 1 
ATOM   1511 C  "C2'" . G   D 1 14 ? 6.971   24.888  -10.158 1.00 63.40  ? 14  G   D "C2'" 1 
ATOM   1512 O  "O2'" . G   D 1 14 ? 8.080   24.796  -9.278  1.00 60.89  ? 14  G   D "O2'" 1 
ATOM   1513 C  "C1'" . G   D 1 14 ? 5.738   25.295  -9.347  1.00 61.97  ? 14  G   D "C1'" 1 
ATOM   1514 N  N9    . G   D 1 14 ? 4.453   24.654  -9.718  1.00 58.22  ? 14  G   D N9    1 
ATOM   1515 C  C8    . G   D 1 14 ? 3.384   25.259  -10.341 1.00 63.06  ? 14  G   D C8    1 
ATOM   1516 N  N7    . G   D 1 14 ? 2.341   24.480  -10.476 1.00 61.85  ? 14  G   D N7    1 
ATOM   1517 C  C5    . G   D 1 14 ? 2.717   23.279  -9.873  1.00 60.06  ? 14  G   D C5    1 
ATOM   1518 C  C6    . G   D 1 14 ? 2.010   22.044  -9.698  1.00 57.39  ? 14  G   D C6    1 
ATOM   1519 O  O6    . G   D 1 14 ? 0.869   21.704  -10.053 1.00 53.44  ? 14  G   D O6    1 
ATOM   1520 N  N1    . G   D 1 14 ? 2.792   21.107  -9.043  1.00 55.23  ? 14  G   D N1    1 
ATOM   1521 C  C2    . G   D 1 14 ? 4.066   21.322  -8.594  1.00 53.48  ? 14  G   D C2    1 
ATOM   1522 N  N2    . G   D 1 14 ? 4.649   20.304  -7.961  1.00 52.10  ? 14  G   D N2    1 
ATOM   1523 N  N3    . G   D 1 14 ? 4.733   22.447  -8.749  1.00 57.51  ? 14  G   D N3    1 
ATOM   1524 C  C4    . G   D 1 14 ? 4.010   23.386  -9.394  1.00 58.78  ? 14  G   D C4    1 
ATOM   1525 P  P     . G   D 1 15 ? 8.919   26.447  -12.982 1.00 79.74  ? 15  G   D P     1 
ATOM   1526 O  OP1   . G   D 1 15 ? 10.206  27.178  -13.037 1.00 79.25  ? 15  G   D OP1   1 
ATOM   1527 O  OP2   . G   D 1 15 ? 7.727   26.886  -13.756 1.00 75.71  ? 15  G   D OP2   1 
ATOM   1528 O  "O5'" . G   D 1 15 ? 9.266   24.971  -13.439 1.00 73.35  ? 15  G   D "O5'" 1 
ATOM   1529 C  "C5'" . G   D 1 15 ? 10.172  24.169  -12.694 1.00 68.95  ? 15  G   D "C5'" 1 
ATOM   1530 C  "C4'" . G   D 1 15 ? 9.760   22.729  -12.767 1.00 62.19  ? 15  G   D "C4'" 1 
ATOM   1531 O  "O4'" . G   D 1 15 ? 8.383   22.645  -12.319 1.00 66.53  ? 15  G   D "O4'" 1 
ATOM   1532 C  "C3'" . G   D 1 15 ? 9.782   22.135  -14.176 1.00 66.48  ? 15  G   D "C3'" 1 
ATOM   1533 O  "O3'" . G   D 1 15 ? 10.069  20.749  -14.109 1.00 61.86  ? 15  G   D "O3'" 1 
ATOM   1534 C  "C2'" . G   D 1 15 ? 8.345   22.306  -14.634 1.00 69.31  ? 15  G   D "C2'" 1 
ATOM   1535 O  "O2'" . G   D 1 15 ? 7.936   21.406  -15.642 1.00 67.18  ? 15  G   D "O2'" 1 
ATOM   1536 C  "C1'" . G   D 1 15 ? 7.594   22.069  -13.335 1.00 66.42  ? 15  G   D "C1'" 1 
ATOM   1537 N  N9    . G   D 1 15 ? 6.269   22.664  -13.345 1.00 60.66  ? 15  G   D N9    1 
ATOM   1538 C  C8    . G   D 1 15 ? 5.928   23.892  -13.831 1.00 65.48  ? 15  G   D C8    1 
ATOM   1539 N  N7    . G   D 1 15 ? 4.643   24.112  -13.756 1.00 71.30  ? 15  G   D N7    1 
ATOM   1540 C  C5    . G   D 1 15 ? 4.128   22.945  -13.209 1.00 62.85  ? 15  G   D C5    1 
ATOM   1541 C  C6    . G   D 1 15 ? 2.795   22.595  -12.895 1.00 64.15  ? 15  G   D C6    1 
ATOM   1542 O  O6    . G   D 1 15 ? 1.775   23.293  -13.037 1.00 64.95  ? 15  G   D O6    1 
ATOM   1543 N  N1    . G   D 1 15 ? 2.727   21.306  -12.350 1.00 60.03  ? 15  G   D N1    1 
ATOM   1544 C  C2    . G   D 1 15 ? 3.805   20.487  -12.120 1.00 58.36  ? 15  G   D C2    1 
ATOM   1545 N  N2    . G   D 1 15 ? 3.550   19.288  -11.589 1.00 55.83  ? 15  G   D N2    1 
ATOM   1546 N  N3    . G   D 1 15 ? 5.051   20.804  -12.420 1.00 57.88  ? 15  G   D N3    1 
ATOM   1547 C  C4    . G   D 1 15 ? 5.125   22.037  -12.956 1.00 60.20  ? 15  G   D C4    1 
ATOM   1548 P  P     . A   D 1 16 ? 11.557  20.261  -14.400 1.00 72.64  ? 16  A   D P     1 
ATOM   1549 O  OP1   . A   D 1 16 ? 12.437  21.226  -13.688 1.00 68.09  ? 16  A   D OP1   1 
ATOM   1550 O  OP2   . A   D 1 16 ? 11.698  20.088  -15.865 1.00 87.77  ? 16  A   D OP2   1 
ATOM   1551 O  "O5'" . A   D 1 16 ? 11.622  18.800  -13.764 1.00 70.21  ? 16  A   D "O5'" 1 
ATOM   1552 C  "C5'" . A   D 1 16 ? 12.141  18.570  -12.460 1.00 60.88  ? 16  A   D "C5'" 1 
ATOM   1553 C  "C4'" . A   D 1 16 ? 11.806  17.185  -11.984 1.00 56.20  ? 16  A   D "C4'" 1 
ATOM   1554 O  "O4'" . A   D 1 16 ? 10.385  17.111  -11.700 1.00 56.14  ? 16  A   D "O4'" 1 
ATOM   1555 C  "C3'" . A   D 1 16 ? 12.101  16.068  -12.982 1.00 60.11  ? 16  A   D "C3'" 1 
ATOM   1556 O  "O3'" . A   D 1 16 ? 12.533  14.918  -12.275 1.00 64.45  ? 16  A   D "O3'" 1 
ATOM   1557 C  "C2'" . A   D 1 16 ? 10.733  15.775  -13.587 1.00 63.91  ? 16  A   D "C2'" 1 
ATOM   1558 O  "O2'" . A   D 1 16 ? 10.577  14.454  -14.069 1.00 69.22  ? 16  A   D "O2'" 1 
ATOM   1559 C  "C1'" . A   D 1 16 ? 9.818   16.025  -12.402 1.00 57.48  ? 16  A   D "C1'" 1 
ATOM   1560 N  N9    . A   D 1 16 ? 8.453   16.361  -12.793 1.00 50.45  ? 16  A   D N9    1 
ATOM   1561 C  C8    . A   D 1 16 ? 8.041   17.486  -13.456 1.00 56.53  ? 16  A   D C8    1 
ATOM   1562 N  N7    . A   D 1 16 ? 6.745   17.510  -13.682 1.00 58.30  ? 16  A   D N7    1 
ATOM   1563 C  C5    . A   D 1 16 ? 6.289   16.316  -13.131 1.00 54.89  ? 16  A   D C5    1 
ATOM   1564 C  C6    . A   D 1 16 ? 5.001   15.756  -13.050 1.00 54.23  ? 16  A   D C6    1 
ATOM   1565 N  N6    . A   D 1 16 ? 3.931   16.374  -13.553 1.00 58.24  ? 16  A   D N6    1 
ATOM   1566 N  N1    . A   D 1 16 ? 4.852   14.558  -12.443 1.00 44.33  ? 16  A   D N1    1 
ATOM   1567 C  C2    . A   D 1 16 ? 5.963   13.988  -11.964 1.00 49.53  ? 16  A   D C2    1 
ATOM   1568 N  N3    . A   D 1 16 ? 7.231   14.419  -11.981 1.00 51.81  ? 16  A   D N3    1 
ATOM   1569 C  C4    . A   D 1 16 ? 7.331   15.605  -12.581 1.00 50.13  ? 16  A   D C4    1 
ATOM   1570 P  P     . G   D 1 17 ? 14.039  14.831  -11.754 1.00 72.36  ? 17  G   D P     1 
ATOM   1571 O  OP1   . G   D 1 17 ? 14.722  16.109  -12.071 1.00 60.39  ? 17  G   D OP1   1 
ATOM   1572 O  OP2   . G   D 1 17 ? 14.601  13.553  -12.254 1.00 70.52  ? 17  G   D OP2   1 
ATOM   1573 O  "O5'" . G   D 1 17 ? 13.876  14.712  -10.176 1.00 67.61  ? 17  G   D "O5'" 1 
ATOM   1574 C  "C5'" . G   D 1 17 ? 13.200  13.609  -9.595  1.00 62.65  ? 17  G   D "C5'" 1 
ATOM   1575 C  "C4'" . G   D 1 17 ? 11.865  14.014  -9.032  1.00 63.84  ? 17  G   D "C4'" 1 
ATOM   1576 O  "O4'" . G   D 1 17 ? 10.842  13.826  -10.046 1.00 60.18  ? 17  G   D "O4'" 1 
ATOM   1577 C  "C3'" . G   D 1 17 ? 11.376  13.184  -7.854  1.00 59.31  ? 17  G   D "C3'" 1 
ATOM   1578 O  "O3'" . G   D 1 17 ? 11.942  13.580  -6.621  1.00 58.75  ? 17  G   D "O3'" 1 
ATOM   1579 C  "C2'" . G   D 1 17 ? 9.860   13.333  -7.938  1.00 56.10  ? 17  G   D "C2'" 1 
ATOM   1580 O  "O2'" . G   D 1 17 ? 9.422   14.582  -7.435  1.00 55.67  ? 17  G   D "O2'" 1 
ATOM   1581 C  "C1'" . G   D 1 17 ? 9.653   13.341  -9.449  1.00 59.56  ? 17  G   D "C1'" 1 
ATOM   1582 N  N9    . G   D 1 17 ? 9.407   11.980  -9.938  1.00 56.78  ? 17  G   D N9    1 
ATOM   1583 C  C8    . G   D 1 17 ? 10.236  11.190  -10.691 1.00 52.87  ? 17  G   D C8    1 
ATOM   1584 N  N7    . G   D 1 17 ? 9.718   10.021  -10.942 1.00 50.79  ? 17  G   D N7    1 
ATOM   1585 C  C5    . G   D 1 17 ? 8.496   10.047  -10.303 1.00 51.38  ? 17  G   D C5    1 
ATOM   1586 C  C6    . G   D 1 17 ? 7.496   9.056   -10.223 1.00 53.79  ? 17  G   D C6    1 
ATOM   1587 O  O6    . G   D 1 17 ? 7.494   7.934   -10.719 1.00 53.26  ? 17  G   D O6    1 
ATOM   1588 N  N1    . G   D 1 17 ? 6.407   9.492   -9.476  1.00 57.50  ? 17  G   D N1    1 
ATOM   1589 C  C2    . G   D 1 17 ? 6.294   10.726  -8.883  1.00 53.49  ? 17  G   D C2    1 
ATOM   1590 N  N2    . G   D 1 17 ? 5.156   10.925  -8.213  1.00 53.32  ? 17  G   D N2    1 
ATOM   1591 N  N3    . G   D 1 17 ? 7.220   11.669  -8.942  1.00 51.84  ? 17  G   D N3    1 
ATOM   1592 C  C4    . G   D 1 17 ? 8.282   11.251  -9.670  1.00 53.81  ? 17  G   D C4    1 
ATOM   1593 P  P     . C   D 1 18 ? 12.562  12.468  -5.644  1.00 77.56  ? 18  C   D P     1 
ATOM   1594 O  OP1   . C   D 1 18 ? 13.509  13.133  -4.719  1.00 73.51  ? 18  C   D OP1   1 
ATOM   1595 O  OP2   . C   D 1 18 ? 13.021  11.303  -6.450  1.00 64.93  ? 18  C   D OP2   1 
ATOM   1596 O  "O5'" . C   D 1 18 ? 11.319  12.003  -4.771  1.00 63.65  ? 18  C   D "O5'" 1 
ATOM   1597 C  "C5'" . C   D 1 18 ? 10.730  12.877  -3.830  1.00 55.55  ? 18  C   D "C5'" 1 
ATOM   1598 C  "C4'" . C   D 1 18 ? 9.292   12.512  -3.609  1.00 55.82  ? 18  C   D "C4'" 1 
ATOM   1599 O  "O4'" . C   D 1 18 ? 8.673   12.233  -4.883  1.00 52.27  ? 18  C   D "O4'" 1 
ATOM   1600 C  "C3'" . C   D 1 18 ? 9.031   11.253  -2.807  1.00 56.66  ? 18  C   D "C3'" 1 
ATOM   1601 O  "O3'" . C   D 1 18 ? 9.145   11.434  -1.410  1.00 63.68  ? 18  C   D "O3'" 1 
ATOM   1602 C  "C2'" . C   D 1 18 ? 7.627   10.884  -3.234  1.00 53.57  ? 18  C   D "C2'" 1 
ATOM   1603 O  "O2'" . C   D 1 18 ? 6.681   11.683  -2.542  1.00 62.24  ? 18  C   D "O2'" 1 
ATOM   1604 C  "C1'" . C   D 1 18 ? 7.644   11.287  -4.709  1.00 50.59  ? 18  C   D "C1'" 1 
ATOM   1605 N  N1    . C   D 1 18 ? 7.911   10.132  -5.585  1.00 53.63  ? 18  C   D N1    1 
ATOM   1606 C  C2    . C   D 1 18 ? 6.883   9.212   -5.718  1.00 54.42  ? 18  C   D C2    1 
ATOM   1607 O  O2    . C   D 1 18 ? 5.826   9.434   -5.109  1.00 52.39  ? 18  C   D O2    1 
ATOM   1608 N  N3    . C   D 1 18 ? 7.066   8.123   -6.497  1.00 52.59  ? 18  C   D N3    1 
ATOM   1609 C  C4    . C   D 1 18 ? 8.218   7.953   -7.128  1.00 48.38  ? 18  C   D C4    1 
ATOM   1610 N  N4    . C   D 1 18 ? 8.321   6.864   -7.875  1.00 51.53  ? 18  C   D N4    1 
ATOM   1611 C  C5    . C   D 1 18 ? 9.298   8.871   -7.014  1.00 48.64  ? 18  C   D C5    1 
ATOM   1612 C  C6    . C   D 1 18 ? 9.100   9.944   -6.235  1.00 55.88  ? 18  C   D C6    1 
ATOM   1613 P  P     . C   D 1 19 ? 9.813   10.272  -0.520  1.00 73.19  ? 19  C   D P     1 
ATOM   1614 O  OP1   . C   D 1 19 ? 9.949   10.796  0.860   1.00 76.45  ? 19  C   D OP1   1 
ATOM   1615 O  OP2   . C   D 1 19 ? 11.023  9.800   -1.241  1.00 62.68  ? 19  C   D OP2   1 
ATOM   1616 O  "O5'" . C   D 1 19 ? 8.710   9.120   -0.482  1.00 60.00  ? 19  C   D "O5'" 1 
ATOM   1617 C  "C5'" . C   D 1 19 ? 7.529   9.293   0.285   1.00 57.75  ? 19  C   D "C5'" 1 
ATOM   1618 C  "C4'" . C   D 1 19 ? 6.434   8.347   -0.130  1.00 54.41  ? 19  C   D "C4'" 1 
ATOM   1619 O  "O4'" . C   D 1 19 ? 6.460   8.157   -1.559  1.00 52.12  ? 19  C   D "O4'" 1 
ATOM   1620 C  "C3'" . C   D 1 19 ? 6.518   6.939   0.430   1.00 60.13  ? 19  C   D "C3'" 1 
ATOM   1621 O  "O3'" . C   D 1 19 ? 6.031   6.853   1.758   1.00 56.42  ? 19  C   D "O3'" 1 
ATOM   1622 C  "C2'" . C   D 1 19 ? 5.705   6.121   -0.574  1.00 55.36  ? 19  C   D "C2'" 1 
ATOM   1623 O  "O2'" . C   D 1 19 ? 4.318   6.174   -0.276  1.00 51.99  ? 19  C   D "O2'" 1 
ATOM   1624 C  "C1'" . C   D 1 19 ? 5.950   6.879   -1.881  1.00 53.91  ? 19  C   D "C1'" 1 
ATOM   1625 N  N1    . C   D 1 19 ? 6.878   6.194   -2.814  1.00 53.76  ? 19  C   D N1    1 
ATOM   1626 C  C2    . C   D 1 19 ? 6.493   4.989   -3.436  1.00 54.90  ? 19  C   D C2    1 
ATOM   1627 O  O2    . C   D 1 19 ? 5.403   4.484   -3.176  1.00 54.42  ? 19  C   D O2    1 
ATOM   1628 N  N3    . C   D 1 19 ? 7.324   4.365   -4.302  1.00 55.27  ? 19  C   D N3    1 
ATOM   1629 C  C4    . C   D 1 19 ? 8.510   4.926   -4.567  1.00 57.47  ? 19  C   D C4    1 
ATOM   1630 N  N4    . C   D 1 19 ? 9.306   4.293   -5.431  1.00 57.64  ? 19  C   D N4    1 
ATOM   1631 C  C5    . C   D 1 19 ? 8.935   6.159   -3.964  1.00 54.83  ? 19  C   D C5    1 
ATOM   1632 C  C6    . C   D 1 19 ? 8.095   6.755   -3.106  1.00 52.42  ? 19  C   D C6    1 
HETATM 1633 CO CO    . CO  E 2 .  ? -11.230 -28.635 -0.905  1.00 90.65  ? 101 CO  A CO    1 
HETATM 1634 CO CO    . CO  F 2 .  ? -2.492  -22.923 -1.683  1.00 76.21  ? 102 CO  A CO    1 
HETATM 1635 CO CO    . CO  G 2 .  ? 13.469  -26.845 5.665   1.00 112.54 ? 101 CO  B CO    1 
HETATM 1636 CO CO    . CO  H 2 .  ? -13.844 -2.450  3.060   0.50 79.09  ? 102 CO  B CO    1 
HETATM 1637 CO CO    . CO  I 2 .  ? 4.464   -22.389 4.550   1.00 86.29  ? 103 CO  B CO    1 
HETATM 1638 CO CO    . CO  J 2 .  ? 11.781  -0.333  -7.234  0.50 85.08  ? 101 CO  C CO    1 
HETATM 1639 CO CO    . CO  K 2 .  ? 1.546   22.642  2.227   1.00 72.89  ? 102 CO  C CO    1 
HETATM 1640 CO CO    . CO  L 2 .  ? -2.514  28.251  9.730   1.00 89.72  ? 103 CO  C CO    1 
HETATM 1641 CO CO    . CO  M 2 .  ? -3.260  5.199   -14.650 1.00 123.46 ? 104 CO  C CO    1 
HETATM 1642 CO CO    . CO  N 2 .  ? 8.619   6.575   -13.044 1.00 74.53  ? 105 CO  C CO    1 
HETATM 1643 CO CO    . CO  O 2 .  ? -11.809 0.682   8.080   0.50 123.22 ? 101 CO  D CO    1 
HETATM 1644 CO CO    . CO  P 2 .  ? 2.026   26.375  -15.411 1.00 101.13 ? 102 CO  D CO    1 
HETATM 1645 CO CO    . CO  Q 2 .  ? -10.039 3.496   10.812  0.50 111.58 ? 103 CO  D CO    1 
HETATM 1646 CO CO    . CO  R 2 .  ? -1.385  21.965  -6.720  1.00 83.67  ? 104 CO  D CO    1 
# 
